data_2V0F
#
_entry.id   2V0F
#
_cell.length_a   1.000
_cell.length_b   1.000
_cell.length_c   1.000
_cell.angle_alpha   90.00
_cell.angle_beta   90.00
_cell.angle_gamma   90.00
#
_symmetry.space_group_name_H-M   'P 1'
#
_entity_poly.entity_id   1
_entity_poly.type   'polypeptide(L)'
_entity_poly.pdbx_seq_one_letter_code
;GSRNPNKLDINTLTGEERVPVVNKRNGKKMGGAMAPPMKDLPRWLEENPEFAVAPDWTDIVKQSGFVPESMFDRLLTGPV
VRGEGAS
;
_entity_poly.pdbx_strand_id   A
#
# COMPACT_ATOMS: atom_id res chain seq x y z
N GLY A 1 14.91 -6.29 1.66
CA GLY A 1 14.00 -7.02 0.75
C GLY A 1 12.58 -6.47 0.78
N SER A 2 12.40 -5.26 0.27
CA SER A 2 11.09 -4.62 0.23
C SER A 2 11.00 -3.61 -0.91
N ARG A 3 9.83 -3.03 -1.09
CA ARG A 3 9.61 -2.06 -2.16
C ARG A 3 8.94 -0.79 -1.61
N ASN A 4 9.76 0.11 -1.08
CA ASN A 4 9.26 1.36 -0.51
C ASN A 4 9.11 2.42 -1.60
N PRO A 5 8.21 3.40 -1.40
CA PRO A 5 7.96 4.48 -2.36
C PRO A 5 8.93 5.65 -2.20
N ASN A 6 10.08 5.39 -1.60
CA ASN A 6 11.08 6.43 -1.38
C ASN A 6 11.67 6.92 -2.69
N LYS A 7 11.44 6.17 -3.78
CA LYS A 7 11.97 6.54 -5.09
C LYS A 7 10.90 6.41 -6.17
N LEU A 8 9.64 6.47 -5.78
CA LEU A 8 8.53 6.35 -6.72
C LEU A 8 7.76 7.66 -6.84
N ASP A 9 7.91 8.34 -7.98
CA ASP A 9 7.22 9.61 -8.21
C ASP A 9 5.75 9.49 -7.84
N ILE A 10 5.40 10.02 -6.67
CA ILE A 10 4.04 9.96 -6.16
C ILE A 10 3.02 10.62 -7.08
N ASN A 11 3.43 11.18 -8.22
CA ASN A 11 2.48 11.83 -9.12
C ASN A 11 1.72 10.81 -9.98
N THR A 12 2.25 9.58 -10.05
CA THR A 12 1.62 8.53 -10.86
C THR A 12 0.42 7.88 -10.14
N LEU A 13 -0.11 8.55 -9.12
CA LEU A 13 -1.26 8.04 -8.41
C LEU A 13 -2.55 8.44 -9.09
N THR A 14 -2.53 8.54 -10.41
CA THR A 14 -3.72 8.90 -11.17
C THR A 14 -4.64 7.70 -11.31
N GLY A 15 -4.37 6.64 -10.54
CA GLY A 15 -5.17 5.44 -10.61
C GLY A 15 -4.38 4.27 -11.14
N GLU A 16 -3.27 4.57 -11.82
CA GLU A 16 -2.42 3.55 -12.41
C GLU A 16 -1.34 3.05 -11.43
N GLU A 17 -0.88 3.90 -10.51
CA GLU A 17 0.14 3.48 -9.56
C GLU A 17 -0.20 2.15 -8.89
N ARG A 18 0.83 1.37 -8.57
CA ARG A 18 0.66 0.09 -7.91
C ARG A 18 1.03 0.23 -6.43
N VAL A 19 0.02 0.51 -5.61
CA VAL A 19 0.21 0.72 -4.19
C VAL A 19 0.59 -0.57 -3.44
N PRO A 20 1.78 -0.60 -2.82
CA PRO A 20 2.27 -1.76 -2.06
C PRO A 20 1.44 -2.05 -0.82
N VAL A 21 1.20 -3.33 -0.58
CA VAL A 21 0.43 -3.75 0.59
C VAL A 21 1.21 -4.73 1.46
N VAL A 22 1.08 -4.57 2.76
CA VAL A 22 1.75 -5.45 3.71
C VAL A 22 0.74 -6.15 4.62
N ASN A 23 0.85 -7.47 4.72
CA ASN A 23 -0.05 -8.23 5.56
C ASN A 23 0.25 -7.96 7.03
N LYS A 24 -0.81 -7.79 7.80
CA LYS A 24 -0.69 -7.47 9.21
C LYS A 24 -0.20 -8.64 10.06
N ARG A 25 -0.57 -9.87 9.68
CA ARG A 25 -0.20 -11.04 10.46
C ARG A 25 1.19 -11.60 10.10
N ASN A 26 1.37 -12.00 8.84
CA ASN A 26 2.65 -12.58 8.42
C ASN A 26 3.62 -11.53 7.87
N GLY A 27 3.12 -10.34 7.56
CA GLY A 27 4.00 -9.30 7.06
C GLY A 27 4.22 -9.35 5.56
N LYS A 28 3.48 -10.21 4.86
CA LYS A 28 3.62 -10.32 3.40
C LYS A 28 3.62 -8.94 2.77
N LYS A 29 4.75 -8.57 2.17
CA LYS A 29 4.87 -7.26 1.53
C LYS A 29 4.94 -7.39 0.01
N MET A 30 4.18 -6.55 -0.68
CA MET A 30 4.15 -6.57 -2.13
C MET A 30 4.18 -5.16 -2.71
N GLY A 31 5.32 -4.80 -3.30
CA GLY A 31 5.49 -3.48 -3.89
C GLY A 31 4.37 -3.10 -4.83
N GLY A 32 4.63 -3.12 -6.13
CA GLY A 32 3.62 -2.76 -7.11
C GLY A 32 3.21 -3.94 -7.98
N ALA A 33 4.13 -4.86 -8.19
CA ALA A 33 3.89 -6.02 -9.04
C ALA A 33 2.58 -6.74 -8.67
N MET A 34 2.55 -7.33 -7.48
CA MET A 34 1.36 -8.05 -7.02
C MET A 34 0.43 -7.16 -6.19
N ALA A 35 0.85 -5.93 -5.93
CA ALA A 35 0.06 -5.01 -5.13
C ALA A 35 -1.08 -4.38 -5.93
N PRO A 36 -2.10 -3.88 -5.23
CA PRO A 36 -3.29 -3.26 -5.85
C PRO A 36 -3.01 -1.88 -6.46
N PRO A 37 -3.83 -1.49 -7.47
CA PRO A 37 -3.72 -0.21 -8.15
C PRO A 37 -4.52 0.88 -7.45
N MET A 38 -3.98 2.10 -7.47
CA MET A 38 -4.62 3.25 -6.82
C MET A 38 -6.12 3.31 -7.09
N LYS A 39 -6.51 3.20 -8.35
CA LYS A 39 -7.93 3.29 -8.72
C LYS A 39 -8.76 2.08 -8.28
N ASP A 40 -8.12 1.07 -7.68
CA ASP A 40 -8.85 -0.12 -7.24
C ASP A 40 -8.52 -0.51 -5.79
N LEU A 41 -7.65 0.28 -5.15
CA LEU A 41 -7.25 0.01 -3.77
C LEU A 41 -8.42 -0.37 -2.86
N PRO A 42 -9.55 0.36 -2.93
CA PRO A 42 -10.73 0.09 -2.08
C PRO A 42 -11.34 -1.28 -2.33
N ARG A 43 -11.21 -1.76 -3.56
CA ARG A 43 -11.75 -3.06 -3.92
C ARG A 43 -10.80 -4.15 -3.42
N TRP A 44 -9.54 -4.02 -3.78
CA TRP A 44 -8.52 -4.96 -3.36
C TRP A 44 -8.44 -5.04 -1.85
N LEU A 45 -8.50 -3.89 -1.19
CA LEU A 45 -8.44 -3.86 0.25
C LEU A 45 -9.62 -4.61 0.83
N GLU A 46 -10.84 -4.23 0.42
CA GLU A 46 -12.03 -4.90 0.91
C GLU A 46 -11.90 -6.40 0.71
N GLU A 47 -11.17 -6.79 -0.34
CA GLU A 47 -10.93 -8.19 -0.66
C GLU A 47 -9.83 -8.78 0.22
N ASN A 48 -8.91 -7.94 0.68
CA ASN A 48 -7.80 -8.40 1.52
C ASN A 48 -7.86 -7.76 2.90
N PRO A 49 -8.74 -8.25 3.80
CA PRO A 49 -8.87 -7.72 5.16
C PRO A 49 -7.62 -7.94 6.00
N GLU A 50 -6.81 -8.94 5.62
CA GLU A 50 -5.59 -9.25 6.35
C GLU A 50 -4.44 -8.35 5.89
N PHE A 51 -4.67 -7.56 4.86
CA PHE A 51 -3.62 -6.70 4.33
C PHE A 51 -3.91 -5.22 4.55
N ALA A 52 -2.84 -4.43 4.49
CA ALA A 52 -2.90 -3.00 4.64
C ALA A 52 -1.93 -2.35 3.69
N VAL A 53 -1.91 -1.02 3.62
CA VAL A 53 -1.01 -0.32 2.72
C VAL A 53 0.23 0.20 3.43
N ALA A 54 1.36 0.18 2.73
CA ALA A 54 2.62 0.63 3.32
C ALA A 54 2.49 2.01 3.97
N PRO A 55 3.35 2.30 4.96
CA PRO A 55 3.35 3.57 5.71
C PRO A 55 3.40 4.80 4.82
N ASP A 56 4.38 4.87 3.93
CA ASP A 56 4.52 6.01 3.03
C ASP A 56 3.35 6.03 2.04
N TRP A 57 2.65 4.91 1.96
CA TRP A 57 1.51 4.81 1.11
C TRP A 57 0.26 5.16 1.89
N THR A 58 0.39 5.29 3.20
CA THR A 58 -0.73 5.69 4.04
C THR A 58 -1.02 7.14 3.71
N ASP A 59 0.04 7.92 3.60
CA ASP A 59 -0.07 9.32 3.26
C ASP A 59 -0.38 9.46 1.77
N ILE A 60 0.41 8.79 0.93
CA ILE A 60 0.16 8.85 -0.51
C ILE A 60 -1.26 8.41 -0.83
N VAL A 61 -1.61 7.18 -0.41
CA VAL A 61 -2.95 6.66 -0.66
C VAL A 61 -4.00 7.60 -0.08
N LYS A 62 -3.73 8.16 1.09
CA LYS A 62 -4.67 9.09 1.71
C LYS A 62 -5.04 10.19 0.70
N GLN A 63 -4.03 10.80 0.10
CA GLN A 63 -4.23 11.84 -0.91
C GLN A 63 -4.70 11.24 -2.24
N SER A 64 -4.54 9.92 -2.39
CA SER A 64 -4.92 9.21 -3.61
C SER A 64 -6.28 9.64 -4.13
N GLY A 65 -7.20 9.93 -3.22
CA GLY A 65 -8.53 10.32 -3.63
C GLY A 65 -9.37 9.13 -4.06
N PHE A 66 -8.72 7.98 -4.32
CA PHE A 66 -9.43 6.78 -4.73
C PHE A 66 -9.86 5.98 -3.52
N VAL A 67 -9.12 6.12 -2.41
CA VAL A 67 -9.47 5.38 -1.19
C VAL A 67 -10.24 6.27 -0.22
N PRO A 68 -11.33 5.75 0.38
CA PRO A 68 -12.14 6.50 1.33
C PRO A 68 -11.45 6.72 2.67
N GLU A 69 -11.60 7.92 3.22
CA GLU A 69 -10.97 8.27 4.49
C GLU A 69 -11.28 7.24 5.57
N SER A 70 -12.47 6.65 5.48
CA SER A 70 -12.88 5.62 6.45
C SER A 70 -12.02 4.37 6.33
N MET A 71 -11.26 4.28 5.23
CA MET A 71 -10.39 3.14 4.99
C MET A 71 -8.94 3.47 5.35
N PHE A 72 -8.68 4.73 5.70
CA PHE A 72 -7.33 5.15 6.07
C PHE A 72 -6.83 4.37 7.28
N ASP A 73 -7.74 3.71 8.00
CA ASP A 73 -7.37 2.94 9.17
C ASP A 73 -6.49 1.75 8.79
N ARG A 74 -6.65 1.27 7.56
CA ARG A 74 -5.86 0.14 7.07
C ARG A 74 -4.63 0.60 6.30
N LEU A 75 -4.46 1.92 6.20
CA LEU A 75 -3.33 2.50 5.48
C LEU A 75 -2.05 2.45 6.31
N LEU A 76 -2.13 1.89 7.51
CA LEU A 76 -0.96 1.79 8.40
C LEU A 76 -0.63 3.15 9.02
N THR A 77 0.21 3.13 10.05
CA THR A 77 0.60 4.36 10.72
C THR A 77 2.08 4.65 10.53
N GLY A 78 2.86 3.60 10.26
CA GLY A 78 4.29 3.79 10.05
C GLY A 78 5.06 2.48 10.04
N PRO A 79 5.06 1.74 11.16
CA PRO A 79 5.78 0.47 11.28
C PRO A 79 5.13 -0.68 10.53
N VAL A 80 5.97 -1.62 10.09
CA VAL A 80 5.53 -2.80 9.38
C VAL A 80 6.54 -3.92 9.55
N VAL A 81 6.11 -5.15 9.31
CA VAL A 81 6.97 -6.30 9.45
C VAL A 81 7.41 -6.85 8.10
N ARG A 82 8.72 -6.78 7.84
CA ARG A 82 9.28 -7.28 6.59
C ARG A 82 10.76 -7.62 6.77
N GLY A 83 11.07 -8.91 6.77
CA GLY A 83 12.44 -9.35 6.94
C GLY A 83 12.96 -10.12 5.74
N GLU A 84 13.16 -11.43 5.92
CA GLU A 84 13.68 -12.30 4.85
C GLU A 84 15.20 -12.28 4.80
N GLY A 85 15.78 -11.09 4.94
CA GLY A 85 17.22 -10.96 4.90
C GLY A 85 17.74 -9.91 5.87
N ALA A 86 17.90 -10.31 7.13
CA ALA A 86 18.39 -9.38 8.16
C ALA A 86 19.18 -10.14 9.23
N SER A 87 18.49 -10.96 10.01
CA SER A 87 19.12 -11.73 11.06
C SER A 87 19.77 -12.99 10.51
N GLY A 1 10.74 -4.83 -9.79
CA GLY A 1 11.89 -3.90 -9.61
C GLY A 1 11.76 -3.03 -8.38
N SER A 2 11.43 -1.76 -8.58
CA SER A 2 11.26 -0.83 -7.48
C SER A 2 10.16 -1.29 -6.53
N ARG A 3 10.33 -1.01 -5.24
CA ARG A 3 9.34 -1.41 -4.24
C ARG A 3 9.00 -0.24 -3.32
N ASN A 4 9.95 0.13 -2.47
CA ASN A 4 9.75 1.23 -1.53
C ASN A 4 9.39 2.53 -2.28
N PRO A 5 8.50 3.35 -1.70
CA PRO A 5 8.07 4.61 -2.32
C PRO A 5 9.06 5.75 -2.13
N ASN A 6 10.27 5.43 -1.68
CA ASN A 6 11.30 6.46 -1.47
C ASN A 6 11.59 7.22 -2.76
N LYS A 7 11.17 6.65 -3.89
CA LYS A 7 11.38 7.28 -5.20
C LYS A 7 10.08 7.42 -5.98
N LEU A 8 9.45 6.28 -6.27
CA LEU A 8 8.21 6.22 -7.03
C LEU A 8 7.46 7.55 -7.05
N ASP A 9 7.62 8.29 -8.15
CA ASP A 9 6.96 9.59 -8.31
C ASP A 9 5.50 9.50 -7.85
N ILE A 10 5.24 10.03 -6.66
CA ILE A 10 3.91 10.00 -6.09
C ILE A 10 2.86 10.67 -6.98
N ASN A 11 3.26 11.23 -8.13
CA ASN A 11 2.30 11.88 -9.00
C ASN A 11 1.59 10.87 -9.91
N THR A 12 2.16 9.66 -10.04
CA THR A 12 1.58 8.63 -10.88
C THR A 12 0.39 7.93 -10.21
N LEU A 13 -0.16 8.56 -9.18
CA LEU A 13 -1.30 8.01 -8.48
C LEU A 13 -2.59 8.45 -9.15
N THR A 14 -2.55 8.62 -10.47
CA THR A 14 -3.73 9.01 -11.21
C THR A 14 -4.67 7.82 -11.38
N GLY A 15 -4.35 6.71 -10.71
CA GLY A 15 -5.16 5.52 -10.80
C GLY A 15 -4.36 4.33 -11.29
N GLU A 16 -3.21 4.62 -11.91
CA GLU A 16 -2.35 3.58 -12.47
C GLU A 16 -1.27 3.09 -11.50
N GLU A 17 -0.82 3.93 -10.57
CA GLU A 17 0.22 3.49 -9.63
C GLU A 17 -0.19 2.20 -8.89
N ARG A 18 0.81 1.39 -8.54
CA ARG A 18 0.59 0.14 -7.83
C ARG A 18 0.98 0.28 -6.36
N VAL A 19 0.00 0.54 -5.51
CA VAL A 19 0.24 0.72 -4.08
C VAL A 19 0.62 -0.58 -3.39
N PRO A 20 1.80 -0.62 -2.71
CA PRO A 20 2.27 -1.80 -1.98
C PRO A 20 1.46 -2.10 -0.74
N VAL A 21 1.23 -3.38 -0.49
CA VAL A 21 0.47 -3.81 0.67
C VAL A 21 1.24 -4.83 1.49
N VAL A 22 1.10 -4.71 2.81
CA VAL A 22 1.78 -5.63 3.72
C VAL A 22 0.79 -6.30 4.65
N ASN A 23 0.92 -7.62 4.78
CA ASN A 23 0.03 -8.37 5.66
C ASN A 23 0.32 -8.02 7.11
N LYS A 24 -0.73 -7.72 7.86
CA LYS A 24 -0.60 -7.32 9.25
C LYS A 24 -0.17 -8.48 10.15
N ARG A 25 -0.45 -9.71 9.73
CA ARG A 25 -0.10 -10.87 10.55
C ARG A 25 1.21 -11.54 10.12
N ASN A 26 1.27 -12.01 8.89
CA ASN A 26 2.47 -12.70 8.39
C ASN A 26 3.52 -11.74 7.84
N GLY A 27 3.13 -10.49 7.57
CA GLY A 27 4.09 -9.52 7.06
C GLY A 27 4.26 -9.56 5.56
N LYS A 28 3.44 -10.34 4.86
CA LYS A 28 3.52 -10.43 3.40
C LYS A 28 3.61 -9.03 2.79
N LYS A 29 4.75 -8.72 2.19
CA LYS A 29 4.96 -7.42 1.57
C LYS A 29 5.00 -7.52 0.06
N MET A 30 4.24 -6.67 -0.61
CA MET A 30 4.17 -6.66 -2.06
C MET A 30 4.23 -5.24 -2.61
N GLY A 31 5.37 -4.89 -3.21
CA GLY A 31 5.57 -3.56 -3.78
C GLY A 31 4.44 -3.15 -4.72
N GLY A 32 4.72 -3.14 -6.02
CA GLY A 32 3.70 -2.74 -6.98
C GLY A 32 3.25 -3.89 -7.85
N ALA A 33 4.17 -4.83 -8.10
CA ALA A 33 3.89 -5.98 -8.94
C ALA A 33 2.58 -6.69 -8.55
N MET A 34 2.58 -7.32 -7.39
CA MET A 34 1.40 -8.05 -6.91
C MET A 34 0.48 -7.16 -6.07
N ALA A 35 0.89 -5.92 -5.82
CA ALA A 35 0.09 -5.00 -5.02
C ALA A 35 -1.04 -4.37 -5.83
N PRO A 36 -2.08 -3.88 -5.13
CA PRO A 36 -3.25 -3.25 -5.77
C PRO A 36 -2.97 -1.88 -6.39
N PRO A 37 -3.76 -1.50 -7.41
CA PRO A 37 -3.62 -0.23 -8.11
C PRO A 37 -4.43 0.90 -7.46
N MET A 38 -3.90 2.11 -7.53
CA MET A 38 -4.56 3.29 -6.95
C MET A 38 -6.06 3.32 -7.22
N LYS A 39 -6.44 3.23 -8.48
CA LYS A 39 -7.85 3.30 -8.85
C LYS A 39 -8.67 2.08 -8.40
N ASP A 40 -8.03 1.09 -7.79
CA ASP A 40 -8.75 -0.10 -7.33
C ASP A 40 -8.40 -0.47 -5.88
N LEU A 41 -7.58 0.35 -5.24
CA LEU A 41 -7.17 0.09 -3.85
C LEU A 41 -8.35 -0.27 -2.94
N PRO A 42 -9.49 0.44 -3.04
CA PRO A 42 -10.66 0.19 -2.19
C PRO A 42 -11.28 -1.20 -2.38
N ARG A 43 -11.18 -1.74 -3.59
CA ARG A 43 -11.71 -3.06 -3.87
C ARG A 43 -10.78 -4.11 -3.32
N TRP A 44 -9.50 -3.93 -3.59
CA TRP A 44 -8.48 -4.85 -3.12
C TRP A 44 -8.33 -4.78 -1.61
N LEU A 45 -8.48 -3.58 -1.04
CA LEU A 45 -8.35 -3.41 0.40
C LEU A 45 -9.59 -3.93 1.11
N GLU A 46 -10.73 -3.92 0.44
CA GLU A 46 -11.95 -4.46 1.03
C GLU A 46 -11.93 -5.97 0.89
N GLU A 47 -11.20 -6.44 -0.14
CA GLU A 47 -11.06 -7.85 -0.42
C GLU A 47 -9.94 -8.49 0.40
N ASN A 48 -8.99 -7.68 0.86
CA ASN A 48 -7.88 -8.20 1.65
C ASN A 48 -7.83 -7.54 3.03
N PRO A 49 -8.72 -7.95 3.94
CA PRO A 49 -8.77 -7.40 5.30
C PRO A 49 -7.52 -7.73 6.10
N GLU A 50 -6.83 -8.79 5.69
CA GLU A 50 -5.61 -9.23 6.37
C GLU A 50 -4.41 -8.39 5.93
N PHE A 51 -4.62 -7.48 4.98
CA PHE A 51 -3.54 -6.66 4.47
C PHE A 51 -3.79 -5.17 4.69
N ALA A 52 -2.73 -4.39 4.59
CA ALA A 52 -2.80 -2.95 4.75
C ALA A 52 -1.86 -2.28 3.76
N VAL A 53 -1.87 -0.96 3.72
CA VAL A 53 -1.00 -0.23 2.79
C VAL A 53 0.26 0.27 3.49
N ALA A 54 1.37 0.24 2.76
CA ALA A 54 2.67 0.68 3.32
C ALA A 54 2.56 2.06 3.97
N PRO A 55 3.44 2.32 4.97
CA PRO A 55 3.46 3.60 5.71
C PRO A 55 3.53 4.83 4.80
N ASP A 56 4.49 4.84 3.89
CA ASP A 56 4.63 5.95 2.95
C ASP A 56 3.46 5.96 1.98
N TRP A 57 2.78 4.83 1.90
CA TRP A 57 1.62 4.70 1.05
C TRP A 57 0.37 5.01 1.84
N THR A 58 0.50 5.06 3.16
CA THR A 58 -0.61 5.42 4.01
C THR A 58 -0.94 6.87 3.72
N ASP A 59 0.12 7.68 3.62
CA ASP A 59 -0.03 9.09 3.30
C ASP A 59 -0.33 9.25 1.82
N ILE A 60 0.48 8.62 0.95
CA ILE A 60 0.24 8.70 -0.48
C ILE A 60 -1.21 8.29 -0.80
N VAL A 61 -1.56 7.06 -0.41
CA VAL A 61 -2.91 6.55 -0.63
C VAL A 61 -3.95 7.49 -0.04
N LYS A 62 -3.68 8.02 1.15
CA LYS A 62 -4.62 8.94 1.78
C LYS A 62 -4.99 10.03 0.78
N GLN A 63 -3.98 10.64 0.17
CA GLN A 63 -4.18 11.68 -0.83
C GLN A 63 -4.65 11.09 -2.16
N SER A 64 -4.50 9.78 -2.32
CA SER A 64 -4.89 9.08 -3.55
C SER A 64 -6.22 9.54 -4.10
N GLY A 65 -7.16 9.86 -3.21
CA GLY A 65 -8.46 10.28 -3.65
C GLY A 65 -9.33 9.11 -4.09
N PHE A 66 -8.70 7.96 -4.36
CA PHE A 66 -9.43 6.77 -4.78
C PHE A 66 -9.94 6.01 -3.57
N VAL A 67 -9.22 6.09 -2.46
CA VAL A 67 -9.63 5.38 -1.26
C VAL A 67 -10.37 6.32 -0.31
N PRO A 68 -11.51 5.87 0.26
CA PRO A 68 -12.29 6.69 1.19
C PRO A 68 -11.58 6.89 2.52
N GLU A 69 -11.72 8.09 3.08
CA GLU A 69 -11.08 8.41 4.35
C GLU A 69 -11.38 7.36 5.41
N SER A 70 -12.57 6.76 5.32
CA SER A 70 -12.98 5.73 6.27
C SER A 70 -12.07 4.50 6.15
N MET A 71 -11.59 4.25 4.93
CA MET A 71 -10.71 3.11 4.68
C MET A 71 -9.27 3.41 5.07
N PHE A 72 -9.02 4.65 5.50
CA PHE A 72 -7.67 5.04 5.90
C PHE A 72 -7.18 4.18 7.07
N ASP A 73 -8.11 3.49 7.73
CA ASP A 73 -7.76 2.63 8.85
C ASP A 73 -6.89 1.46 8.39
N ARG A 74 -7.07 1.07 7.12
CA ARG A 74 -6.30 -0.03 6.54
C ARG A 74 -4.89 0.42 6.16
N LEU A 75 -4.62 1.71 6.33
CA LEU A 75 -3.32 2.27 6.01
C LEU A 75 -2.38 2.18 7.21
N LEU A 76 -1.23 1.55 7.02
CA LEU A 76 -0.25 1.38 8.09
C LEU A 76 -0.05 2.68 8.88
N THR A 77 0.61 2.58 10.02
CA THR A 77 0.88 3.74 10.87
C THR A 77 2.36 4.07 10.90
N GLY A 78 3.19 3.03 10.79
CA GLY A 78 4.63 3.25 10.81
C GLY A 78 5.42 2.02 10.36
N PRO A 79 6.01 1.27 11.31
CA PRO A 79 6.82 0.07 10.99
C PRO A 79 6.06 -0.97 10.17
N VAL A 80 6.83 -1.88 9.58
CA VAL A 80 6.28 -2.97 8.77
C VAL A 80 7.29 -4.11 8.71
N VAL A 81 6.81 -5.31 8.37
CA VAL A 81 7.70 -6.46 8.28
C VAL A 81 7.71 -7.04 6.86
N ARG A 82 8.86 -6.97 6.21
CA ARG A 82 9.00 -7.47 4.84
C ARG A 82 10.11 -8.52 4.77
N GLY A 83 9.94 -9.50 3.90
CA GLY A 83 10.94 -10.55 3.75
C GLY A 83 12.03 -10.17 2.75
N GLU A 84 13.26 -10.13 3.21
CA GLU A 84 14.40 -9.80 2.35
C GLU A 84 15.35 -10.98 2.22
N GLY A 85 15.90 -11.15 1.02
CA GLY A 85 16.82 -12.24 0.78
C GLY A 85 18.25 -11.90 1.17
N ALA A 86 18.92 -12.85 1.82
CA ALA A 86 20.31 -12.64 2.24
C ALA A 86 21.29 -13.15 1.21
N SER A 87 22.26 -12.32 0.86
CA SER A 87 23.27 -12.69 -0.14
C SER A 87 24.62 -12.09 0.23
N GLY A 1 13.63 -3.27 -9.06
CA GLY A 1 12.72 -3.75 -7.99
C GLY A 1 12.51 -2.72 -6.90
N SER A 2 11.40 -2.00 -6.98
CA SER A 2 11.09 -0.96 -6.00
C SER A 2 9.91 -1.37 -5.12
N ARG A 3 9.96 -1.00 -3.85
CA ARG A 3 8.90 -1.32 -2.90
C ARG A 3 8.34 -0.06 -2.26
N ASN A 4 9.24 0.73 -1.69
CA ASN A 4 8.84 1.97 -1.04
C ASN A 4 8.90 3.15 -2.01
N PRO A 5 8.21 4.26 -1.71
CA PRO A 5 8.17 5.46 -2.55
C PRO A 5 9.42 6.33 -2.40
N ASN A 6 10.43 5.82 -1.69
CA ASN A 6 11.66 6.56 -1.47
C ASN A 6 12.36 6.88 -2.79
N LYS A 7 12.00 6.16 -3.85
CA LYS A 7 12.60 6.37 -5.16
C LYS A 7 11.56 6.29 -6.27
N LEU A 8 10.29 6.42 -5.91
CA LEU A 8 9.21 6.35 -6.89
C LEU A 8 8.72 7.76 -7.27
N ASP A 9 7.51 7.83 -7.79
CA ASP A 9 6.91 9.11 -8.20
C ASP A 9 5.44 9.13 -7.80
N ILE A 10 5.15 9.81 -6.71
CA ILE A 10 3.79 9.89 -6.21
C ILE A 10 2.82 10.58 -7.17
N ASN A 11 3.32 11.17 -8.26
CA ASN A 11 2.45 11.86 -9.20
C ASN A 11 1.63 10.87 -10.03
N THR A 12 2.10 9.65 -10.16
CA THR A 12 1.42 8.63 -10.96
C THR A 12 0.23 7.99 -10.21
N LEU A 13 -0.26 8.65 -9.17
CA LEU A 13 -1.38 8.13 -8.41
C LEU A 13 -2.71 8.48 -9.08
N THR A 14 -2.73 8.54 -10.41
CA THR A 14 -3.95 8.86 -11.13
C THR A 14 -4.81 7.60 -11.30
N GLY A 15 -4.53 6.58 -10.49
CA GLY A 15 -5.28 5.35 -10.59
C GLY A 15 -4.43 4.21 -11.11
N GLU A 16 -3.32 4.56 -11.77
CA GLU A 16 -2.41 3.59 -12.35
C GLU A 16 -1.34 3.12 -11.37
N GLU A 17 -0.92 3.99 -10.44
CA GLU A 17 0.11 3.61 -9.47
C GLU A 17 -0.18 2.25 -8.83
N ARG A 18 0.89 1.53 -8.49
CA ARG A 18 0.78 0.22 -7.86
C ARG A 18 1.10 0.34 -6.37
N VAL A 19 0.08 0.56 -5.57
CA VAL A 19 0.24 0.72 -4.13
C VAL A 19 0.62 -0.58 -3.41
N PRO A 20 1.79 -0.61 -2.74
CA PRO A 20 2.26 -1.79 -2.01
C PRO A 20 1.45 -2.07 -0.74
N VAL A 21 1.14 -3.35 -0.52
CA VAL A 21 0.37 -3.75 0.65
C VAL A 21 1.16 -4.72 1.53
N VAL A 22 0.98 -4.58 2.84
CA VAL A 22 1.66 -5.43 3.80
C VAL A 22 0.67 -6.13 4.71
N ASN A 23 0.82 -7.44 4.84
CA ASN A 23 -0.06 -8.23 5.68
C ASN A 23 0.14 -7.84 7.15
N LYS A 24 -0.96 -7.61 7.84
CA LYS A 24 -0.90 -7.19 9.24
C LYS A 24 -0.41 -8.30 10.16
N ARG A 25 -0.74 -9.55 9.84
CA ARG A 25 -0.35 -10.69 10.67
C ARG A 25 0.98 -11.31 10.25
N ASN A 26 1.05 -11.82 9.02
CA ASN A 26 2.27 -12.47 8.54
C ASN A 26 3.31 -11.47 8.05
N GLY A 27 2.90 -10.24 7.78
CA GLY A 27 3.84 -9.23 7.33
C GLY A 27 4.14 -9.29 5.84
N LYS A 28 3.54 -10.25 5.13
CA LYS A 28 3.77 -10.38 3.69
C LYS A 28 3.66 -9.02 3.00
N LYS A 29 4.75 -8.61 2.37
CA LYS A 29 4.78 -7.32 1.68
C LYS A 29 4.80 -7.50 0.18
N MET A 30 3.97 -6.75 -0.52
CA MET A 30 3.89 -6.81 -1.97
C MET A 30 3.88 -5.41 -2.57
N GLY A 31 5.02 -5.00 -3.11
CA GLY A 31 5.13 -3.69 -3.72
C GLY A 31 5.65 -3.77 -5.14
N GLY A 32 4.75 -3.67 -6.10
CA GLY A 32 5.14 -3.74 -7.50
C GLY A 32 3.97 -4.03 -8.41
N ALA A 33 4.09 -5.08 -9.21
CA ALA A 33 3.03 -5.46 -10.14
C ALA A 33 1.89 -6.20 -9.45
N MET A 34 2.21 -6.93 -8.38
CA MET A 34 1.20 -7.70 -7.65
C MET A 34 0.41 -6.80 -6.68
N ALA A 35 0.97 -5.64 -6.36
CA ALA A 35 0.31 -4.72 -5.45
C ALA A 35 -0.92 -4.08 -6.09
N PRO A 36 -1.95 -3.77 -5.29
CA PRO A 36 -3.20 -3.16 -5.77
C PRO A 36 -2.99 -1.79 -6.43
N PRO A 37 -3.82 -1.47 -7.44
CA PRO A 37 -3.75 -0.20 -8.16
C PRO A 37 -4.56 0.89 -7.48
N MET A 38 -4.04 2.11 -7.50
CA MET A 38 -4.69 3.25 -6.88
C MET A 38 -6.20 3.29 -7.15
N LYS A 39 -6.59 3.17 -8.41
CA LYS A 39 -8.01 3.25 -8.77
C LYS A 39 -8.81 2.03 -8.31
N ASP A 40 -8.16 1.03 -7.73
CA ASP A 40 -8.86 -0.17 -7.27
C ASP A 40 -8.50 -0.54 -5.82
N LEU A 41 -7.66 0.27 -5.19
CA LEU A 41 -7.24 0.02 -3.81
C LEU A 41 -8.41 -0.37 -2.90
N PRO A 42 -9.56 0.32 -2.99
CA PRO A 42 -10.73 0.03 -2.15
C PRO A 42 -11.32 -1.36 -2.43
N ARG A 43 -11.15 -1.82 -3.66
CA ARG A 43 -11.64 -3.14 -4.04
C ARG A 43 -10.69 -4.20 -3.51
N TRP A 44 -9.42 -4.04 -3.85
CA TRP A 44 -8.41 -4.98 -3.41
C TRP A 44 -8.36 -5.06 -1.89
N LEU A 45 -8.45 -3.91 -1.23
CA LEU A 45 -8.43 -3.89 0.22
C LEU A 45 -9.63 -4.65 0.76
N GLU A 46 -10.83 -4.28 0.32
CA GLU A 46 -12.03 -4.97 0.78
C GLU A 46 -11.87 -6.48 0.60
N GLU A 47 -11.12 -6.85 -0.44
CA GLU A 47 -10.88 -8.26 -0.75
C GLU A 47 -9.78 -8.84 0.15
N ASN A 48 -8.88 -7.97 0.62
CA ASN A 48 -7.79 -8.42 1.49
C ASN A 48 -7.89 -7.74 2.86
N PRO A 49 -8.81 -8.22 3.72
CA PRO A 49 -9.00 -7.66 5.06
C PRO A 49 -7.79 -7.86 5.97
N GLU A 50 -6.96 -8.85 5.65
CA GLU A 50 -5.78 -9.13 6.44
C GLU A 50 -4.59 -8.31 5.98
N PHE A 51 -4.79 -7.51 4.94
CA PHE A 51 -3.71 -6.69 4.40
C PHE A 51 -3.96 -5.20 4.61
N ALA A 52 -2.88 -4.44 4.54
CA ALA A 52 -2.93 -3.00 4.70
C ALA A 52 -1.93 -2.34 3.75
N VAL A 53 -1.88 -1.02 3.71
CA VAL A 53 -0.97 -0.33 2.80
C VAL A 53 0.26 0.21 3.53
N ALA A 54 1.39 0.20 2.83
CA ALA A 54 2.66 0.67 3.40
C ALA A 54 2.52 2.06 4.04
N PRO A 55 3.37 2.35 5.05
CA PRO A 55 3.37 3.63 5.78
C PRO A 55 3.38 4.86 4.88
N ASP A 56 4.36 4.94 3.98
CA ASP A 56 4.47 6.07 3.06
C ASP A 56 3.31 6.08 2.09
N TRP A 57 2.62 4.96 2.02
CA TRP A 57 1.46 4.85 1.17
C TRP A 57 0.21 5.23 1.95
N THR A 58 0.36 5.42 3.25
CA THR A 58 -0.75 5.86 4.08
C THR A 58 -1.04 7.30 3.70
N ASP A 59 0.04 8.07 3.57
CA ASP A 59 -0.06 9.46 3.18
C ASP A 59 -0.40 9.55 1.70
N ILE A 60 0.37 8.83 0.86
CA ILE A 60 0.11 8.84 -0.57
C ILE A 60 -1.33 8.39 -0.85
N VAL A 61 -1.69 7.19 -0.40
CA VAL A 61 -3.03 6.67 -0.60
C VAL A 61 -4.07 7.64 -0.05
N LYS A 62 -3.78 8.24 1.10
CA LYS A 62 -4.71 9.20 1.69
C LYS A 62 -5.06 10.28 0.67
N GLN A 63 -4.04 10.83 0.03
CA GLN A 63 -4.23 11.84 -1.01
C GLN A 63 -4.73 11.22 -2.31
N SER A 64 -4.62 9.90 -2.41
CA SER A 64 -5.02 9.15 -3.61
C SER A 64 -6.41 9.56 -4.11
N GLY A 65 -7.30 9.85 -3.18
CA GLY A 65 -8.65 10.21 -3.56
C GLY A 65 -9.47 9.00 -4.00
N PHE A 66 -8.79 7.88 -4.28
CA PHE A 66 -9.48 6.66 -4.70
C PHE A 66 -9.90 5.85 -3.49
N VAL A 67 -9.18 6.00 -2.39
CA VAL A 67 -9.52 5.26 -1.18
C VAL A 67 -10.31 6.11 -0.20
N PRO A 68 -11.39 5.56 0.40
CA PRO A 68 -12.21 6.28 1.36
C PRO A 68 -11.48 6.54 2.66
N GLU A 69 -11.55 7.77 3.15
CA GLU A 69 -10.88 8.14 4.40
C GLU A 69 -11.21 7.18 5.53
N SER A 70 -12.38 6.55 5.44
CA SER A 70 -12.80 5.60 6.46
C SER A 70 -11.84 4.41 6.51
N MET A 71 -11.32 4.03 5.36
CA MET A 71 -10.39 2.91 5.26
C MET A 71 -8.96 3.35 5.55
N PHE A 72 -8.76 4.64 5.79
CA PHE A 72 -7.43 5.16 6.08
C PHE A 72 -6.81 4.45 7.29
N ASP A 73 -7.66 3.81 8.10
CA ASP A 73 -7.18 3.09 9.28
C ASP A 73 -6.36 1.88 8.89
N ARG A 74 -6.57 1.39 7.67
CA ARG A 74 -5.84 0.23 7.17
C ARG A 74 -4.57 0.64 6.42
N LEU A 75 -4.29 1.94 6.43
CA LEU A 75 -3.12 2.49 5.75
C LEU A 75 -1.86 2.45 6.62
N LEU A 76 -1.83 1.55 7.59
CA LEU A 76 -0.67 1.43 8.48
C LEU A 76 -0.45 2.72 9.25
N THR A 77 0.20 2.61 10.40
CA THR A 77 0.48 3.77 11.24
C THR A 77 1.98 4.02 11.33
N GLY A 78 2.69 3.74 10.24
CA GLY A 78 4.13 3.96 10.22
C GLY A 78 4.94 2.67 10.17
N PRO A 79 4.89 1.84 11.22
CA PRO A 79 5.66 0.59 11.29
C PRO A 79 5.02 -0.56 10.53
N VAL A 80 5.87 -1.50 10.10
CA VAL A 80 5.44 -2.68 9.36
C VAL A 80 6.51 -3.76 9.41
N VAL A 81 6.11 -4.99 9.15
CA VAL A 81 7.03 -6.12 9.15
C VAL A 81 7.18 -6.70 7.75
N ARG A 82 8.39 -6.61 7.21
CA ARG A 82 8.67 -7.12 5.87
C ARG A 82 9.09 -8.59 5.93
N GLY A 83 8.69 -9.36 4.92
CA GLY A 83 9.03 -10.77 4.88
C GLY A 83 8.67 -11.42 3.56
N GLU A 84 9.48 -11.16 2.53
CA GLU A 84 9.25 -11.71 1.20
C GLU A 84 7.80 -11.60 0.79
N GLY A 85 7.43 -12.29 -0.28
CA GLY A 85 6.06 -12.25 -0.77
C GLY A 85 5.52 -13.62 -1.07
N ALA A 86 4.56 -13.70 -1.99
CA ALA A 86 3.96 -14.97 -2.37
C ALA A 86 4.62 -15.54 -3.61
N SER A 87 4.34 -16.81 -3.90
CA SER A 87 4.91 -17.48 -5.06
C SER A 87 3.82 -17.88 -6.05
N GLY A 1 16.24 -5.94 -1.88
CA GLY A 1 14.94 -5.65 -2.56
C GLY A 1 14.43 -4.26 -2.26
N SER A 2 13.89 -3.59 -3.27
CA SER A 2 13.37 -2.24 -3.10
C SER A 2 11.85 -2.24 -3.11
N ARG A 3 11.25 -2.02 -1.95
CA ARG A 3 9.79 -2.01 -1.82
C ARG A 3 9.28 -0.65 -1.34
N ASN A 4 10.20 0.22 -0.93
CA ASN A 4 9.84 1.54 -0.45
C ASN A 4 9.76 2.55 -1.61
N PRO A 5 8.75 3.44 -1.58
CA PRO A 5 8.58 4.46 -2.63
C PRO A 5 9.44 5.69 -2.40
N ASN A 6 10.40 5.59 -1.48
CA ASN A 6 11.29 6.71 -1.17
C ASN A 6 11.93 7.27 -2.44
N LYS A 7 12.05 6.42 -3.46
CA LYS A 7 12.66 6.82 -4.72
C LYS A 7 11.69 6.60 -5.87
N LEU A 8 10.39 6.59 -5.56
CA LEU A 8 9.35 6.37 -6.55
C LEU A 8 8.78 7.71 -7.04
N ASP A 9 7.62 7.65 -7.69
CA ASP A 9 6.96 8.86 -8.19
C ASP A 9 5.52 8.89 -7.69
N ILE A 10 5.28 9.73 -6.68
CA ILE A 10 3.97 9.85 -6.08
C ILE A 10 2.95 10.53 -6.98
N ASN A 11 3.39 11.15 -8.08
CA ASN A 11 2.47 11.83 -8.98
C ASN A 11 1.65 10.85 -9.83
N THR A 12 2.16 9.63 -9.98
CA THR A 12 1.47 8.63 -10.81
C THR A 12 0.26 8.01 -10.11
N LEU A 13 -0.29 8.70 -9.10
CA LEU A 13 -1.45 8.19 -8.39
C LEU A 13 -2.73 8.56 -9.13
N THR A 14 -2.65 8.71 -10.45
CA THR A 14 -3.82 9.04 -11.24
C THR A 14 -4.75 7.83 -11.35
N GLY A 15 -4.40 6.75 -10.66
CA GLY A 15 -5.19 5.54 -10.70
C GLY A 15 -4.38 4.34 -11.16
N GLU A 16 -3.21 4.63 -11.76
CA GLU A 16 -2.33 3.60 -12.27
C GLU A 16 -1.26 3.15 -11.26
N GLU A 17 -0.87 4.03 -10.34
CA GLU A 17 0.16 3.66 -9.34
C GLU A 17 -0.19 2.33 -8.66
N ARG A 18 0.84 1.54 -8.37
CA ARG A 18 0.67 0.25 -7.71
C ARG A 18 1.02 0.36 -6.23
N VAL A 19 -0.01 0.57 -5.42
CA VAL A 19 0.18 0.73 -3.97
C VAL A 19 0.57 -0.58 -3.28
N PRO A 20 1.79 -0.64 -2.69
CA PRO A 20 2.27 -1.82 -1.96
C PRO A 20 1.48 -2.08 -0.69
N VAL A 21 1.10 -3.34 -0.49
CA VAL A 21 0.35 -3.74 0.69
C VAL A 21 1.13 -4.70 1.57
N VAL A 22 0.92 -4.60 2.88
CA VAL A 22 1.60 -5.48 3.83
C VAL A 22 0.60 -6.17 4.73
N ASN A 23 0.70 -7.49 4.83
CA ASN A 23 -0.19 -8.27 5.68
C ASN A 23 0.06 -7.92 7.13
N LYS A 24 -1.02 -7.74 7.88
CA LYS A 24 -0.93 -7.35 9.27
C LYS A 24 -0.44 -8.48 10.18
N ARG A 25 -0.72 -9.73 9.80
CA ARG A 25 -0.32 -10.86 10.62
C ARG A 25 1.12 -11.31 10.38
N ASN A 26 1.44 -11.71 9.14
CA ASN A 26 2.79 -12.20 8.84
C ASN A 26 3.66 -11.13 8.17
N GLY A 27 3.12 -9.96 7.89
CA GLY A 27 3.91 -8.92 7.26
C GLY A 27 4.13 -9.10 5.78
N LYS A 28 3.37 -10.00 5.15
CA LYS A 28 3.51 -10.24 3.71
C LYS A 28 3.53 -8.91 2.97
N LYS A 29 4.64 -8.59 2.32
CA LYS A 29 4.75 -7.32 1.60
C LYS A 29 4.76 -7.53 0.10
N MET A 30 3.86 -6.82 -0.57
CA MET A 30 3.75 -6.90 -2.03
C MET A 30 3.67 -5.50 -2.65
N GLY A 31 4.79 -5.05 -3.20
CA GLY A 31 4.84 -3.74 -3.82
C GLY A 31 5.36 -3.79 -5.23
N GLY A 32 4.45 -3.72 -6.19
CA GLY A 32 4.84 -3.76 -7.60
C GLY A 32 3.68 -4.12 -8.50
N ALA A 33 3.86 -5.17 -9.30
CA ALA A 33 2.83 -5.62 -10.23
C ALA A 33 1.70 -6.35 -9.50
N MET A 34 2.04 -7.05 -8.42
CA MET A 34 1.05 -7.79 -7.65
C MET A 34 0.29 -6.89 -6.68
N ALA A 35 0.85 -5.72 -6.39
CA ALA A 35 0.21 -4.79 -5.47
C ALA A 35 -1.01 -4.13 -6.11
N PRO A 36 -2.02 -3.79 -5.28
CA PRO A 36 -3.26 -3.17 -5.76
C PRO A 36 -3.04 -1.81 -6.41
N PRO A 37 -3.85 -1.48 -7.44
CA PRO A 37 -3.76 -0.22 -8.15
C PRO A 37 -4.58 0.89 -7.47
N MET A 38 -4.06 2.11 -7.52
CA MET A 38 -4.71 3.25 -6.88
C MET A 38 -6.21 3.28 -7.16
N LYS A 39 -6.60 3.20 -8.43
CA LYS A 39 -8.02 3.26 -8.79
C LYS A 39 -8.83 2.04 -8.34
N ASP A 40 -8.16 1.05 -7.74
CA ASP A 40 -8.88 -0.16 -7.28
C ASP A 40 -8.53 -0.53 -5.83
N LEU A 41 -7.69 0.27 -5.20
CA LEU A 41 -7.27 0.02 -3.82
C LEU A 41 -8.44 -0.40 -2.91
N PRO A 42 -9.59 0.30 -3.00
CA PRO A 42 -10.76 -0.01 -2.16
C PRO A 42 -11.34 -1.40 -2.42
N ARG A 43 -11.18 -1.88 -3.66
CA ARG A 43 -11.67 -3.20 -4.03
C ARG A 43 -10.72 -4.25 -3.50
N TRP A 44 -9.46 -4.09 -3.84
CA TRP A 44 -8.43 -5.02 -3.41
C TRP A 44 -8.38 -5.11 -1.89
N LEU A 45 -8.42 -3.96 -1.22
CA LEU A 45 -8.41 -3.95 0.23
C LEU A 45 -9.60 -4.71 0.76
N GLU A 46 -10.80 -4.32 0.33
CA GLU A 46 -12.02 -5.00 0.77
C GLU A 46 -11.86 -6.51 0.61
N GLU A 47 -11.10 -6.90 -0.41
CA GLU A 47 -10.85 -8.31 -0.70
C GLU A 47 -9.75 -8.87 0.19
N ASN A 48 -8.86 -8.01 0.67
CA ASN A 48 -7.76 -8.43 1.53
C ASN A 48 -7.81 -7.74 2.88
N PRO A 49 -8.70 -8.22 3.79
CA PRO A 49 -8.84 -7.63 5.13
C PRO A 49 -7.59 -7.82 5.99
N GLU A 50 -6.80 -8.85 5.65
CA GLU A 50 -5.57 -9.14 6.39
C GLU A 50 -4.42 -8.26 5.92
N PHE A 51 -4.67 -7.43 4.90
CA PHE A 51 -3.62 -6.56 4.37
C PHE A 51 -3.94 -5.09 4.56
N ALA A 52 -2.89 -4.28 4.53
CA ALA A 52 -3.01 -2.84 4.67
C ALA A 52 -2.00 -2.14 3.76
N VAL A 53 -2.05 -0.81 3.70
CA VAL A 53 -1.15 -0.06 2.83
C VAL A 53 0.11 0.43 3.54
N ALA A 54 1.25 0.33 2.85
CA ALA A 54 2.53 0.75 3.42
C ALA A 54 2.47 2.18 4.00
N PRO A 55 3.35 2.49 4.96
CA PRO A 55 3.41 3.81 5.63
C PRO A 55 3.49 4.99 4.66
N ASP A 56 4.46 4.97 3.75
CA ASP A 56 4.59 6.05 2.79
C ASP A 56 3.40 6.07 1.85
N TRP A 57 2.69 4.94 1.81
CA TRP A 57 1.51 4.83 1.00
C TRP A 57 0.28 5.17 1.83
N THR A 58 0.47 5.28 3.14
CA THR A 58 -0.60 5.68 4.02
C THR A 58 -0.94 7.13 3.68
N ASP A 59 0.11 7.93 3.56
CA ASP A 59 -0.04 9.34 3.21
C ASP A 59 -0.39 9.46 1.73
N ILE A 60 0.39 8.81 0.86
CA ILE A 60 0.11 8.86 -0.57
C ILE A 60 -1.32 8.42 -0.86
N VAL A 61 -1.66 7.22 -0.42
CA VAL A 61 -3.01 6.68 -0.61
C VAL A 61 -4.05 7.62 -0.02
N LYS A 62 -3.76 8.20 1.14
CA LYS A 62 -4.70 9.12 1.77
C LYS A 62 -5.09 10.21 0.76
N GLN A 63 -4.09 10.80 0.12
CA GLN A 63 -4.31 11.82 -0.90
C GLN A 63 -4.80 11.21 -2.22
N SER A 64 -4.66 9.89 -2.35
CA SER A 64 -5.06 9.16 -3.55
C SER A 64 -6.44 9.56 -4.05
N GLY A 65 -7.35 9.84 -3.13
CA GLY A 65 -8.69 10.20 -3.53
C GLY A 65 -9.51 9.00 -3.98
N PHE A 66 -8.82 7.89 -4.29
CA PHE A 66 -9.50 6.66 -4.72
C PHE A 66 -9.95 5.86 -3.53
N VAL A 67 -9.24 5.99 -2.41
CA VAL A 67 -9.59 5.25 -1.21
C VAL A 67 -10.40 6.12 -0.24
N PRO A 68 -11.52 5.60 0.29
CA PRO A 68 -12.37 6.34 1.23
C PRO A 68 -11.65 6.58 2.56
N GLU A 69 -11.81 7.79 3.09
CA GLU A 69 -11.16 8.16 4.35
C GLU A 69 -11.45 7.13 5.44
N SER A 70 -12.60 6.50 5.36
CA SER A 70 -12.99 5.50 6.36
C SER A 70 -12.04 4.30 6.30
N MET A 71 -11.54 3.99 5.10
CA MET A 71 -10.63 2.87 4.92
C MET A 71 -9.20 3.25 5.30
N PHE A 72 -8.99 4.51 5.63
CA PHE A 72 -7.66 4.98 6.01
C PHE A 72 -7.13 4.18 7.20
N ASP A 73 -8.02 3.51 7.91
CA ASP A 73 -7.64 2.70 9.06
C ASP A 73 -6.61 1.65 8.65
N ARG A 74 -6.66 1.25 7.39
CA ARG A 74 -5.73 0.26 6.86
C ARG A 74 -4.39 0.90 6.50
N LEU A 75 -4.33 2.21 6.60
CA LEU A 75 -3.11 2.93 6.27
C LEU A 75 -2.10 2.81 7.42
N LEU A 76 -1.13 1.92 7.23
CA LEU A 76 -0.08 1.68 8.23
C LEU A 76 0.37 2.96 8.91
N THR A 77 1.13 2.80 10.00
CA THR A 77 1.63 3.92 10.76
C THR A 77 3.15 3.86 10.88
N GLY A 78 3.81 3.31 9.85
CA GLY A 78 5.26 3.22 9.87
C GLY A 78 5.77 1.80 10.04
N PRO A 79 5.58 1.20 11.23
CA PRO A 79 6.05 -0.16 11.52
C PRO A 79 5.45 -1.23 10.61
N VAL A 80 6.32 -2.08 10.07
CA VAL A 80 5.91 -3.18 9.21
C VAL A 80 6.96 -4.28 9.26
N VAL A 81 6.58 -5.50 8.92
CA VAL A 81 7.51 -6.63 8.95
C VAL A 81 7.78 -7.17 7.55
N ARG A 82 9.01 -7.03 7.09
CA ARG A 82 9.41 -7.51 5.77
C ARG A 82 10.47 -8.60 5.89
N GLY A 83 10.72 -9.30 4.78
CA GLY A 83 11.70 -10.36 4.78
C GLY A 83 13.12 -9.84 4.91
N GLU A 84 13.76 -10.12 6.03
CA GLU A 84 15.12 -9.66 6.28
C GLU A 84 16.04 -10.85 6.59
N GLY A 85 15.55 -11.77 7.39
CA GLY A 85 16.33 -12.94 7.76
C GLY A 85 16.20 -14.07 6.76
N ALA A 86 17.22 -14.92 6.69
CA ALA A 86 17.21 -16.05 5.77
C ALA A 86 17.96 -17.24 6.36
N SER A 87 17.52 -18.44 6.01
CA SER A 87 18.13 -19.67 6.50
C SER A 87 19.30 -20.09 5.61
N GLY A 1 14.80 -4.45 -2.31
CA GLY A 1 15.40 -3.11 -2.55
C GLY A 1 14.36 -2.04 -2.74
N SER A 2 13.67 -2.07 -3.88
CA SER A 2 12.64 -1.08 -4.19
C SER A 2 11.27 -1.60 -3.81
N ARG A 3 10.65 -0.96 -2.82
CA ARG A 3 9.32 -1.34 -2.35
C ARG A 3 8.52 -0.13 -1.88
N ASN A 4 9.21 0.84 -1.31
CA ASN A 4 8.57 2.05 -0.81
C ASN A 4 8.60 3.16 -1.88
N PRO A 5 7.79 4.22 -1.69
CA PRO A 5 7.73 5.34 -2.64
C PRO A 5 9.05 6.11 -2.74
N ASN A 6 10.06 5.69 -1.99
CA ASN A 6 11.37 6.34 -2.00
C ASN A 6 12.05 6.21 -3.36
N LYS A 7 11.42 5.49 -4.30
CA LYS A 7 11.99 5.32 -5.63
C LYS A 7 10.92 5.44 -6.72
N LEU A 8 9.69 5.78 -6.32
CA LEU A 8 8.59 5.92 -7.27
C LEU A 8 7.94 7.30 -7.14
N ASP A 9 7.79 7.99 -8.27
CA ASP A 9 7.16 9.31 -8.26
C ASP A 9 5.74 9.21 -7.72
N ILE A 10 5.48 9.92 -6.63
CA ILE A 10 4.17 9.91 -6.00
C ILE A 10 3.10 10.61 -6.83
N ASN A 11 3.49 11.24 -7.94
CA ASN A 11 2.51 11.94 -8.77
C ASN A 11 1.71 10.97 -9.65
N THR A 12 2.24 9.75 -9.83
CA THR A 12 1.57 8.75 -10.67
C THR A 12 0.35 8.13 -9.98
N LEU A 13 -0.19 8.82 -8.98
CA LEU A 13 -1.35 8.34 -8.28
C LEU A 13 -2.63 8.70 -9.01
N THR A 14 -2.54 8.88 -10.33
CA THR A 14 -3.71 9.21 -11.12
C THR A 14 -4.63 8.01 -11.26
N GLY A 15 -4.25 6.90 -10.61
CA GLY A 15 -5.03 5.69 -10.66
C GLY A 15 -4.20 4.49 -11.05
N GLU A 16 -3.11 4.76 -11.78
CA GLU A 16 -2.22 3.71 -12.26
C GLU A 16 -1.18 3.27 -11.23
N GLU A 17 -0.79 4.14 -10.29
CA GLU A 17 0.19 3.75 -9.28
C GLU A 17 -0.20 2.45 -8.59
N ARG A 18 0.78 1.57 -8.40
CA ARG A 18 0.56 0.29 -7.72
C ARG A 18 1.03 0.37 -6.27
N VAL A 19 0.09 0.59 -5.37
CA VAL A 19 0.40 0.74 -3.95
C VAL A 19 0.70 -0.60 -3.26
N PRO A 20 1.90 -0.70 -2.63
CA PRO A 20 2.32 -1.91 -1.90
C PRO A 20 1.50 -2.17 -0.66
N VAL A 21 1.20 -3.44 -0.41
CA VAL A 21 0.42 -3.84 0.75
C VAL A 21 1.20 -4.78 1.66
N VAL A 22 0.97 -4.64 2.96
CA VAL A 22 1.65 -5.47 3.96
C VAL A 22 0.65 -6.20 4.84
N ASN A 23 0.78 -7.53 4.93
CA ASN A 23 -0.12 -8.31 5.76
C ASN A 23 0.00 -7.89 7.21
N LYS A 24 -1.14 -7.72 7.86
CA LYS A 24 -1.17 -7.28 9.25
C LYS A 24 -0.63 -8.33 10.21
N ARG A 25 -0.74 -9.61 9.83
CA ARG A 25 -0.27 -10.69 10.70
C ARG A 25 1.11 -11.21 10.33
N ASN A 26 1.26 -11.72 9.11
CA ASN A 26 2.54 -12.29 8.67
C ASN A 26 3.50 -11.23 8.11
N GLY A 27 3.02 -10.01 7.90
CA GLY A 27 3.88 -8.95 7.39
C GLY A 27 4.14 -9.06 5.89
N LYS A 28 3.45 -9.97 5.21
CA LYS A 28 3.63 -10.14 3.77
C LYS A 28 3.60 -8.79 3.06
N LYS A 29 4.72 -8.41 2.46
CA LYS A 29 4.81 -7.14 1.75
C LYS A 29 4.88 -7.36 0.25
N MET A 30 4.04 -6.66 -0.49
CA MET A 30 4.00 -6.78 -1.94
C MET A 30 3.88 -5.40 -2.59
N GLY A 31 4.97 -4.92 -3.16
CA GLY A 31 4.97 -3.63 -3.82
C GLY A 31 5.51 -3.69 -5.23
N GLY A 32 4.62 -3.66 -6.21
CA GLY A 32 5.04 -3.72 -7.59
C GLY A 32 3.88 -4.01 -8.53
N ALA A 33 4.03 -5.05 -9.35
CA ALA A 33 3.00 -5.42 -10.30
C ALA A 33 1.85 -6.17 -9.62
N MET A 34 2.16 -6.89 -8.55
CA MET A 34 1.14 -7.64 -7.83
C MET A 34 0.39 -6.76 -6.82
N ALA A 35 0.96 -5.60 -6.51
CA ALA A 35 0.34 -4.68 -5.57
C ALA A 35 -0.90 -4.04 -6.16
N PRO A 36 -1.91 -3.74 -5.32
CA PRO A 36 -3.17 -3.13 -5.76
C PRO A 36 -2.98 -1.76 -6.42
N PRO A 37 -3.74 -1.48 -7.49
CA PRO A 37 -3.66 -0.20 -8.20
C PRO A 37 -4.49 0.89 -7.51
N MET A 38 -3.99 2.11 -7.56
CA MET A 38 -4.65 3.26 -6.93
C MET A 38 -6.16 3.27 -7.13
N LYS A 39 -6.61 3.13 -8.38
CA LYS A 39 -8.04 3.18 -8.67
C LYS A 39 -8.80 1.93 -8.20
N ASP A 40 -8.09 0.93 -7.70
CA ASP A 40 -8.73 -0.29 -7.23
C ASP A 40 -8.35 -0.63 -5.78
N LEU A 41 -7.52 0.20 -5.17
CA LEU A 41 -7.08 -0.02 -3.79
C LEU A 41 -8.23 -0.43 -2.87
N PRO A 42 -9.40 0.24 -2.96
CA PRO A 42 -10.56 -0.06 -2.11
C PRO A 42 -11.15 -1.44 -2.39
N ARG A 43 -11.02 -1.89 -3.62
CA ARG A 43 -11.54 -3.20 -4.00
C ARG A 43 -10.59 -4.27 -3.49
N TRP A 44 -9.32 -4.14 -3.86
CA TRP A 44 -8.30 -5.07 -3.44
C TRP A 44 -8.26 -5.17 -1.92
N LEU A 45 -8.31 -4.03 -1.25
CA LEU A 45 -8.28 -4.02 0.20
C LEU A 45 -9.47 -4.79 0.74
N GLU A 46 -10.69 -4.43 0.33
CA GLU A 46 -11.87 -5.13 0.80
C GLU A 46 -11.70 -6.63 0.61
N GLU A 47 -10.98 -7.00 -0.44
CA GLU A 47 -10.72 -8.41 -0.74
C GLU A 47 -9.62 -8.97 0.15
N ASN A 48 -8.72 -8.10 0.60
CA ASN A 48 -7.61 -8.52 1.45
C ASN A 48 -7.68 -7.84 2.83
N PRO A 49 -8.60 -8.30 3.69
CA PRO A 49 -8.76 -7.74 5.03
C PRO A 49 -7.53 -7.96 5.92
N GLU A 50 -6.78 -9.01 5.61
CA GLU A 50 -5.57 -9.33 6.37
C GLU A 50 -4.39 -8.47 5.92
N PHE A 51 -4.61 -7.61 4.94
CA PHE A 51 -3.55 -6.75 4.43
C PHE A 51 -3.87 -5.28 4.62
N ALA A 52 -2.81 -4.46 4.55
CA ALA A 52 -2.93 -3.02 4.70
C ALA A 52 -1.97 -2.32 3.76
N VAL A 53 -2.02 -0.99 3.70
CA VAL A 53 -1.15 -0.23 2.83
C VAL A 53 0.10 0.28 3.53
N ALA A 54 1.25 0.22 2.85
CA ALA A 54 2.51 0.65 3.46
C ALA A 54 2.39 2.05 4.06
N PRO A 55 3.23 2.34 5.09
CA PRO A 55 3.23 3.62 5.81
C PRO A 55 3.30 4.84 4.88
N ASP A 56 4.32 4.88 4.03
CA ASP A 56 4.47 6.00 3.10
C ASP A 56 3.32 6.03 2.10
N TRP A 57 2.64 4.89 2.01
CA TRP A 57 1.49 4.79 1.15
C TRP A 57 0.24 5.16 1.91
N THR A 58 0.36 5.24 3.24
CA THR A 58 -0.75 5.66 4.07
C THR A 58 -1.05 7.11 3.73
N ASP A 59 0.03 7.90 3.62
CA ASP A 59 -0.09 9.31 3.27
C ASP A 59 -0.40 9.44 1.80
N ILE A 60 0.39 8.78 0.93
CA ILE A 60 0.13 8.85 -0.50
C ILE A 60 -1.30 8.43 -0.81
N VAL A 61 -1.66 7.22 -0.39
CA VAL A 61 -3.00 6.70 -0.60
C VAL A 61 -4.03 7.65 -0.02
N LYS A 62 -3.74 8.23 1.13
CA LYS A 62 -4.65 9.18 1.74
C LYS A 62 -5.03 10.26 0.73
N GLN A 63 -4.01 10.81 0.07
CA GLN A 63 -4.20 11.82 -0.96
C GLN A 63 -4.73 11.20 -2.27
N SER A 64 -4.61 9.88 -2.37
CA SER A 64 -5.04 9.14 -3.57
C SER A 64 -6.42 9.55 -4.05
N GLY A 65 -7.31 9.85 -3.13
CA GLY A 65 -8.66 10.23 -3.51
C GLY A 65 -9.48 9.02 -3.96
N PHE A 66 -8.80 7.91 -4.29
CA PHE A 66 -9.50 6.70 -4.72
C PHE A 66 -9.94 5.88 -3.52
N VAL A 67 -9.23 6.02 -2.41
CA VAL A 67 -9.58 5.27 -1.21
C VAL A 67 -10.35 6.14 -0.22
N PRO A 68 -11.45 5.62 0.35
CA PRO A 68 -12.27 6.36 1.32
C PRO A 68 -11.51 6.64 2.61
N GLU A 69 -11.59 7.88 3.09
CA GLU A 69 -10.91 8.28 4.31
C GLU A 69 -11.20 7.32 5.46
N SER A 70 -12.40 6.74 5.46
CA SER A 70 -12.79 5.80 6.49
C SER A 70 -11.87 4.58 6.49
N MET A 71 -11.42 4.20 5.30
CA MET A 71 -10.53 3.04 5.16
C MET A 71 -9.09 3.41 5.48
N PHE A 72 -8.84 4.68 5.75
CA PHE A 72 -7.50 5.14 6.09
C PHE A 72 -6.94 4.40 7.30
N ASP A 73 -7.83 3.76 8.06
CA ASP A 73 -7.43 3.02 9.25
C ASP A 73 -6.53 1.84 8.89
N ARG A 74 -6.71 1.31 7.68
CA ARG A 74 -5.92 0.17 7.22
C ARG A 74 -4.68 0.63 6.44
N LEU A 75 -4.52 1.94 6.32
CA LEU A 75 -3.39 2.52 5.60
C LEU A 75 -2.10 2.44 6.42
N LEU A 76 -2.18 1.88 7.63
CA LEU A 76 -1.01 1.74 8.51
C LEU A 76 -0.64 3.09 9.14
N THR A 77 0.18 3.03 10.18
CA THR A 77 0.61 4.23 10.87
C THR A 77 2.13 4.22 11.10
N GLY A 78 2.87 3.66 10.15
CA GLY A 78 4.32 3.63 10.28
C GLY A 78 4.90 2.23 10.40
N PRO A 79 4.82 1.62 11.59
CA PRO A 79 5.38 0.28 11.84
C PRO A 79 4.82 -0.82 10.95
N VAL A 80 5.73 -1.62 10.40
CA VAL A 80 5.39 -2.75 9.55
C VAL A 80 6.45 -3.83 9.67
N VAL A 81 6.10 -5.07 9.37
CA VAL A 81 7.04 -6.17 9.47
C VAL A 81 7.34 -6.76 8.09
N ARG A 82 8.59 -6.63 7.65
CA ARG A 82 8.99 -7.15 6.35
C ARG A 82 9.68 -8.52 6.51
N GLY A 83 9.55 -9.36 5.49
CA GLY A 83 10.15 -10.67 5.55
C GLY A 83 9.60 -11.62 4.51
N GLU A 84 10.16 -11.57 3.31
CA GLU A 84 9.71 -12.43 2.21
C GLU A 84 10.88 -12.80 1.30
N GLY A 85 11.67 -11.80 0.93
CA GLY A 85 12.81 -12.03 0.07
C GLY A 85 13.30 -10.76 -0.60
N ALA A 86 13.79 -9.83 0.21
CA ALA A 86 14.30 -8.56 -0.31
C ALA A 86 15.68 -8.24 0.26
N SER A 87 15.80 -8.33 1.58
CA SER A 87 17.07 -8.06 2.24
C SER A 87 17.52 -6.62 1.99
N GLY A 1 15.05 -8.10 0.33
CA GLY A 1 14.25 -7.65 -0.85
C GLY A 1 13.19 -6.62 -0.49
N SER A 2 13.63 -5.48 0.02
CA SER A 2 12.72 -4.42 0.41
C SER A 2 12.23 -3.65 -0.81
N ARG A 3 10.95 -3.25 -0.78
CA ARG A 3 10.36 -2.51 -1.89
C ARG A 3 9.58 -1.30 -1.39
N ASN A 4 10.28 -0.39 -0.73
CA ASN A 4 9.67 0.83 -0.21
C ASN A 4 9.67 1.94 -1.27
N PRO A 5 8.62 2.79 -1.28
CA PRO A 5 8.50 3.89 -2.25
C PRO A 5 9.37 5.10 -1.90
N ASN A 6 10.31 4.92 -0.99
CA ASN A 6 11.20 6.01 -0.59
C ASN A 6 11.77 6.75 -1.79
N LYS A 7 11.89 6.05 -2.92
CA LYS A 7 12.42 6.65 -4.14
C LYS A 7 11.46 6.47 -5.32
N LEU A 8 10.18 6.34 -5.02
CA LEU A 8 9.16 6.15 -6.04
C LEU A 8 8.64 7.49 -6.57
N ASP A 9 7.57 7.42 -7.36
CA ASP A 9 6.95 8.61 -7.93
C ASP A 9 5.47 8.65 -7.56
N ILE A 10 5.11 9.60 -6.72
CA ILE A 10 3.73 9.73 -6.26
C ILE A 10 2.79 10.36 -7.29
N ASN A 11 3.32 11.07 -8.27
CA ASN A 11 2.45 11.71 -9.26
C ASN A 11 1.64 10.69 -10.08
N THR A 12 2.13 9.45 -10.16
CA THR A 12 1.46 8.42 -10.94
C THR A 12 0.21 7.84 -10.25
N LEU A 13 -0.26 8.48 -9.18
CA LEU A 13 -1.44 7.99 -8.48
C LEU A 13 -2.72 8.38 -9.22
N THR A 14 -2.62 8.67 -10.51
CA THR A 14 -3.80 9.03 -11.28
C THR A 14 -4.77 7.85 -11.38
N GLY A 15 -4.53 6.81 -10.59
CA GLY A 15 -5.37 5.64 -10.61
C GLY A 15 -4.60 4.41 -11.05
N GLU A 16 -3.52 4.65 -11.79
CA GLU A 16 -2.68 3.59 -12.33
C GLU A 16 -1.57 3.13 -11.37
N GLU A 17 -1.16 3.97 -10.41
CA GLU A 17 -0.11 3.55 -9.48
C GLU A 17 -0.41 2.21 -8.83
N ARG A 18 0.66 1.49 -8.46
CA ARG A 18 0.53 0.18 -7.81
C ARG A 18 0.89 0.29 -6.34
N VAL A 19 -0.11 0.53 -5.50
CA VAL A 19 0.10 0.68 -4.06
C VAL A 19 0.49 -0.62 -3.37
N PRO A 20 1.70 -0.68 -2.77
CA PRO A 20 2.19 -1.87 -2.05
C PRO A 20 1.38 -2.16 -0.80
N VAL A 21 1.20 -3.45 -0.51
CA VAL A 21 0.43 -3.87 0.65
C VAL A 21 1.22 -4.82 1.55
N VAL A 22 1.05 -4.66 2.86
CA VAL A 22 1.73 -5.52 3.83
C VAL A 22 0.73 -6.30 4.65
N ASN A 23 0.93 -7.61 4.73
CA ASN A 23 0.05 -8.47 5.50
C ASN A 23 0.16 -8.14 6.98
N LYS A 24 -0.98 -8.00 7.64
CA LYS A 24 -1.02 -7.65 9.05
C LYS A 24 -0.57 -8.79 9.95
N ARG A 25 -0.64 -10.03 9.46
CA ARG A 25 -0.26 -11.19 10.27
C ARG A 25 1.17 -11.66 9.99
N ASN A 26 1.45 -12.06 8.74
CA ASN A 26 2.76 -12.57 8.39
C ASN A 26 3.72 -11.46 7.97
N GLY A 27 3.22 -10.25 7.77
CA GLY A 27 4.07 -9.13 7.39
C GLY A 27 4.47 -9.16 5.92
N LYS A 28 3.93 -10.11 5.16
CA LYS A 28 4.24 -10.21 3.74
C LYS A 28 4.08 -8.86 3.05
N LYS A 29 5.13 -8.40 2.38
CA LYS A 29 5.10 -7.11 1.70
C LYS A 29 5.17 -7.30 0.19
N MET A 30 4.26 -6.64 -0.53
CA MET A 30 4.22 -6.72 -1.98
C MET A 30 4.10 -5.33 -2.60
N GLY A 31 5.20 -4.85 -3.18
CA GLY A 31 5.20 -3.53 -3.80
C GLY A 31 5.63 -3.59 -5.25
N GLY A 32 4.65 -3.58 -6.16
CA GLY A 32 4.96 -3.64 -7.57
C GLY A 32 3.91 -4.41 -8.35
N ALA A 33 4.34 -5.42 -9.09
CA ALA A 33 3.41 -6.23 -9.88
C ALA A 33 2.30 -6.80 -9.01
N MET A 34 2.66 -7.30 -7.84
CA MET A 34 1.70 -7.86 -6.90
C MET A 34 1.24 -6.78 -5.93
N ALA A 35 0.53 -5.80 -6.45
CA ALA A 35 0.03 -4.70 -5.65
C ALA A 35 -1.22 -4.08 -6.26
N PRO A 36 -2.20 -3.71 -5.42
CA PRO A 36 -3.45 -3.10 -5.86
C PRO A 36 -3.27 -1.74 -6.52
N PRO A 37 -4.14 -1.40 -7.50
CA PRO A 37 -4.08 -0.12 -8.20
C PRO A 37 -4.87 0.96 -7.46
N MET A 38 -4.37 2.19 -7.54
CA MET A 38 -5.00 3.32 -6.86
C MET A 38 -6.51 3.33 -7.04
N LYS A 39 -6.98 3.32 -8.29
CA LYS A 39 -8.42 3.37 -8.57
C LYS A 39 -9.18 2.11 -8.11
N ASP A 40 -8.47 1.10 -7.58
CA ASP A 40 -9.14 -0.11 -7.13
C ASP A 40 -8.69 -0.55 -5.73
N LEU A 41 -7.87 0.26 -5.08
CA LEU A 41 -7.38 -0.08 -3.74
C LEU A 41 -8.50 -0.54 -2.79
N PRO A 42 -9.64 0.17 -2.76
CA PRO A 42 -10.77 -0.18 -1.87
C PRO A 42 -11.36 -1.55 -2.17
N ARG A 43 -11.25 -1.99 -3.42
CA ARG A 43 -11.77 -3.29 -3.80
C ARG A 43 -10.78 -4.36 -3.40
N TRP A 44 -9.52 -4.14 -3.74
CA TRP A 44 -8.47 -5.08 -3.41
C TRP A 44 -8.33 -5.21 -1.90
N LEU A 45 -8.49 -4.09 -1.19
CA LEU A 45 -8.40 -4.14 0.25
C LEU A 45 -9.54 -4.97 0.79
N GLU A 46 -10.77 -4.61 0.42
CA GLU A 46 -11.94 -5.37 0.88
C GLU A 46 -11.75 -6.85 0.57
N GLU A 47 -11.00 -7.13 -0.49
CA GLU A 47 -10.72 -8.50 -0.89
C GLU A 47 -9.57 -9.09 -0.08
N ASN A 48 -8.72 -8.23 0.46
CA ASN A 48 -7.58 -8.68 1.26
C ASN A 48 -7.60 -8.04 2.65
N PRO A 49 -8.48 -8.53 3.54
CA PRO A 49 -8.60 -8.01 4.90
C PRO A 49 -7.34 -8.25 5.74
N GLU A 50 -6.52 -9.20 5.31
CA GLU A 50 -5.29 -9.52 6.02
C GLU A 50 -4.14 -8.61 5.60
N PHE A 51 -4.42 -7.70 4.67
CA PHE A 51 -3.39 -6.79 4.17
C PHE A 51 -3.76 -5.33 4.41
N ALA A 52 -2.74 -4.47 4.38
CA ALA A 52 -2.91 -3.05 4.58
C ALA A 52 -1.99 -2.28 3.65
N VAL A 53 -2.10 -0.94 3.64
CA VAL A 53 -1.28 -0.13 2.75
C VAL A 53 0.04 0.30 3.39
N ALA A 54 1.12 0.28 2.60
CA ALA A 54 2.44 0.67 3.10
C ALA A 54 2.41 2.05 3.76
N PRO A 55 3.38 2.30 4.67
CA PRO A 55 3.48 3.57 5.41
C PRO A 55 3.48 4.81 4.51
N ASP A 56 4.42 4.87 3.58
CA ASP A 56 4.51 6.01 2.67
C ASP A 56 3.26 6.08 1.80
N TRP A 57 2.54 4.98 1.75
CA TRP A 57 1.33 4.92 0.99
C TRP A 57 0.15 5.35 1.85
N THR A 58 0.39 5.47 3.15
CA THR A 58 -0.64 5.95 4.05
C THR A 58 -0.95 7.39 3.68
N ASP A 59 0.12 8.17 3.52
CA ASP A 59 -0.01 9.56 3.13
C ASP A 59 -0.38 9.64 1.66
N ILE A 60 0.36 8.95 0.79
CA ILE A 60 0.06 8.96 -0.63
C ILE A 60 -1.40 8.57 -0.88
N VAL A 61 -1.76 7.37 -0.43
CA VAL A 61 -3.12 6.88 -0.59
C VAL A 61 -4.13 7.87 0.00
N LYS A 62 -3.80 8.44 1.15
CA LYS A 62 -4.71 9.41 1.76
C LYS A 62 -5.07 10.48 0.74
N GLN A 63 -4.05 11.04 0.09
CA GLN A 63 -4.24 12.05 -0.95
C GLN A 63 -4.75 11.44 -2.26
N SER A 64 -4.62 10.11 -2.37
CA SER A 64 -5.05 9.38 -3.58
C SER A 64 -6.36 9.90 -4.15
N GLY A 65 -7.29 10.22 -3.26
CA GLY A 65 -8.58 10.69 -3.71
C GLY A 65 -9.49 9.54 -4.11
N PHE A 66 -8.90 8.35 -4.30
CA PHE A 66 -9.67 7.18 -4.68
C PHE A 66 -10.24 6.50 -3.45
N VAL A 67 -9.38 6.24 -2.47
CA VAL A 67 -9.81 5.56 -1.25
C VAL A 67 -10.49 6.52 -0.28
N PRO A 68 -11.60 6.09 0.34
CA PRO A 68 -12.34 6.92 1.31
C PRO A 68 -11.61 7.06 2.64
N GLU A 69 -11.71 8.24 3.24
CA GLU A 69 -11.05 8.52 4.51
C GLU A 69 -11.41 7.48 5.56
N SER A 70 -12.57 6.84 5.41
CA SER A 70 -13.00 5.83 6.36
C SER A 70 -12.04 4.65 6.38
N MET A 71 -11.50 4.33 5.21
CA MET A 71 -10.55 3.23 5.09
C MET A 71 -9.12 3.67 5.38
N PHE A 72 -8.94 4.96 5.70
CA PHE A 72 -7.61 5.49 5.99
C PHE A 72 -7.00 4.80 7.22
N ASP A 73 -7.83 4.09 7.99
CA ASP A 73 -7.36 3.40 9.19
C ASP A 73 -6.43 2.24 8.85
N ARG A 74 -6.56 1.71 7.63
CA ARG A 74 -5.73 0.59 7.19
C ARG A 74 -4.49 1.09 6.45
N LEU A 75 -4.35 2.40 6.36
CA LEU A 75 -3.22 3.02 5.67
C LEU A 75 -1.90 2.87 6.42
N LEU A 76 -1.92 2.23 7.59
CA LEU A 76 -0.72 2.01 8.39
C LEU A 76 -0.22 3.32 9.03
N THR A 77 0.72 3.16 9.95
CA THR A 77 1.31 4.29 10.65
C THR A 77 2.83 4.14 10.71
N GLY A 78 3.38 3.57 9.64
CA GLY A 78 4.82 3.36 9.57
C GLY A 78 5.15 1.95 9.10
N PRO A 79 6.30 1.75 8.43
CA PRO A 79 6.72 0.43 7.96
C PRO A 79 6.73 -0.57 9.10
N VAL A 80 6.65 -1.87 8.79
CA VAL A 80 6.66 -2.88 9.83
C VAL A 80 7.90 -3.76 9.72
N VAL A 81 8.35 -4.25 10.86
CA VAL A 81 9.56 -5.07 10.90
C VAL A 81 9.55 -6.14 9.82
N ARG A 82 10.74 -6.40 9.26
CA ARG A 82 10.90 -7.38 8.20
C ARG A 82 11.67 -8.60 8.69
N GLY A 83 11.18 -9.78 8.35
CA GLY A 83 11.82 -11.00 8.76
C GLY A 83 10.86 -11.96 9.45
N GLU A 84 11.12 -12.25 10.72
CA GLU A 84 10.27 -13.15 11.48
C GLU A 84 10.49 -12.96 12.98
N GLY A 85 9.69 -12.07 13.58
CA GLY A 85 9.81 -11.80 15.01
C GLY A 85 8.74 -12.52 15.82
N ALA A 86 9.03 -13.76 16.20
CA ALA A 86 8.09 -14.55 16.98
C ALA A 86 8.69 -14.93 18.32
N SER A 87 9.89 -15.50 18.30
CA SER A 87 10.57 -15.92 19.52
C SER A 87 9.74 -16.93 20.30
N GLY A 1 14.34 -0.64 -1.23
CA GLY A 1 14.30 -1.07 -2.65
C GLY A 1 13.14 -2.01 -2.95
N SER A 2 12.30 -1.61 -3.90
CA SER A 2 11.15 -2.41 -4.28
C SER A 2 10.23 -2.64 -3.08
N ARG A 3 10.21 -1.68 -2.17
CA ARG A 3 9.37 -1.77 -0.98
C ARG A 3 8.79 -0.41 -0.62
N ASN A 4 9.67 0.56 -0.41
CA ASN A 4 9.26 1.91 -0.06
C ASN A 4 9.23 2.81 -1.29
N PRO A 5 8.34 3.81 -1.32
CA PRO A 5 8.22 4.73 -2.44
C PRO A 5 9.19 5.92 -2.34
N ASN A 6 10.38 5.66 -1.82
CA ASN A 6 11.39 6.69 -1.68
C ASN A 6 12.20 6.86 -2.97
N LYS A 7 11.88 6.06 -3.98
CA LYS A 7 12.58 6.13 -5.26
C LYS A 7 11.59 6.04 -6.43
N LEU A 8 10.30 6.15 -6.13
CA LEU A 8 9.26 6.08 -7.15
C LEU A 8 8.77 7.48 -7.53
N ASP A 9 7.55 7.55 -8.05
CA ASP A 9 6.93 8.81 -8.42
C ASP A 9 5.53 8.88 -7.86
N ILE A 10 5.36 9.68 -6.81
CA ILE A 10 4.08 9.82 -6.15
C ILE A 10 3.05 10.52 -7.03
N ASN A 11 3.45 11.07 -8.16
CA ASN A 11 2.50 11.77 -9.03
C ASN A 11 1.69 10.79 -9.89
N THR A 12 2.18 9.56 -10.05
CA THR A 12 1.48 8.56 -10.86
C THR A 12 0.27 7.97 -10.15
N LEU A 13 -0.25 8.67 -9.14
CA LEU A 13 -1.42 8.21 -8.41
C LEU A 13 -2.69 8.59 -9.14
N THR A 14 -2.62 8.74 -10.46
CA THR A 14 -3.79 9.08 -11.25
C THR A 14 -4.73 7.89 -11.38
N GLY A 15 -4.40 6.80 -10.68
CA GLY A 15 -5.20 5.60 -10.74
C GLY A 15 -4.39 4.41 -11.16
N GLU A 16 -3.31 4.67 -11.90
CA GLU A 16 -2.42 3.63 -12.42
C GLU A 16 -1.36 3.17 -11.41
N GLU A 17 -0.97 4.03 -10.47
CA GLU A 17 0.04 3.65 -9.48
C GLU A 17 -0.31 2.31 -8.80
N ARG A 18 0.71 1.50 -8.56
CA ARG A 18 0.53 0.21 -7.89
C ARG A 18 0.91 0.34 -6.43
N VAL A 19 -0.07 0.59 -5.58
CA VAL A 19 0.16 0.78 -4.15
C VAL A 19 0.54 -0.51 -3.42
N PRO A 20 1.70 -0.52 -2.72
CA PRO A 20 2.19 -1.68 -1.98
C PRO A 20 1.39 -1.98 -0.72
N VAL A 21 1.14 -3.26 -0.48
CA VAL A 21 0.39 -3.69 0.69
C VAL A 21 1.17 -4.70 1.53
N VAL A 22 1.04 -4.57 2.84
CA VAL A 22 1.72 -5.46 3.77
C VAL A 22 0.70 -6.17 4.66
N ASN A 23 0.85 -7.47 4.78
CA ASN A 23 -0.04 -8.28 5.60
C ASN A 23 0.20 -7.97 7.07
N LYS A 24 -0.89 -7.79 7.80
CA LYS A 24 -0.81 -7.46 9.23
C LYS A 24 -0.28 -8.61 10.06
N ARG A 25 -0.64 -9.84 9.70
CA ARG A 25 -0.21 -11.02 10.45
C ARG A 25 1.12 -11.60 9.97
N ASN A 26 1.18 -12.02 8.71
CA ASN A 26 2.41 -12.63 8.18
C ASN A 26 3.43 -11.59 7.71
N GLY A 27 3.01 -10.34 7.57
CA GLY A 27 3.93 -9.30 7.14
C GLY A 27 4.20 -9.33 5.64
N LYS A 28 3.53 -10.21 4.92
CA LYS A 28 3.71 -10.31 3.47
C LYS A 28 3.66 -8.92 2.84
N LYS A 29 4.76 -8.52 2.22
CA LYS A 29 4.84 -7.22 1.58
C LYS A 29 4.88 -7.34 0.06
N MET A 30 4.10 -6.51 -0.60
CA MET A 30 4.04 -6.52 -2.06
C MET A 30 4.12 -5.09 -2.61
N GLY A 31 5.26 -4.77 -3.21
CA GLY A 31 5.48 -3.44 -3.78
C GLY A 31 4.37 -3.02 -4.72
N GLY A 32 4.65 -2.99 -6.01
CA GLY A 32 3.64 -2.59 -6.98
C GLY A 32 3.21 -3.73 -7.88
N ALA A 33 4.14 -4.62 -8.19
CA ALA A 33 3.87 -5.76 -9.06
C ALA A 33 2.61 -6.52 -8.64
N MET A 34 2.67 -7.18 -7.49
CA MET A 34 1.52 -7.95 -7.00
C MET A 34 0.56 -7.10 -6.17
N ALA A 35 0.92 -5.85 -5.92
CA ALA A 35 0.09 -4.97 -5.12
C ALA A 35 -1.04 -4.35 -5.94
N PRO A 36 -2.10 -3.88 -5.26
CA PRO A 36 -3.27 -3.27 -5.91
C PRO A 36 -3.02 -1.88 -6.50
N PRO A 37 -3.83 -1.50 -7.51
CA PRO A 37 -3.72 -0.21 -8.18
C PRO A 37 -4.56 0.88 -7.49
N MET A 38 -4.06 2.11 -7.55
CA MET A 38 -4.73 3.25 -6.93
C MET A 38 -6.24 3.25 -7.15
N LYS A 39 -6.68 3.11 -8.39
CA LYS A 39 -8.12 3.14 -8.71
C LYS A 39 -8.88 1.89 -8.23
N ASP A 40 -8.17 0.91 -7.68
CA ASP A 40 -8.82 -0.32 -7.21
C ASP A 40 -8.45 -0.65 -5.76
N LEU A 41 -7.62 0.17 -5.14
CA LEU A 41 -7.20 -0.06 -3.76
C LEU A 41 -8.37 -0.42 -2.84
N PRO A 42 -9.50 0.30 -2.94
CA PRO A 42 -10.67 0.05 -2.08
C PRO A 42 -11.30 -1.31 -2.33
N ARG A 43 -11.22 -1.78 -3.57
CA ARG A 43 -11.76 -3.09 -3.92
C ARG A 43 -10.82 -4.18 -3.42
N TRP A 44 -9.56 -4.04 -3.78
CA TRP A 44 -8.54 -4.99 -3.38
C TRP A 44 -8.46 -5.07 -1.86
N LEU A 45 -8.49 -3.92 -1.19
CA LEU A 45 -8.43 -3.91 0.26
C LEU A 45 -9.61 -4.67 0.82
N GLU A 46 -10.83 -4.28 0.41
CA GLU A 46 -12.02 -4.96 0.89
C GLU A 46 -11.87 -6.47 0.68
N GLU A 47 -11.14 -6.83 -0.37
CA GLU A 47 -10.89 -8.23 -0.70
C GLU A 47 -9.78 -8.82 0.17
N ASN A 48 -8.88 -7.96 0.64
CA ASN A 48 -7.77 -8.39 1.48
C ASN A 48 -7.83 -7.75 2.86
N PRO A 49 -8.73 -8.24 3.73
CA PRO A 49 -8.88 -7.70 5.08
C PRO A 49 -7.65 -7.93 5.95
N GLU A 50 -6.85 -8.92 5.59
CA GLU A 50 -5.63 -9.24 6.32
C GLU A 50 -4.46 -8.38 5.86
N PHE A 51 -4.69 -7.52 4.87
CA PHE A 51 -3.64 -6.68 4.34
C PHE A 51 -3.89 -5.19 4.58
N ALA A 52 -2.82 -4.42 4.48
CA ALA A 52 -2.87 -2.98 4.66
C ALA A 52 -1.86 -2.32 3.73
N VAL A 53 -1.82 -0.99 3.69
CA VAL A 53 -0.89 -0.30 2.80
C VAL A 53 0.33 0.25 3.52
N ALA A 54 1.46 0.28 2.83
CA ALA A 54 2.72 0.77 3.39
C ALA A 54 2.55 2.16 4.02
N PRO A 55 3.37 2.47 5.05
CA PRO A 55 3.33 3.75 5.78
C PRO A 55 3.40 4.98 4.87
N ASP A 56 4.37 5.02 3.97
CA ASP A 56 4.52 6.14 3.05
C ASP A 56 3.36 6.17 2.05
N TRP A 57 2.69 5.04 1.93
CA TRP A 57 1.54 4.95 1.07
C TRP A 57 0.31 5.33 1.87
N THR A 58 0.50 5.50 3.17
CA THR A 58 -0.55 5.94 4.05
C THR A 58 -0.89 7.38 3.67
N ASP A 59 0.16 8.17 3.52
CA ASP A 59 0.01 9.56 3.12
C ASP A 59 -0.35 9.63 1.65
N ILE A 60 0.42 8.94 0.80
CA ILE A 60 0.13 8.95 -0.64
C ILE A 60 -1.31 8.49 -0.90
N VAL A 61 -1.63 7.29 -0.44
CA VAL A 61 -2.97 6.73 -0.62
C VAL A 61 -4.03 7.67 -0.05
N LYS A 62 -3.76 8.25 1.12
CA LYS A 62 -4.70 9.17 1.72
C LYS A 62 -5.09 10.26 0.71
N GLN A 63 -4.09 10.85 0.09
CA GLN A 63 -4.30 11.88 -0.93
C GLN A 63 -4.78 11.26 -2.25
N SER A 64 -4.63 9.94 -2.37
CA SER A 64 -5.02 9.22 -3.58
C SER A 64 -6.40 9.60 -4.09
N GLY A 65 -7.32 9.86 -3.17
CA GLY A 65 -8.66 10.21 -3.57
C GLY A 65 -9.46 8.99 -4.01
N PHE A 66 -8.76 7.88 -4.29
CA PHE A 66 -9.43 6.65 -4.71
C PHE A 66 -9.85 5.85 -3.50
N VAL A 67 -9.14 6.02 -2.39
CA VAL A 67 -9.49 5.29 -1.17
C VAL A 67 -10.27 6.17 -0.21
N PRO A 68 -11.36 5.64 0.40
CA PRO A 68 -12.19 6.39 1.34
C PRO A 68 -11.49 6.64 2.67
N GLU A 69 -11.68 7.85 3.20
CA GLU A 69 -11.08 8.24 4.47
C GLU A 69 -11.37 7.22 5.56
N SER A 70 -12.55 6.60 5.47
CA SER A 70 -12.96 5.59 6.46
C SER A 70 -12.10 4.33 6.34
N MET A 71 -11.29 4.25 5.28
CA MET A 71 -10.42 3.11 5.06
C MET A 71 -8.97 3.45 5.39
N PHE A 72 -8.74 4.72 5.74
CA PHE A 72 -7.39 5.16 6.08
C PHE A 72 -6.83 4.38 7.27
N ASP A 73 -7.72 3.72 8.01
CA ASP A 73 -7.31 2.94 9.17
C ASP A 73 -6.47 1.73 8.74
N ARG A 74 -6.68 1.28 7.52
CA ARG A 74 -5.94 0.14 6.98
C ARG A 74 -4.67 0.59 6.27
N LEU A 75 -4.40 1.88 6.28
CA LEU A 75 -3.22 2.43 5.62
C LEU A 75 -2.01 2.44 6.55
N LEU A 76 -1.95 1.51 7.50
CA LEU A 76 -0.83 1.45 8.43
C LEU A 76 -0.69 2.74 9.22
N THR A 77 -0.02 2.68 10.36
CA THR A 77 0.18 3.85 11.19
C THR A 77 1.62 3.94 11.67
N GLY A 78 2.55 3.52 10.82
CA GLY A 78 3.95 3.56 11.16
C GLY A 78 4.71 2.33 10.67
N PRO A 79 5.64 1.80 11.49
CA PRO A 79 6.45 0.64 11.12
C PRO A 79 5.62 -0.50 10.53
N VAL A 80 6.30 -1.53 10.04
CA VAL A 80 5.67 -2.70 9.45
C VAL A 80 6.57 -3.91 9.59
N VAL A 81 5.99 -5.09 9.49
CA VAL A 81 6.73 -6.33 9.60
C VAL A 81 6.86 -7.02 8.24
N ARG A 82 8.09 -7.10 7.74
CA ARG A 82 8.35 -7.74 6.45
C ARG A 82 9.10 -9.05 6.63
N GLY A 83 8.77 -10.03 5.80
CA GLY A 83 9.44 -11.32 5.88
C GLY A 83 8.74 -12.27 6.83
N GLU A 84 9.53 -13.06 7.55
CA GLU A 84 8.98 -14.01 8.51
C GLU A 84 8.08 -15.04 7.82
N GLY A 85 7.97 -16.21 8.42
CA GLY A 85 7.14 -17.26 7.85
C GLY A 85 6.14 -17.83 8.85
N ALA A 86 5.11 -18.50 8.33
CA ALA A 86 4.09 -19.09 9.18
C ALA A 86 4.36 -20.57 9.42
N SER A 87 4.37 -21.34 8.33
CA SER A 87 4.62 -22.78 8.42
C SER A 87 6.12 -23.07 8.38
N GLY A 1 13.31 0.40 -5.06
CA GLY A 1 11.92 0.89 -4.80
C GLY A 1 10.89 -0.21 -4.91
N SER A 2 11.09 -1.28 -4.14
CA SER A 2 10.16 -2.41 -4.16
C SER A 2 9.34 -2.46 -2.87
N ARG A 3 9.93 -1.97 -1.79
CA ARG A 3 9.26 -1.97 -0.49
C ARG A 3 8.80 -0.57 -0.12
N ASN A 4 9.73 0.39 -0.20
CA ASN A 4 9.43 1.77 0.13
C ASN A 4 9.26 2.61 -1.14
N PRO A 5 8.33 3.58 -1.14
CA PRO A 5 8.07 4.45 -2.28
C PRO A 5 8.99 5.68 -2.31
N ASN A 6 10.21 5.52 -1.76
CA ASN A 6 11.16 6.61 -1.73
C ASN A 6 12.06 6.60 -2.98
N LYS A 7 11.65 5.86 -3.99
CA LYS A 7 12.42 5.78 -5.23
C LYS A 7 11.49 5.80 -6.45
N LEU A 8 10.20 5.95 -6.21
CA LEU A 8 9.20 5.98 -7.29
C LEU A 8 8.74 7.40 -7.58
N ASP A 9 7.54 7.52 -8.13
CA ASP A 9 6.95 8.82 -8.44
C ASP A 9 5.53 8.89 -7.90
N ILE A 10 5.36 9.63 -6.81
CA ILE A 10 4.06 9.76 -6.17
C ILE A 10 3.04 10.51 -7.03
N ASN A 11 3.50 11.24 -8.04
CA ASN A 11 2.60 11.99 -8.90
C ASN A 11 1.78 11.07 -9.81
N THR A 12 2.25 9.84 -10.00
CA THR A 12 1.56 8.89 -10.87
C THR A 12 0.36 8.22 -10.19
N LEU A 13 -0.16 8.84 -9.14
CA LEU A 13 -1.30 8.30 -8.43
C LEU A 13 -2.59 8.68 -9.13
N THR A 14 -2.55 8.82 -10.45
CA THR A 14 -3.74 9.17 -11.21
C THR A 14 -4.63 7.95 -11.42
N GLY A 15 -4.42 6.93 -10.58
CA GLY A 15 -5.20 5.72 -10.68
C GLY A 15 -4.36 4.56 -11.20
N GLU A 16 -3.31 4.90 -11.94
CA GLU A 16 -2.42 3.92 -12.54
C GLU A 16 -1.35 3.40 -11.57
N GLU A 17 -0.88 4.23 -10.65
CA GLU A 17 0.14 3.77 -9.70
C GLU A 17 -0.36 2.65 -8.80
N ARG A 18 0.54 1.72 -8.49
CA ARG A 18 0.22 0.60 -7.61
C ARG A 18 0.79 0.87 -6.23
N VAL A 19 0.11 0.41 -5.19
CA VAL A 19 0.56 0.65 -3.83
C VAL A 19 0.91 -0.64 -3.09
N PRO A 20 2.10 -0.70 -2.46
CA PRO A 20 2.55 -1.88 -1.72
C PRO A 20 1.70 -2.15 -0.48
N VAL A 21 1.29 -3.41 -0.32
CA VAL A 21 0.48 -3.82 0.82
C VAL A 21 1.25 -4.78 1.71
N VAL A 22 1.04 -4.66 3.02
CA VAL A 22 1.72 -5.52 3.98
C VAL A 22 0.70 -6.28 4.83
N ASN A 23 0.84 -7.60 4.87
CA ASN A 23 -0.08 -8.43 5.67
C ASN A 23 0.05 -8.06 7.14
N LYS A 24 -1.09 -7.79 7.76
CA LYS A 24 -1.11 -7.40 9.17
C LYS A 24 -0.65 -8.53 10.09
N ARG A 25 -0.79 -9.77 9.63
CA ARG A 25 -0.40 -10.92 10.46
C ARG A 25 1.00 -11.45 10.12
N ASN A 26 1.18 -11.89 8.88
CA ASN A 26 2.47 -12.45 8.47
C ASN A 26 3.45 -11.39 7.97
N GLY A 27 2.96 -10.18 7.72
CA GLY A 27 3.85 -9.11 7.27
C GLY A 27 4.15 -9.16 5.78
N LYS A 28 3.45 -10.03 5.04
CA LYS A 28 3.66 -10.14 3.60
C LYS A 28 3.62 -8.78 2.92
N LYS A 29 4.75 -8.38 2.34
CA LYS A 29 4.83 -7.09 1.66
C LYS A 29 4.92 -7.29 0.15
N MET A 30 4.09 -6.55 -0.58
CA MET A 30 4.07 -6.65 -2.04
C MET A 30 3.78 -5.29 -2.67
N GLY A 31 4.81 -4.68 -3.25
CA GLY A 31 4.65 -3.37 -3.88
C GLY A 31 5.11 -3.37 -5.33
N GLY A 32 4.16 -3.19 -6.25
CA GLY A 32 4.48 -3.16 -7.66
C GLY A 32 3.34 -3.66 -8.52
N ALA A 33 3.60 -4.69 -9.32
CA ALA A 33 2.58 -5.26 -10.19
C ALA A 33 1.61 -6.13 -9.39
N MET A 34 2.14 -6.87 -8.43
CA MET A 34 1.33 -7.74 -7.59
C MET A 34 0.46 -6.91 -6.64
N ALA A 35 0.96 -5.75 -6.26
CA ALA A 35 0.23 -4.86 -5.36
C ALA A 35 -0.99 -4.24 -6.03
N PRO A 36 -2.01 -3.90 -5.24
CA PRO A 36 -3.26 -3.31 -5.75
C PRO A 36 -3.04 -1.96 -6.43
N PRO A 37 -3.86 -1.65 -7.45
CA PRO A 37 -3.77 -0.38 -8.19
C PRO A 37 -4.59 0.73 -7.53
N MET A 38 -4.05 1.95 -7.58
CA MET A 38 -4.69 3.12 -6.98
C MET A 38 -6.20 3.16 -7.23
N LYS A 39 -6.61 3.08 -8.49
CA LYS A 39 -8.04 3.16 -8.83
C LYS A 39 -8.83 1.94 -8.38
N ASP A 40 -8.17 0.92 -7.83
CA ASP A 40 -8.88 -0.28 -7.37
C ASP A 40 -8.46 -0.69 -5.96
N LEU A 41 -7.66 0.14 -5.31
CA LEU A 41 -7.19 -0.14 -3.96
C LEU A 41 -8.32 -0.54 -3.01
N PRO A 42 -9.49 0.14 -3.07
CA PRO A 42 -10.63 -0.16 -2.19
C PRO A 42 -11.23 -1.53 -2.41
N ARG A 43 -11.10 -2.05 -3.63
CA ARG A 43 -11.62 -3.38 -3.93
C ARG A 43 -10.67 -4.43 -3.40
N TRP A 44 -9.39 -4.23 -3.67
CA TRP A 44 -8.35 -5.13 -3.21
C TRP A 44 -8.21 -5.06 -1.69
N LEU A 45 -8.40 -3.87 -1.13
CA LEU A 45 -8.30 -3.69 0.32
C LEU A 45 -9.52 -4.24 1.02
N GLU A 46 -10.67 -4.24 0.35
CA GLU A 46 -11.87 -4.79 0.93
C GLU A 46 -11.83 -6.31 0.77
N GLU A 47 -11.08 -6.76 -0.24
CA GLU A 47 -10.92 -8.17 -0.53
C GLU A 47 -9.79 -8.79 0.29
N ASN A 48 -8.85 -7.97 0.76
CA ASN A 48 -7.73 -8.46 1.55
C ASN A 48 -7.71 -7.81 2.93
N PRO A 49 -8.56 -8.28 3.86
CA PRO A 49 -8.62 -7.74 5.22
C PRO A 49 -7.35 -8.01 6.00
N GLU A 50 -6.62 -9.04 5.59
CA GLU A 50 -5.36 -9.41 6.25
C GLU A 50 -4.22 -8.52 5.80
N PHE A 51 -4.47 -7.61 4.87
CA PHE A 51 -3.42 -6.73 4.36
C PHE A 51 -3.76 -5.26 4.59
N ALA A 52 -2.72 -4.44 4.56
CA ALA A 52 -2.85 -3.01 4.75
C ALA A 52 -1.86 -2.28 3.85
N VAL A 53 -1.92 -0.95 3.83
CA VAL A 53 -1.04 -0.17 2.96
C VAL A 53 0.20 0.33 3.70
N ALA A 54 1.34 0.31 3.01
CA ALA A 54 2.60 0.76 3.60
C ALA A 54 2.48 2.15 4.23
N PRO A 55 3.31 2.43 5.25
CA PRO A 55 3.29 3.72 5.98
C PRO A 55 3.34 4.94 5.07
N ASP A 56 4.34 5.01 4.20
CA ASP A 56 4.47 6.15 3.28
C ASP A 56 3.33 6.16 2.27
N TRP A 57 2.66 5.02 2.17
CA TRP A 57 1.54 4.92 1.28
C TRP A 57 0.27 5.31 2.02
N THR A 58 0.38 5.47 3.33
CA THR A 58 -0.75 5.93 4.13
C THR A 58 -1.03 7.37 3.72
N ASP A 59 0.05 8.13 3.57
CA ASP A 59 -0.05 9.51 3.15
C ASP A 59 -0.37 9.57 1.67
N ILE A 60 0.41 8.86 0.84
CA ILE A 60 0.16 8.84 -0.59
C ILE A 60 -1.29 8.41 -0.88
N VAL A 61 -1.65 7.22 -0.41
CA VAL A 61 -2.98 6.69 -0.60
C VAL A 61 -4.04 7.66 -0.07
N LYS A 62 -3.79 8.24 1.10
CA LYS A 62 -4.72 9.19 1.66
C LYS A 62 -5.08 10.27 0.64
N GLN A 63 -4.05 10.84 0.02
CA GLN A 63 -4.21 11.86 -1.02
C GLN A 63 -4.69 11.22 -2.34
N SER A 64 -4.57 9.90 -2.44
CA SER A 64 -4.95 9.17 -3.64
C SER A 64 -6.32 9.56 -4.16
N GLY A 65 -7.25 9.78 -3.26
CA GLY A 65 -8.60 10.14 -3.66
C GLY A 65 -9.38 8.93 -4.15
N PHE A 66 -8.68 7.80 -4.37
CA PHE A 66 -9.33 6.58 -4.82
C PHE A 66 -9.78 5.75 -3.64
N VAL A 67 -9.11 5.92 -2.50
CA VAL A 67 -9.49 5.15 -1.31
C VAL A 67 -10.30 6.01 -0.34
N PRO A 68 -11.39 5.48 0.21
CA PRO A 68 -12.24 6.21 1.16
C PRO A 68 -11.54 6.45 2.49
N GLU A 69 -11.66 7.67 2.99
CA GLU A 69 -11.03 8.04 4.27
C GLU A 69 -11.40 7.05 5.37
N SER A 70 -12.56 6.41 5.22
CA SER A 70 -13.02 5.44 6.20
C SER A 70 -12.03 4.29 6.31
N MET A 71 -11.40 3.96 5.19
CA MET A 71 -10.43 2.86 5.16
C MET A 71 -9.02 3.36 5.46
N PHE A 72 -8.87 4.66 5.72
CA PHE A 72 -7.56 5.22 6.03
C PHE A 72 -6.95 4.55 7.26
N ASP A 73 -7.80 3.89 8.06
CA ASP A 73 -7.34 3.22 9.26
C ASP A 73 -6.47 2.01 8.93
N ARG A 74 -6.62 1.49 7.72
CA ARG A 74 -5.84 0.34 7.26
C ARG A 74 -4.57 0.78 6.55
N LEU A 75 -4.35 2.08 6.50
CA LEU A 75 -3.18 2.64 5.83
C LEU A 75 -1.91 2.60 6.71
N LEU A 76 -1.92 1.74 7.72
CA LEU A 76 -0.76 1.62 8.61
C LEU A 76 -0.52 2.91 9.38
N THR A 77 0.18 2.80 10.50
CA THR A 77 0.48 3.96 11.34
C THR A 77 1.98 4.11 11.54
N GLY A 78 2.75 3.79 10.51
CA GLY A 78 4.19 3.92 10.59
C GLY A 78 4.93 2.59 10.45
N PRO A 79 5.21 1.90 11.56
CA PRO A 79 5.92 0.63 11.54
C PRO A 79 5.17 -0.49 10.85
N VAL A 80 5.90 -1.51 10.41
CA VAL A 80 5.34 -2.67 9.73
C VAL A 80 6.29 -3.85 9.86
N VAL A 81 5.73 -5.04 9.66
CA VAL A 81 6.53 -6.26 9.77
C VAL A 81 6.81 -6.86 8.39
N ARG A 82 8.08 -6.88 8.00
CA ARG A 82 8.48 -7.45 6.72
C ARG A 82 9.76 -8.25 6.86
N GLY A 83 9.71 -9.51 6.40
CA GLY A 83 10.87 -10.38 6.48
C GLY A 83 11.07 -11.19 5.22
N GLU A 84 10.10 -12.05 4.91
CA GLU A 84 10.19 -12.89 3.72
C GLU A 84 10.12 -12.04 2.45
N GLY A 85 11.13 -12.19 1.60
CA GLY A 85 11.17 -11.43 0.37
C GLY A 85 12.57 -11.33 -0.22
N ALA A 86 13.52 -10.92 0.62
CA ALA A 86 14.91 -10.79 0.18
C ALA A 86 15.83 -11.65 1.03
N SER A 87 15.72 -11.50 2.35
CA SER A 87 16.55 -12.26 3.27
C SER A 87 15.89 -13.58 3.64
N GLY A 1 7.52 0.18 -7.55
CA GLY A 1 8.96 -0.07 -7.83
C GLY A 1 9.49 -1.31 -7.14
N SER A 2 10.53 -1.14 -6.32
CA SER A 2 11.12 -2.25 -5.60
C SER A 2 10.24 -2.67 -4.43
N ARG A 3 10.07 -1.77 -3.48
CA ARG A 3 9.25 -2.04 -2.30
C ARG A 3 8.69 -0.75 -1.72
N ASN A 4 9.58 0.10 -1.25
CA ASN A 4 9.20 1.38 -0.66
C ASN A 4 9.07 2.46 -1.74
N PRO A 5 8.24 3.49 -1.49
CA PRO A 5 8.02 4.58 -2.43
C PRO A 5 9.04 5.71 -2.27
N ASN A 6 10.26 5.34 -1.87
CA ASN A 6 11.32 6.32 -1.68
C ASN A 6 11.98 6.70 -3.01
N LYS A 7 11.50 6.11 -4.10
CA LYS A 7 12.06 6.40 -5.42
C LYS A 7 10.98 6.36 -6.50
N LEU A 8 9.72 6.49 -6.08
CA LEU A 8 8.60 6.46 -7.01
C LEU A 8 7.85 7.80 -7.00
N ASP A 9 7.90 8.53 -8.12
CA ASP A 9 7.22 9.81 -8.22
C ASP A 9 5.76 9.67 -7.81
N ILE A 10 5.44 10.16 -6.61
CA ILE A 10 4.09 10.07 -6.08
C ILE A 10 3.02 10.71 -6.98
N ASN A 11 3.41 11.29 -8.11
CA ASN A 11 2.44 11.93 -9.00
C ASN A 11 1.71 10.89 -9.86
N THR A 12 2.25 9.68 -9.94
CA THR A 12 1.64 8.62 -10.76
C THR A 12 0.45 7.94 -10.07
N LEU A 13 -0.10 8.60 -9.05
CA LEU A 13 -1.26 8.07 -8.34
C LEU A 13 -2.55 8.46 -9.05
N THR A 14 -2.49 8.59 -10.36
CA THR A 14 -3.68 8.94 -11.13
C THR A 14 -4.58 7.72 -11.32
N GLY A 15 -4.32 6.67 -10.53
CA GLY A 15 -5.10 5.46 -10.63
C GLY A 15 -4.29 4.30 -11.16
N GLU A 16 -3.18 4.62 -11.82
CA GLU A 16 -2.29 3.62 -12.40
C GLU A 16 -1.23 3.12 -11.43
N GLU A 17 -0.80 3.94 -10.47
CA GLU A 17 0.21 3.51 -9.51
C GLU A 17 -0.14 2.18 -8.85
N ARG A 18 0.87 1.38 -8.56
CA ARG A 18 0.69 0.09 -7.90
C ARG A 18 1.07 0.20 -6.43
N VAL A 19 0.07 0.45 -5.59
CA VAL A 19 0.30 0.62 -4.15
C VAL A 19 0.73 -0.66 -3.45
N PRO A 20 1.85 -0.60 -2.70
CA PRO A 20 2.38 -1.75 -1.96
C PRO A 20 1.54 -2.08 -0.73
N VAL A 21 1.31 -3.37 -0.50
CA VAL A 21 0.51 -3.81 0.63
C VAL A 21 1.28 -4.78 1.51
N VAL A 22 1.15 -4.62 2.82
CA VAL A 22 1.82 -5.48 3.78
C VAL A 22 0.81 -6.22 4.65
N ASN A 23 0.95 -7.54 4.76
CA ASN A 23 0.06 -8.32 5.58
C ASN A 23 0.27 -7.98 7.05
N LYS A 24 -0.80 -7.70 7.74
CA LYS A 24 -0.73 -7.32 9.15
C LYS A 24 -0.26 -8.45 10.05
N ARG A 25 -0.50 -9.69 9.64
CA ARG A 25 -0.11 -10.85 10.44
C ARG A 25 1.22 -11.47 10.00
N ASN A 26 1.27 -11.94 8.75
CA ASN A 26 2.50 -12.59 8.25
C ASN A 26 3.53 -11.58 7.73
N GLY A 27 3.13 -10.33 7.55
CA GLY A 27 4.07 -9.32 7.08
C GLY A 27 4.29 -9.34 5.57
N LYS A 28 3.54 -10.17 4.86
CA LYS A 28 3.69 -10.26 3.40
C LYS A 28 3.70 -8.88 2.78
N LYS A 29 4.83 -8.51 2.17
CA LYS A 29 4.97 -7.21 1.53
C LYS A 29 5.05 -7.35 0.02
N MET A 30 4.28 -6.53 -0.69
CA MET A 30 4.26 -6.57 -2.14
C MET A 30 4.23 -5.16 -2.73
N GLY A 31 5.33 -4.77 -3.37
CA GLY A 31 5.44 -3.45 -3.97
C GLY A 31 4.29 -3.14 -4.92
N GLY A 32 4.56 -3.19 -6.22
CA GLY A 32 3.52 -2.90 -7.20
C GLY A 32 3.14 -4.12 -8.02
N ALA A 33 4.08 -5.04 -8.16
CA ALA A 33 3.86 -6.25 -8.95
C ALA A 33 2.54 -6.94 -8.59
N MET A 34 2.49 -7.52 -7.38
CA MET A 34 1.29 -8.21 -6.94
C MET A 34 0.38 -7.32 -6.10
N ALA A 35 0.80 -6.08 -5.86
CA ALA A 35 0.02 -5.16 -5.06
C ALA A 35 -1.09 -4.49 -5.86
N PRO A 36 -2.10 -3.95 -5.16
CA PRO A 36 -3.27 -3.29 -5.78
C PRO A 36 -2.97 -1.92 -6.39
N PRO A 37 -3.75 -1.53 -7.41
CA PRO A 37 -3.60 -0.24 -8.09
C PRO A 37 -4.43 0.86 -7.42
N MET A 38 -3.91 2.09 -7.46
CA MET A 38 -4.57 3.24 -6.85
C MET A 38 -6.07 3.28 -7.14
N LYS A 39 -6.44 3.19 -8.41
CA LYS A 39 -7.85 3.25 -8.80
C LYS A 39 -8.68 2.04 -8.34
N ASP A 40 -8.02 1.03 -7.76
CA ASP A 40 -8.74 -0.16 -7.30
C ASP A 40 -8.40 -0.51 -5.85
N LEU A 41 -7.58 0.30 -5.20
CA LEU A 41 -7.18 0.06 -3.82
C LEU A 41 -8.36 -0.31 -2.91
N PRO A 42 -9.50 0.38 -3.03
CA PRO A 42 -10.67 0.12 -2.19
C PRO A 42 -11.29 -1.27 -2.37
N ARG A 43 -11.20 -1.79 -3.59
CA ARG A 43 -11.73 -3.11 -3.88
C ARG A 43 -10.79 -4.17 -3.32
N TRP A 44 -9.51 -3.98 -3.59
CA TRP A 44 -8.49 -4.90 -3.12
C TRP A 44 -8.34 -4.82 -1.61
N LEU A 45 -8.49 -3.64 -1.03
CA LEU A 45 -8.38 -3.46 0.41
C LEU A 45 -9.61 -4.00 1.12
N GLU A 46 -10.76 -3.99 0.44
CA GLU A 46 -11.97 -4.54 1.02
C GLU A 46 -11.93 -6.07 0.88
N GLU A 47 -11.20 -6.52 -0.14
CA GLU A 47 -11.05 -7.94 -0.43
C GLU A 47 -9.91 -8.56 0.39
N ASN A 48 -8.96 -7.73 0.83
CA ASN A 48 -7.84 -8.22 1.62
C ASN A 48 -7.83 -7.59 3.02
N PRO A 49 -8.72 -8.07 3.91
CA PRO A 49 -8.82 -7.55 5.28
C PRO A 49 -7.57 -7.82 6.10
N GLU A 50 -6.80 -8.83 5.69
CA GLU A 50 -5.58 -9.19 6.41
C GLU A 50 -4.39 -8.35 5.94
N PHE A 51 -4.63 -7.47 4.97
CA PHE A 51 -3.57 -6.64 4.44
C PHE A 51 -3.83 -5.16 4.67
N ALA A 52 -2.75 -4.38 4.58
CA ALA A 52 -2.81 -2.94 4.75
C ALA A 52 -1.87 -2.27 3.75
N VAL A 53 -1.87 -0.95 3.71
CA VAL A 53 -1.01 -0.22 2.79
C VAL A 53 0.25 0.31 3.47
N ALA A 54 1.36 0.31 2.75
CA ALA A 54 2.64 0.77 3.30
C ALA A 54 2.51 2.15 3.95
N PRO A 55 3.38 2.43 4.96
CA PRO A 55 3.39 3.70 5.70
C PRO A 55 3.43 4.94 4.79
N ASP A 56 4.40 4.99 3.90
CA ASP A 56 4.50 6.12 2.97
C ASP A 56 3.35 6.11 1.99
N TRP A 57 2.70 4.96 1.89
CA TRP A 57 1.55 4.82 1.03
C TRP A 57 0.29 5.11 1.81
N THR A 58 0.42 5.14 3.14
CA THR A 58 -0.71 5.47 3.99
C THR A 58 -1.06 6.93 3.73
N ASP A 59 -0.01 7.76 3.67
CA ASP A 59 -0.18 9.17 3.40
C ASP A 59 -0.49 9.37 1.91
N ILE A 60 0.32 8.78 1.03
CA ILE A 60 0.08 8.91 -0.40
C ILE A 60 -1.34 8.46 -0.74
N VAL A 61 -1.67 7.23 -0.37
CA VAL A 61 -2.99 6.67 -0.62
C VAL A 61 -4.06 7.57 -0.02
N LYS A 62 -3.81 8.10 1.17
CA LYS A 62 -4.76 9.00 1.80
C LYS A 62 -5.15 10.11 0.82
N GLN A 63 -4.14 10.73 0.21
CA GLN A 63 -4.34 11.77 -0.79
C GLN A 63 -4.79 11.19 -2.13
N SER A 64 -4.62 9.88 -2.29
CA SER A 64 -4.99 9.18 -3.53
C SER A 64 -6.33 9.62 -4.08
N GLY A 65 -7.27 9.91 -3.20
CA GLY A 65 -8.58 10.30 -3.65
C GLY A 65 -9.42 9.12 -4.10
N PHE A 66 -8.76 7.99 -4.37
CA PHE A 66 -9.47 6.78 -4.81
C PHE A 66 -9.95 5.99 -3.62
N VAL A 67 -9.25 6.10 -2.49
CA VAL A 67 -9.65 5.37 -1.29
C VAL A 67 -10.39 6.29 -0.32
N PRO A 68 -11.53 5.81 0.25
CA PRO A 68 -12.31 6.61 1.19
C PRO A 68 -11.60 6.79 2.52
N GLU A 69 -11.71 8.00 3.07
CA GLU A 69 -11.06 8.33 4.35
C GLU A 69 -11.41 7.32 5.43
N SER A 70 -12.62 6.77 5.36
CA SER A 70 -13.06 5.79 6.34
C SER A 70 -12.18 4.54 6.31
N MET A 71 -11.73 4.16 5.13
CA MET A 71 -10.88 2.99 4.98
C MET A 71 -9.42 3.30 5.28
N PHE A 72 -9.14 4.55 5.61
CA PHE A 72 -7.77 4.95 5.94
C PHE A 72 -7.22 4.09 7.08
N ASP A 73 -8.14 3.47 7.84
CA ASP A 73 -7.74 2.60 8.94
C ASP A 73 -6.90 1.44 8.42
N ARG A 74 -7.09 1.09 7.16
CA ARG A 74 -6.33 0.01 6.52
C ARG A 74 -4.93 0.48 6.14
N LEU A 75 -4.66 1.77 6.35
CA LEU A 75 -3.37 2.36 6.03
C LEU A 75 -2.42 2.24 7.21
N LEU A 76 -1.26 1.63 6.99
CA LEU A 76 -0.26 1.44 8.04
C LEU A 76 -0.04 2.74 8.82
N THR A 77 0.63 2.61 9.96
CA THR A 77 0.94 3.75 10.82
C THR A 77 2.44 3.87 11.03
N GLY A 78 3.20 3.53 9.99
CA GLY A 78 4.64 3.62 10.08
C GLY A 78 5.32 2.26 10.15
N PRO A 79 5.21 1.57 11.30
CA PRO A 79 5.83 0.25 11.50
C PRO A 79 5.27 -0.85 10.60
N VAL A 80 6.18 -1.68 10.11
CA VAL A 80 5.84 -2.82 9.26
C VAL A 80 6.88 -3.92 9.42
N VAL A 81 6.52 -5.15 9.08
CA VAL A 81 7.46 -6.26 9.20
C VAL A 81 7.67 -6.97 7.87
N ARG A 82 8.91 -7.08 7.45
CA ARG A 82 9.26 -7.74 6.19
C ARG A 82 10.65 -8.36 6.26
N GLY A 83 10.70 -9.68 6.33
CA GLY A 83 11.97 -10.38 6.42
C GLY A 83 12.18 -11.34 5.27
N GLU A 84 13.06 -12.32 5.47
CA GLU A 84 13.35 -13.31 4.44
C GLU A 84 12.16 -14.25 4.24
N GLY A 85 11.84 -14.54 2.98
CA GLY A 85 10.74 -15.43 2.69
C GLY A 85 10.26 -15.29 1.25
N ALA A 86 9.37 -14.32 1.01
CA ALA A 86 8.85 -14.09 -0.33
C ALA A 86 9.35 -12.78 -0.90
N SER A 87 10.08 -12.85 -2.01
CA SER A 87 10.62 -11.66 -2.65
C SER A 87 9.80 -11.29 -3.89
N GLY A 1 18.02 -2.20 -8.32
CA GLY A 1 16.93 -2.84 -7.56
C GLY A 1 16.22 -1.88 -6.63
N SER A 2 15.10 -1.35 -7.08
CA SER A 2 14.33 -0.40 -6.28
C SER A 2 12.84 -0.78 -6.27
N ARG A 3 12.05 -0.05 -5.49
CA ARG A 3 10.62 -0.30 -5.38
C ARG A 3 10.00 0.60 -4.32
N ASN A 4 10.77 0.91 -3.28
CA ASN A 4 10.29 1.76 -2.19
C ASN A 4 10.08 3.19 -2.67
N PRO A 5 9.20 3.95 -2.00
CA PRO A 5 8.89 5.34 -2.37
C PRO A 5 10.12 6.24 -2.33
N ASN A 6 11.20 5.76 -1.73
CA ASN A 6 12.44 6.53 -1.61
C ASN A 6 12.90 7.11 -2.95
N LYS A 7 12.47 6.49 -4.06
CA LYS A 7 12.87 6.96 -5.38
C LYS A 7 11.74 6.82 -6.40
N LEU A 8 10.51 6.84 -5.92
CA LEU A 8 9.34 6.72 -6.80
C LEU A 8 8.82 8.09 -7.22
N ASP A 9 7.62 8.11 -7.79
CA ASP A 9 7.00 9.35 -8.24
C ASP A 9 5.52 9.34 -7.86
N ILE A 10 5.20 9.93 -6.72
CA ILE A 10 3.84 9.97 -6.22
C ILE A 10 2.85 10.62 -7.18
N ASN A 11 3.33 11.20 -8.28
CA ASN A 11 2.42 11.84 -9.23
C ASN A 11 1.65 10.81 -10.06
N THR A 12 2.18 9.58 -10.14
CA THR A 12 1.53 8.52 -10.93
C THR A 12 0.35 7.88 -10.20
N LEU A 13 -0.15 8.54 -9.16
CA LEU A 13 -1.30 8.03 -8.42
C LEU A 13 -2.60 8.42 -9.11
N THR A 14 -2.57 8.54 -10.43
CA THR A 14 -3.77 8.90 -11.18
C THR A 14 -4.70 7.69 -11.32
N GLY A 15 -4.44 6.66 -10.53
CA GLY A 15 -5.24 5.45 -10.59
C GLY A 15 -4.44 4.28 -11.11
N GLU A 16 -3.34 4.58 -11.80
CA GLU A 16 -2.48 3.56 -12.38
C GLU A 16 -1.41 3.06 -11.41
N GLU A 17 -0.96 3.90 -10.47
CA GLU A 17 0.06 3.47 -9.51
C GLU A 17 -0.31 2.15 -8.82
N ARG A 18 0.71 1.35 -8.52
CA ARG A 18 0.50 0.07 -7.82
C ARG A 18 0.91 0.21 -6.36
N VAL A 19 -0.06 0.48 -5.51
CA VAL A 19 0.19 0.67 -4.08
C VAL A 19 0.63 -0.62 -3.38
N PRO A 20 1.77 -0.57 -2.66
CA PRO A 20 2.31 -1.72 -1.92
C PRO A 20 1.46 -2.07 -0.70
N VAL A 21 1.19 -3.35 -0.53
CA VAL A 21 0.40 -3.80 0.61
C VAL A 21 1.18 -4.79 1.47
N VAL A 22 1.08 -4.62 2.79
CA VAL A 22 1.77 -5.50 3.71
C VAL A 22 0.78 -6.21 4.63
N ASN A 23 0.95 -7.52 4.76
CA ASN A 23 0.07 -8.31 5.61
C ASN A 23 0.32 -7.96 7.07
N LYS A 24 -0.76 -7.69 7.79
CA LYS A 24 -0.68 -7.30 9.19
C LYS A 24 -0.19 -8.44 10.09
N ARG A 25 -0.47 -9.68 9.69
CA ARG A 25 -0.07 -10.83 10.50
C ARG A 25 1.26 -11.45 10.05
N ASN A 26 1.32 -11.92 8.80
CA ASN A 26 2.53 -12.56 8.29
C ASN A 26 3.56 -11.56 7.79
N GLY A 27 3.15 -10.31 7.59
CA GLY A 27 4.09 -9.29 7.14
C GLY A 27 4.35 -9.33 5.65
N LYS A 28 3.68 -10.22 4.92
CA LYS A 28 3.88 -10.33 3.48
C LYS A 28 3.82 -8.94 2.83
N LYS A 29 4.90 -8.56 2.18
CA LYS A 29 4.97 -7.26 1.53
C LYS A 29 5.01 -7.40 0.01
N MET A 30 4.21 -6.59 -0.66
CA MET A 30 4.14 -6.62 -2.13
C MET A 30 4.11 -5.20 -2.70
N GLY A 31 5.22 -4.80 -3.32
CA GLY A 31 5.31 -3.47 -3.92
C GLY A 31 4.16 -3.17 -4.88
N GLY A 32 4.45 -3.20 -6.17
CA GLY A 32 3.41 -2.91 -7.15
C GLY A 32 3.03 -4.14 -7.97
N ALA A 33 3.97 -5.06 -8.11
CA ALA A 33 3.76 -6.28 -8.89
C ALA A 33 2.45 -6.97 -8.52
N MET A 34 2.39 -7.53 -7.32
CA MET A 34 1.20 -8.24 -6.86
C MET A 34 0.27 -7.34 -6.04
N ALA A 35 0.68 -6.09 -5.82
CA ALA A 35 -0.12 -5.16 -5.03
C ALA A 35 -1.22 -4.50 -5.87
N PRO A 36 -2.24 -3.95 -5.19
CA PRO A 36 -3.39 -3.30 -5.84
C PRO A 36 -3.08 -1.92 -6.41
N PRO A 37 -3.87 -1.49 -7.43
CA PRO A 37 -3.71 -0.19 -8.07
C PRO A 37 -4.51 0.91 -7.37
N MET A 38 -3.98 2.13 -7.43
CA MET A 38 -4.62 3.28 -6.80
C MET A 38 -6.12 3.32 -7.03
N LYS A 39 -6.54 3.22 -8.29
CA LYS A 39 -7.96 3.30 -8.62
C LYS A 39 -8.77 2.07 -8.18
N ASP A 40 -8.11 1.08 -7.57
CA ASP A 40 -8.82 -0.13 -7.13
C ASP A 40 -8.47 -0.51 -5.69
N LEU A 41 -7.60 0.26 -5.04
CA LEU A 41 -7.18 -0.02 -3.67
C LEU A 41 -8.37 -0.37 -2.75
N PRO A 42 -9.48 0.39 -2.83
CA PRO A 42 -10.65 0.16 -1.97
C PRO A 42 -11.32 -1.20 -2.19
N ARG A 43 -11.25 -1.69 -3.43
CA ARG A 43 -11.83 -2.98 -3.75
C ARG A 43 -10.90 -4.08 -3.28
N TRP A 44 -9.64 -3.95 -3.65
CA TRP A 44 -8.62 -4.91 -3.27
C TRP A 44 -8.50 -5.00 -1.75
N LEU A 45 -8.55 -3.84 -1.08
CA LEU A 45 -8.46 -3.83 0.36
C LEU A 45 -9.64 -4.58 0.94
N GLU A 46 -10.86 -4.17 0.56
CA GLU A 46 -12.06 -4.85 1.05
C GLU A 46 -11.93 -6.36 0.82
N GLU A 47 -11.20 -6.72 -0.24
CA GLU A 47 -10.98 -8.11 -0.59
C GLU A 47 -9.87 -8.72 0.27
N ASN A 48 -8.95 -7.88 0.75
CA ASN A 48 -7.84 -8.35 1.56
C ASN A 48 -7.86 -7.69 2.94
N PRO A 49 -8.74 -8.15 3.85
CA PRO A 49 -8.87 -7.59 5.20
C PRO A 49 -7.62 -7.83 6.04
N GLU A 50 -6.81 -8.80 5.65
CA GLU A 50 -5.58 -9.12 6.39
C GLU A 50 -4.41 -8.28 5.90
N PHE A 51 -4.64 -7.45 4.90
CA PHE A 51 -3.58 -6.61 4.34
C PHE A 51 -3.86 -5.14 4.56
N ALA A 52 -2.78 -4.35 4.49
CA ALA A 52 -2.86 -2.91 4.66
C ALA A 52 -1.91 -2.23 3.69
N VAL A 53 -1.92 -0.90 3.65
CA VAL A 53 -1.04 -0.16 2.76
C VAL A 53 0.20 0.35 3.48
N ALA A 54 1.34 0.32 2.79
CA ALA A 54 2.61 0.77 3.37
C ALA A 54 2.48 2.16 4.00
N PRO A 55 3.33 2.45 5.02
CA PRO A 55 3.33 3.73 5.74
C PRO A 55 3.41 4.96 4.83
N ASP A 56 4.38 4.96 3.91
CA ASP A 56 4.52 6.07 2.98
C ASP A 56 3.36 6.07 1.99
N TRP A 57 2.70 4.94 1.89
CA TRP A 57 1.54 4.81 1.03
C TRP A 57 0.29 5.09 1.82
N THR A 58 0.44 5.13 3.15
CA THR A 58 -0.67 5.46 4.02
C THR A 58 -1.02 6.91 3.76
N ASP A 59 0.02 7.74 3.67
CA ASP A 59 -0.14 9.15 3.39
C ASP A 59 -0.46 9.34 1.91
N ILE A 60 0.35 8.74 1.03
CA ILE A 60 0.10 8.85 -0.41
C ILE A 60 -1.33 8.41 -0.74
N VAL A 61 -1.66 7.17 -0.37
CA VAL A 61 -2.98 6.63 -0.61
C VAL A 61 -4.05 7.54 0.00
N LYS A 62 -3.77 8.06 1.20
CA LYS A 62 -4.73 8.96 1.84
C LYS A 62 -5.13 10.07 0.87
N GLN A 63 -4.12 10.71 0.28
CA GLN A 63 -4.35 11.77 -0.71
C GLN A 63 -4.79 11.20 -2.07
N SER A 64 -4.61 9.89 -2.24
CA SER A 64 -4.96 9.20 -3.49
C SER A 64 -6.30 9.67 -4.06
N GLY A 65 -7.23 9.99 -3.17
CA GLY A 65 -8.54 10.41 -3.62
C GLY A 65 -9.40 9.25 -4.08
N PHE A 66 -8.77 8.09 -4.33
CA PHE A 66 -9.50 6.91 -4.76
C PHE A 66 -10.01 6.13 -3.57
N VAL A 67 -9.28 6.20 -2.46
CA VAL A 67 -9.69 5.49 -1.26
C VAL A 67 -10.43 6.41 -0.29
N PRO A 68 -11.58 5.97 0.25
CA PRO A 68 -12.37 6.77 1.18
C PRO A 68 -11.65 6.95 2.52
N GLU A 69 -11.78 8.14 3.10
CA GLU A 69 -11.13 8.45 4.37
C GLU A 69 -11.44 7.39 5.42
N SER A 70 -12.63 6.83 5.36
CA SER A 70 -13.03 5.79 6.31
C SER A 70 -12.16 4.55 6.17
N MET A 71 -11.71 4.28 4.95
CA MET A 71 -10.87 3.12 4.67
C MET A 71 -9.42 3.39 5.06
N PHE A 72 -9.12 4.62 5.47
CA PHE A 72 -7.76 4.98 5.87
C PHE A 72 -7.27 4.08 7.01
N ASP A 73 -8.20 3.42 7.69
CA ASP A 73 -7.86 2.53 8.79
C ASP A 73 -7.00 1.36 8.28
N ARG A 74 -7.18 1.02 7.00
CA ARG A 74 -6.43 -0.07 6.39
C ARG A 74 -5.01 0.38 6.03
N LEU A 75 -4.73 1.66 6.25
CA LEU A 75 -3.41 2.21 5.95
C LEU A 75 -2.50 2.09 7.16
N LEU A 76 -1.35 1.44 6.98
CA LEU A 76 -0.38 1.25 8.06
C LEU A 76 -0.18 2.53 8.87
N THR A 77 0.44 2.38 10.03
CA THR A 77 0.70 3.52 10.89
C THR A 77 2.20 3.82 10.92
N GLY A 78 3.01 2.77 10.81
CA GLY A 78 4.45 2.95 10.82
C GLY A 78 5.23 1.64 10.76
N PRO A 79 4.95 0.69 11.68
CA PRO A 79 5.66 -0.59 11.72
C PRO A 79 5.27 -1.55 10.60
N VAL A 80 6.28 -2.11 9.94
CA VAL A 80 6.11 -3.06 8.86
C VAL A 80 7.38 -3.88 8.67
N VAL A 81 7.26 -5.05 8.03
CA VAL A 81 8.40 -5.91 7.80
C VAL A 81 8.55 -6.25 6.31
N ARG A 82 9.73 -6.00 5.76
CA ARG A 82 10.00 -6.28 4.36
C ARG A 82 11.44 -6.74 4.17
N GLY A 83 11.61 -8.02 3.84
CA GLY A 83 12.95 -8.55 3.63
C GLY A 83 13.31 -8.65 2.16
N GLU A 84 13.33 -7.51 1.49
CA GLU A 84 13.66 -7.46 0.06
C GLU A 84 14.35 -6.15 -0.30
N GLY A 85 15.63 -6.22 -0.64
CA GLY A 85 16.37 -5.04 -1.00
C GLY A 85 16.96 -4.33 0.21
N ALA A 86 18.18 -4.70 0.56
CA ALA A 86 18.87 -4.10 1.71
C ALA A 86 20.06 -3.27 1.26
N SER A 87 20.92 -3.88 0.45
CA SER A 87 22.11 -3.18 -0.05
C SER A 87 23.01 -2.75 1.10
N GLY A 1 15.82 2.30 -5.53
CA GLY A 1 14.40 2.48 -5.93
C GLY A 1 13.69 1.16 -6.18
N SER A 2 13.46 0.41 -5.11
CA SER A 2 12.78 -0.89 -5.23
C SER A 2 11.85 -1.12 -4.04
N ARG A 3 10.57 -1.27 -4.31
CA ARG A 3 9.58 -1.50 -3.27
C ARG A 3 9.32 -0.22 -2.49
N ASN A 4 10.34 0.26 -1.80
CA ASN A 4 10.23 1.48 -1.01
C ASN A 4 9.76 2.66 -1.87
N PRO A 5 8.62 3.28 -1.50
CA PRO A 5 8.06 4.41 -2.23
C PRO A 5 8.91 5.68 -2.18
N ASN A 6 10.06 5.62 -1.51
CA ASN A 6 10.93 6.79 -1.42
C ASN A 6 11.70 7.02 -2.72
N LYS A 7 11.35 6.28 -3.77
CA LYS A 7 12.03 6.43 -5.06
C LYS A 7 11.03 6.33 -6.22
N LEU A 8 9.74 6.40 -5.91
CA LEU A 8 8.70 6.32 -6.95
C LEU A 8 7.90 7.61 -7.00
N ASP A 9 7.93 8.29 -8.14
CA ASP A 9 7.20 9.55 -8.32
C ASP A 9 5.76 9.40 -7.85
N ILE A 10 5.47 9.99 -6.69
CA ILE A 10 4.14 9.94 -6.11
C ILE A 10 3.08 10.61 -6.98
N ASN A 11 3.47 11.22 -8.09
CA ASN A 11 2.49 11.89 -8.95
C ASN A 11 1.72 10.88 -9.82
N THR A 12 2.24 9.66 -9.94
CA THR A 12 1.59 8.63 -10.76
C THR A 12 0.37 8.02 -10.08
N LEU A 13 -0.17 8.69 -9.07
CA LEU A 13 -1.34 8.20 -8.38
C LEU A 13 -2.61 8.58 -9.11
N THR A 14 -2.52 8.71 -10.42
CA THR A 14 -3.69 9.06 -11.23
C THR A 14 -4.60 7.85 -11.39
N GLY A 15 -4.30 6.78 -10.65
CA GLY A 15 -5.10 5.57 -10.73
C GLY A 15 -4.28 4.38 -11.19
N GLU A 16 -3.10 4.66 -11.75
CA GLU A 16 -2.23 3.63 -12.27
C GLU A 16 -1.15 3.19 -11.28
N GLU A 17 -0.76 4.05 -10.33
CA GLU A 17 0.26 3.69 -9.35
C GLU A 17 -0.05 2.33 -8.71
N ARG A 18 1.02 1.57 -8.40
CA ARG A 18 0.87 0.27 -7.77
C ARG A 18 1.16 0.37 -6.27
N VAL A 19 0.11 0.54 -5.49
CA VAL A 19 0.23 0.68 -4.04
C VAL A 19 0.64 -0.63 -3.36
N PRO A 20 1.85 -0.66 -2.75
CA PRO A 20 2.36 -1.84 -2.04
C PRO A 20 1.56 -2.13 -0.77
N VAL A 21 1.23 -3.40 -0.55
CA VAL A 21 0.47 -3.80 0.63
C VAL A 21 1.24 -4.81 1.47
N VAL A 22 1.06 -4.70 2.78
CA VAL A 22 1.72 -5.60 3.71
C VAL A 22 0.72 -6.28 4.62
N ASN A 23 0.88 -7.59 4.79
CA ASN A 23 -0.01 -8.35 5.66
C ASN A 23 0.22 -7.95 7.11
N LYS A 24 -0.85 -7.63 7.81
CA LYS A 24 -0.78 -7.21 9.19
C LYS A 24 -0.32 -8.33 10.12
N ARG A 25 -0.56 -9.58 9.73
CA ARG A 25 -0.20 -10.72 10.57
C ARG A 25 1.13 -11.35 10.15
N ASN A 26 1.20 -11.85 8.92
CA ASN A 26 2.41 -12.52 8.44
C ASN A 26 3.45 -11.53 7.89
N GLY A 27 3.04 -10.29 7.65
CA GLY A 27 3.98 -9.30 7.15
C GLY A 27 4.21 -9.37 5.64
N LYS A 28 3.47 -10.22 4.95
CA LYS A 28 3.62 -10.37 3.50
C LYS A 28 3.64 -8.99 2.84
N LYS A 29 4.75 -8.65 2.19
CA LYS A 29 4.88 -7.35 1.53
C LYS A 29 4.91 -7.51 0.02
N MET A 30 4.11 -6.71 -0.66
CA MET A 30 4.05 -6.74 -2.12
C MET A 30 4.01 -5.33 -2.70
N GLY A 31 5.12 -4.90 -3.28
CA GLY A 31 5.20 -3.59 -3.88
C GLY A 31 5.44 -3.65 -5.37
N GLY A 32 4.39 -3.47 -6.16
CA GLY A 32 4.52 -3.51 -7.61
C GLY A 32 3.27 -4.04 -8.28
N ALA A 33 3.45 -4.92 -9.26
CA ALA A 33 2.32 -5.50 -9.97
C ALA A 33 1.46 -6.34 -9.03
N MET A 34 2.11 -7.05 -8.12
CA MET A 34 1.41 -7.88 -7.15
C MET A 34 0.53 -7.02 -6.25
N ALA A 35 0.99 -5.81 -5.96
CA ALA A 35 0.25 -4.89 -5.12
C ALA A 35 -0.93 -4.26 -5.85
N PRO A 36 -1.96 -3.85 -5.10
CA PRO A 36 -3.17 -3.23 -5.67
C PRO A 36 -2.92 -1.88 -6.33
N PRO A 37 -3.72 -1.54 -7.37
CA PRO A 37 -3.61 -0.28 -8.09
C PRO A 37 -4.45 0.83 -7.45
N MET A 38 -3.94 2.05 -7.50
CA MET A 38 -4.61 3.20 -6.90
C MET A 38 -6.11 3.23 -7.20
N LYS A 39 -6.47 3.15 -8.48
CA LYS A 39 -7.87 3.21 -8.88
C LYS A 39 -8.69 1.98 -8.45
N ASP A 40 -8.06 0.98 -7.85
CA ASP A 40 -8.79 -0.21 -7.41
C ASP A 40 -8.46 -0.58 -5.96
N LEU A 41 -7.64 0.25 -5.31
CA LEU A 41 -7.23 0.00 -3.93
C LEU A 41 -8.40 -0.43 -3.03
N PRO A 42 -9.56 0.25 -3.12
CA PRO A 42 -10.73 -0.06 -2.29
C PRO A 42 -11.29 -1.46 -2.52
N ARG A 43 -11.16 -1.95 -3.74
CA ARG A 43 -11.64 -3.29 -4.07
C ARG A 43 -10.69 -4.33 -3.48
N TRP A 44 -9.41 -4.12 -3.74
CA TRP A 44 -8.38 -5.02 -3.24
C TRP A 44 -8.29 -4.95 -1.72
N LEU A 45 -8.48 -3.76 -1.16
CA LEU A 45 -8.42 -3.58 0.30
C LEU A 45 -9.66 -4.13 0.97
N GLU A 46 -10.78 -4.17 0.25
CA GLU A 46 -12.00 -4.74 0.81
C GLU A 46 -11.92 -6.25 0.70
N GLU A 47 -11.15 -6.70 -0.30
CA GLU A 47 -10.96 -8.13 -0.55
C GLU A 47 -9.84 -8.71 0.32
N ASN A 48 -8.94 -7.85 0.80
CA ASN A 48 -7.83 -8.32 1.63
C ASN A 48 -7.87 -7.66 3.01
N PRO A 49 -8.76 -8.15 3.90
CA PRO A 49 -8.89 -7.60 5.26
C PRO A 49 -7.65 -7.84 6.11
N GLU A 50 -6.86 -8.84 5.73
CA GLU A 50 -5.64 -9.17 6.46
C GLU A 50 -4.46 -8.33 5.99
N PHE A 51 -4.68 -7.48 5.00
CA PHE A 51 -3.61 -6.65 4.46
C PHE A 51 -3.88 -5.16 4.67
N ALA A 52 -2.82 -4.38 4.56
CA ALA A 52 -2.90 -2.94 4.70
C ALA A 52 -1.94 -2.25 3.73
N VAL A 53 -1.97 -0.93 3.69
CA VAL A 53 -1.10 -0.19 2.78
C VAL A 53 0.16 0.31 3.47
N ALA A 54 1.29 0.27 2.76
CA ALA A 54 2.57 0.70 3.33
C ALA A 54 2.46 2.09 3.96
N PRO A 55 3.33 2.37 4.97
CA PRO A 55 3.34 3.64 5.70
C PRO A 55 3.39 4.87 4.78
N ASP A 56 4.38 4.91 3.89
CA ASP A 56 4.51 6.04 2.97
C ASP A 56 3.33 6.06 2.00
N TRP A 57 2.65 4.93 1.92
CA TRP A 57 1.50 4.83 1.07
C TRP A 57 0.25 5.18 1.88
N THR A 58 0.41 5.28 3.19
CA THR A 58 -0.69 5.69 4.05
C THR A 58 -1.01 7.14 3.71
N ASP A 59 0.05 7.95 3.58
CA ASP A 59 -0.11 9.34 3.23
C ASP A 59 -0.43 9.47 1.75
N ILE A 60 0.36 8.81 0.90
CA ILE A 60 0.09 8.86 -0.54
C ILE A 60 -1.34 8.40 -0.84
N VAL A 61 -1.67 7.19 -0.41
CA VAL A 61 -3.00 6.64 -0.61
C VAL A 61 -4.06 7.59 -0.05
N LYS A 62 -3.79 8.16 1.13
CA LYS A 62 -4.73 9.09 1.73
C LYS A 62 -5.14 10.16 0.71
N GLN A 63 -4.13 10.77 0.09
CA GLN A 63 -4.35 11.77 -0.94
C GLN A 63 -4.81 11.16 -2.26
N SER A 64 -4.63 9.83 -2.39
CA SER A 64 -5.00 9.10 -3.59
C SER A 64 -6.36 9.50 -4.15
N GLY A 65 -7.30 9.77 -3.25
CA GLY A 65 -8.64 10.13 -3.70
C GLY A 65 -9.44 8.91 -4.13
N PHE A 66 -8.75 7.78 -4.37
CA PHE A 66 -9.44 6.55 -4.77
C PHE A 66 -9.88 5.77 -3.56
N VAL A 67 -9.17 5.92 -2.44
CA VAL A 67 -9.53 5.19 -1.22
C VAL A 67 -10.32 6.08 -0.25
N PRO A 68 -11.40 5.55 0.35
CA PRO A 68 -12.22 6.31 1.30
C PRO A 68 -11.53 6.54 2.63
N GLU A 69 -11.70 7.75 3.17
CA GLU A 69 -11.10 8.13 4.44
C GLU A 69 -11.43 7.10 5.54
N SER A 70 -12.60 6.48 5.42
CA SER A 70 -13.03 5.47 6.38
C SER A 70 -12.16 4.22 6.31
N MET A 71 -11.28 4.16 5.32
CA MET A 71 -10.38 3.03 5.16
C MET A 71 -8.94 3.43 5.45
N PHE A 72 -8.73 4.71 5.74
CA PHE A 72 -7.39 5.21 6.04
C PHE A 72 -6.82 4.51 7.28
N ASP A 73 -7.68 3.86 8.05
CA ASP A 73 -7.25 3.15 9.25
C ASP A 73 -6.39 1.93 8.90
N ARG A 74 -6.58 1.40 7.70
CA ARG A 74 -5.82 0.24 7.24
C ARG A 74 -4.58 0.67 6.46
N LEU A 75 -4.38 1.98 6.34
CA LEU A 75 -3.25 2.53 5.61
C LEU A 75 -1.95 2.44 6.42
N LEU A 76 -2.01 1.83 7.61
CA LEU A 76 -0.83 1.67 8.46
C LEU A 76 -0.45 3.00 9.12
N THR A 77 0.38 2.90 10.15
CA THR A 77 0.84 4.07 10.88
C THR A 77 2.35 4.04 11.08
N GLY A 78 3.06 3.51 10.09
CA GLY A 78 4.51 3.45 10.18
C GLY A 78 5.06 2.04 10.29
N PRO A 79 4.76 1.33 11.40
CA PRO A 79 5.27 -0.03 11.63
C PRO A 79 4.80 -1.06 10.61
N VAL A 80 5.75 -1.83 10.10
CA VAL A 80 5.50 -2.88 9.13
C VAL A 80 6.52 -4.00 9.29
N VAL A 81 6.13 -5.23 8.98
CA VAL A 81 7.04 -6.36 9.09
C VAL A 81 7.34 -6.97 7.73
N ARG A 82 8.61 -6.94 7.34
CA ARG A 82 9.03 -7.48 6.06
C ARG A 82 9.62 -8.88 6.22
N GLY A 83 9.76 -9.59 5.11
CA GLY A 83 10.31 -10.93 5.15
C GLY A 83 11.82 -10.95 5.04
N GLU A 84 12.34 -10.29 4.02
CA GLU A 84 13.79 -10.23 3.80
C GLU A 84 14.41 -9.13 4.66
N GLY A 85 15.57 -9.43 5.24
CA GLY A 85 16.26 -8.46 6.06
C GLY A 85 17.68 -8.88 6.41
N ALA A 86 18.64 -7.98 6.15
CA ALA A 86 20.03 -8.27 6.42
C ALA A 86 20.72 -7.07 7.06
N SER A 87 21.64 -7.34 7.99
CA SER A 87 22.36 -6.28 8.67
C SER A 87 21.40 -5.36 9.44
N GLY A 1 15.42 -1.43 -1.32
CA GLY A 1 14.22 -2.26 -1.63
C GLY A 1 14.12 -2.57 -3.12
N SER A 2 12.91 -2.47 -3.65
CA SER A 2 12.68 -2.75 -5.07
C SER A 2 11.80 -1.68 -5.70
N ARG A 3 10.69 -1.38 -5.05
CA ARG A 3 9.76 -0.36 -5.53
C ARG A 3 9.25 0.49 -4.38
N ASN A 4 10.16 0.87 -3.49
CA ASN A 4 9.81 1.69 -2.33
C ASN A 4 9.45 3.11 -2.75
N PRO A 5 8.70 3.83 -1.89
CA PRO A 5 8.28 5.21 -2.16
C PRO A 5 9.46 6.17 -2.32
N ASN A 6 10.65 5.72 -1.89
CA ASN A 6 11.85 6.54 -1.98
C ASN A 6 12.42 6.58 -3.39
N LYS A 7 11.67 6.05 -4.37
CA LYS A 7 12.14 6.05 -5.76
C LYS A 7 10.97 6.07 -6.74
N LEU A 8 9.76 6.31 -6.24
CA LEU A 8 8.57 6.35 -7.08
C LEU A 8 7.88 7.71 -7.01
N ASP A 9 7.84 8.41 -8.13
CA ASP A 9 7.20 9.73 -8.18
C ASP A 9 5.73 9.61 -7.81
N ILE A 10 5.38 10.14 -6.65
CA ILE A 10 4.02 10.08 -6.14
C ILE A 10 2.99 10.73 -7.06
N ASN A 11 3.41 11.29 -8.19
CA ASN A 11 2.46 11.94 -9.09
C ASN A 11 1.70 10.91 -9.93
N THR A 12 2.23 9.69 -10.04
CA THR A 12 1.60 8.63 -10.83
C THR A 12 0.40 7.99 -10.11
N LEU A 13 -0.13 8.66 -9.09
CA LEU A 13 -1.27 8.15 -8.36
C LEU A 13 -2.57 8.52 -9.06
N THR A 14 -2.54 8.62 -10.38
CA THR A 14 -3.74 8.95 -11.14
C THR A 14 -4.64 7.73 -11.28
N GLY A 15 -4.38 6.70 -10.48
CA GLY A 15 -5.15 5.48 -10.53
C GLY A 15 -4.34 4.31 -11.06
N GLU A 16 -3.24 4.64 -11.75
CA GLU A 16 -2.37 3.63 -12.35
C GLU A 16 -1.30 3.14 -11.38
N GLU A 17 -0.85 3.99 -10.45
CA GLU A 17 0.17 3.58 -9.48
C GLU A 17 -0.17 2.24 -8.81
N ARG A 18 0.86 1.44 -8.55
CA ARG A 18 0.70 0.15 -7.89
C ARG A 18 1.08 0.27 -6.42
N VAL A 19 0.09 0.48 -5.56
CA VAL A 19 0.32 0.66 -4.14
C VAL A 19 0.75 -0.63 -3.44
N PRO A 20 1.87 -0.57 -2.67
CA PRO A 20 2.38 -1.73 -1.92
C PRO A 20 1.52 -2.07 -0.72
N VAL A 21 1.23 -3.36 -0.55
CA VAL A 21 0.42 -3.81 0.57
C VAL A 21 1.19 -4.82 1.40
N VAL A 22 1.08 -4.68 2.71
CA VAL A 22 1.76 -5.59 3.62
C VAL A 22 0.77 -6.26 4.57
N ASN A 23 0.93 -7.56 4.73
CA ASN A 23 0.08 -8.34 5.62
C ASN A 23 0.34 -7.92 7.06
N LYS A 24 -0.73 -7.61 7.78
CA LYS A 24 -0.62 -7.18 9.17
C LYS A 24 -0.13 -8.28 10.09
N ARG A 25 -0.37 -9.54 9.72
CA ARG A 25 0.03 -10.66 10.56
C ARG A 25 1.36 -11.30 10.12
N ASN A 26 1.39 -11.82 8.89
CA ASN A 26 2.60 -12.48 8.38
C ASN A 26 3.64 -11.49 7.86
N GLY A 27 3.24 -10.24 7.64
CA GLY A 27 4.18 -9.25 7.15
C GLY A 27 4.42 -9.31 5.65
N LYS A 28 3.75 -10.22 4.95
CA LYS A 28 3.93 -10.34 3.50
C LYS A 28 3.84 -8.98 2.85
N LYS A 29 4.92 -8.57 2.18
CA LYS A 29 4.98 -7.28 1.52
C LYS A 29 5.02 -7.43 0.00
N MET A 30 4.23 -6.61 -0.68
CA MET A 30 4.18 -6.64 -2.13
C MET A 30 4.15 -5.22 -2.71
N GLY A 31 5.26 -4.82 -3.32
CA GLY A 31 5.36 -3.50 -3.92
C GLY A 31 4.23 -3.20 -4.89
N GLY A 32 4.53 -3.24 -6.19
CA GLY A 32 3.50 -2.96 -7.18
C GLY A 32 3.14 -4.19 -8.01
N ALA A 33 4.09 -5.10 -8.15
CA ALA A 33 3.90 -6.30 -8.95
C ALA A 33 2.59 -7.02 -8.59
N MET A 34 2.51 -7.54 -7.36
CA MET A 34 1.31 -8.25 -6.93
C MET A 34 0.37 -7.37 -6.10
N ALA A 35 0.75 -6.11 -5.89
CA ALA A 35 -0.05 -5.20 -5.10
C ALA A 35 -1.15 -4.53 -5.93
N PRO A 36 -2.16 -3.96 -5.26
CA PRO A 36 -3.30 -3.30 -5.90
C PRO A 36 -2.98 -1.90 -6.46
N PRO A 37 -3.76 -1.47 -7.47
CA PRO A 37 -3.60 -0.17 -8.10
C PRO A 37 -4.40 0.92 -7.39
N MET A 38 -3.88 2.14 -7.42
CA MET A 38 -4.53 3.28 -6.77
C MET A 38 -6.03 3.32 -7.00
N LYS A 39 -6.44 3.21 -8.27
CA LYS A 39 -7.87 3.29 -8.61
C LYS A 39 -8.69 2.09 -8.15
N ASP A 40 -8.05 1.09 -7.54
CA ASP A 40 -8.78 -0.10 -7.07
C ASP A 40 -8.43 -0.47 -5.63
N LEU A 41 -7.54 0.29 -5.01
CA LEU A 41 -7.12 0.03 -3.63
C LEU A 41 -8.30 -0.31 -2.71
N PRO A 42 -9.42 0.43 -2.80
CA PRO A 42 -10.59 0.19 -1.94
C PRO A 42 -11.25 -1.17 -2.19
N ARG A 43 -11.19 -1.63 -3.43
CA ARG A 43 -11.76 -2.92 -3.78
C ARG A 43 -10.83 -4.02 -3.29
N TRP A 44 -9.57 -3.92 -3.68
CA TRP A 44 -8.56 -4.89 -3.28
C TRP A 44 -8.46 -4.97 -1.78
N LEU A 45 -8.45 -3.82 -1.10
CA LEU A 45 -8.37 -3.82 0.35
C LEU A 45 -9.56 -4.56 0.93
N GLU A 46 -10.77 -4.16 0.54
CA GLU A 46 -11.97 -4.83 1.02
C GLU A 46 -11.84 -6.34 0.82
N GLU A 47 -11.14 -6.72 -0.24
CA GLU A 47 -10.91 -8.12 -0.56
C GLU A 47 -9.79 -8.71 0.29
N ASN A 48 -8.88 -7.87 0.74
CA ASN A 48 -7.76 -8.32 1.57
C ASN A 48 -7.82 -7.67 2.95
N PRO A 49 -8.70 -8.16 3.83
CA PRO A 49 -8.87 -7.63 5.19
C PRO A 49 -7.63 -7.84 6.06
N GLU A 50 -6.81 -8.81 5.70
CA GLU A 50 -5.60 -9.11 6.45
C GLU A 50 -4.43 -8.26 5.98
N PHE A 51 -4.65 -7.45 4.95
CA PHE A 51 -3.59 -6.61 4.40
C PHE A 51 -3.87 -5.13 4.61
N ALA A 52 -2.80 -4.35 4.52
CA ALA A 52 -2.88 -2.91 4.67
C ALA A 52 -1.92 -2.24 3.71
N VAL A 53 -1.93 -0.91 3.65
CA VAL A 53 -1.05 -0.19 2.74
C VAL A 53 0.18 0.33 3.47
N ALA A 54 1.33 0.30 2.80
CA ALA A 54 2.59 0.75 3.40
C ALA A 54 2.45 2.14 4.04
N PRO A 55 3.27 2.42 5.06
CA PRO A 55 3.25 3.70 5.80
C PRO A 55 3.36 4.92 4.87
N ASP A 56 4.33 4.92 3.99
CA ASP A 56 4.50 6.03 3.06
C ASP A 56 3.36 6.05 2.04
N TRP A 57 2.70 4.92 1.93
CA TRP A 57 1.56 4.80 1.05
C TRP A 57 0.28 5.07 1.83
N THR A 58 0.40 5.11 3.16
CA THR A 58 -0.73 5.43 3.98
C THR A 58 -1.06 6.89 3.75
N ASP A 59 0.00 7.71 3.69
CA ASP A 59 -0.15 9.12 3.42
C ASP A 59 -0.46 9.34 1.94
N ILE A 60 0.35 8.74 1.06
CA ILE A 60 0.11 8.88 -0.38
C ILE A 60 -1.30 8.41 -0.72
N VAL A 61 -1.61 7.17 -0.37
CA VAL A 61 -2.94 6.62 -0.64
C VAL A 61 -4.02 7.51 -0.03
N LYS A 62 -3.76 8.04 1.16
CA LYS A 62 -4.71 8.92 1.80
C LYS A 62 -5.10 10.03 0.83
N GLN A 63 -4.10 10.68 0.24
CA GLN A 63 -4.31 11.74 -0.74
C GLN A 63 -4.76 11.18 -2.09
N SER A 64 -4.59 9.88 -2.28
CA SER A 64 -4.95 9.20 -3.53
C SER A 64 -6.29 9.65 -4.08
N GLY A 65 -7.20 10.00 -3.19
CA GLY A 65 -8.52 10.42 -3.62
C GLY A 65 -9.38 9.24 -4.05
N PHE A 66 -8.76 8.10 -4.34
CA PHE A 66 -9.50 6.90 -4.74
C PHE A 66 -9.97 6.13 -3.53
N VAL A 67 -9.22 6.22 -2.43
CA VAL A 67 -9.60 5.51 -1.22
C VAL A 67 -10.39 6.42 -0.28
N PRO A 68 -11.53 5.94 0.26
CA PRO A 68 -12.35 6.72 1.18
C PRO A 68 -11.67 6.95 2.51
N GLU A 69 -11.85 8.14 3.08
CA GLU A 69 -11.23 8.50 4.35
C GLU A 69 -11.50 7.43 5.41
N SER A 70 -12.67 6.81 5.35
CA SER A 70 -13.04 5.78 6.31
C SER A 70 -12.12 4.56 6.17
N MET A 71 -11.67 4.31 4.95
CA MET A 71 -10.79 3.17 4.68
C MET A 71 -9.34 3.48 5.08
N PHE A 72 -9.09 4.71 5.51
CA PHE A 72 -7.75 5.11 5.92
C PHE A 72 -7.24 4.23 7.06
N ASP A 73 -8.16 3.52 7.72
CA ASP A 73 -7.79 2.64 8.82
C ASP A 73 -6.95 1.47 8.31
N ARG A 74 -7.16 1.10 7.05
CA ARG A 74 -6.40 0.00 6.45
C ARG A 74 -5.01 0.46 6.05
N LEU A 75 -4.73 1.74 6.22
CA LEU A 75 -3.42 2.30 5.89
C LEU A 75 -2.47 2.17 7.06
N LEU A 76 -1.30 1.58 6.81
CA LEU A 76 -0.29 1.38 7.84
C LEU A 76 -0.18 2.58 8.78
N THR A 77 0.11 2.30 10.05
CA THR A 77 0.25 3.36 11.05
C THR A 77 1.38 3.02 12.00
N GLY A 78 2.32 2.20 11.54
CA GLY A 78 3.45 1.83 12.37
C GLY A 78 4.59 1.22 11.58
N PRO A 79 5.07 0.03 11.97
CA PRO A 79 6.17 -0.65 11.31
C PRO A 79 5.73 -1.63 10.22
N VAL A 80 6.73 -2.14 9.49
CA VAL A 80 6.49 -3.10 8.42
C VAL A 80 7.77 -3.88 8.13
N VAL A 81 7.63 -5.04 7.49
CA VAL A 81 8.79 -5.87 7.17
C VAL A 81 8.93 -6.03 5.66
N ARG A 82 10.07 -5.60 5.13
CA ARG A 82 10.34 -5.70 3.69
C ARG A 82 11.83 -5.64 3.41
N GLY A 83 12.38 -6.70 2.84
CA GLY A 83 13.79 -6.73 2.52
C GLY A 83 14.64 -7.14 3.71
N GLU A 84 15.61 -6.31 4.05
CA GLU A 84 16.50 -6.58 5.18
C GLU A 84 16.50 -5.42 6.16
N GLY A 85 16.61 -5.75 7.45
CA GLY A 85 16.61 -4.72 8.47
C GLY A 85 15.23 -4.16 8.75
N ALA A 86 15.16 -3.15 9.61
CA ALA A 86 13.89 -2.53 9.95
C ALA A 86 14.09 -1.10 10.44
N SER A 87 13.39 -0.16 9.81
CA SER A 87 13.49 1.24 10.18
C SER A 87 12.40 1.62 11.18
N GLY A 1 10.81 -7.47 -6.90
CA GLY A 1 11.87 -7.46 -5.85
C GLY A 1 11.50 -6.61 -4.66
N SER A 2 12.41 -5.73 -4.25
CA SER A 2 12.18 -4.86 -3.12
C SER A 2 12.41 -3.39 -3.51
N ARG A 3 11.33 -2.63 -3.56
CA ARG A 3 11.42 -1.21 -3.91
C ARG A 3 10.49 -0.37 -3.05
N ASN A 4 11.06 0.35 -2.09
CA ASN A 4 10.27 1.19 -1.19
C ASN A 4 9.85 2.48 -1.91
N PRO A 5 8.70 3.06 -1.50
CA PRO A 5 8.18 4.29 -2.11
C PRO A 5 9.09 5.49 -1.87
N ASN A 6 10.06 5.34 -0.98
CA ASN A 6 10.99 6.43 -0.67
C ASN A 6 11.70 6.94 -1.92
N LYS A 7 11.73 6.12 -2.97
CA LYS A 7 12.37 6.51 -4.22
C LYS A 7 11.45 6.27 -5.41
N LEU A 8 10.15 6.20 -5.15
CA LEU A 8 9.16 5.97 -6.20
C LEU A 8 8.69 7.29 -6.81
N ASP A 9 7.60 7.23 -7.58
CA ASP A 9 7.03 8.41 -8.21
C ASP A 9 5.56 8.54 -7.85
N ILE A 10 5.27 9.35 -6.84
CA ILE A 10 3.91 9.55 -6.36
C ILE A 10 3.03 10.24 -7.41
N ASN A 11 3.63 10.83 -8.44
CA ASN A 11 2.83 11.52 -9.46
C ASN A 11 2.07 10.53 -10.35
N THR A 12 2.58 9.30 -10.47
CA THR A 12 1.95 8.29 -11.34
C THR A 12 0.63 7.76 -10.75
N LEU A 13 0.05 8.48 -9.79
CA LEU A 13 -1.21 8.06 -9.23
C LEU A 13 -2.30 8.25 -10.30
N THR A 14 -3.41 8.88 -9.94
CA THR A 14 -4.49 9.08 -10.89
C THR A 14 -5.21 7.76 -11.15
N GLY A 15 -4.87 6.73 -10.37
CA GLY A 15 -5.49 5.44 -10.54
C GLY A 15 -4.52 4.40 -11.03
N GLU A 16 -3.47 4.86 -11.73
CA GLU A 16 -2.46 3.97 -12.31
C GLU A 16 -1.45 3.42 -11.28
N GLU A 17 -1.02 4.25 -10.32
CA GLU A 17 -0.06 3.78 -9.30
C GLU A 17 -0.41 2.39 -8.75
N ARG A 18 0.64 1.61 -8.47
CA ARG A 18 0.50 0.27 -7.90
C ARG A 18 0.91 0.31 -6.43
N VAL A 19 -0.06 0.60 -5.56
CA VAL A 19 0.18 0.71 -4.13
C VAL A 19 0.62 -0.61 -3.48
N PRO A 20 1.72 -0.60 -2.71
CA PRO A 20 2.23 -1.80 -2.03
C PRO A 20 1.44 -2.12 -0.76
N VAL A 21 1.14 -3.41 -0.57
CA VAL A 21 0.38 -3.86 0.59
C VAL A 21 1.20 -4.78 1.48
N VAL A 22 1.02 -4.63 2.79
CA VAL A 22 1.73 -5.46 3.77
C VAL A 22 0.75 -6.21 4.66
N ASN A 23 0.91 -7.53 4.74
CA ASN A 23 0.03 -8.35 5.58
C ASN A 23 0.19 -7.96 7.04
N LYS A 24 -0.92 -7.71 7.70
CA LYS A 24 -0.92 -7.31 9.10
C LYS A 24 -0.41 -8.41 10.02
N ARG A 25 -0.60 -9.67 9.63
CA ARG A 25 -0.18 -10.79 10.45
C ARG A 25 1.21 -11.32 10.09
N ASN A 26 1.37 -11.76 8.84
CA ASN A 26 2.65 -12.32 8.40
C ASN A 26 3.62 -11.25 7.89
N GLY A 27 3.13 -10.04 7.67
CA GLY A 27 4.00 -8.97 7.21
C GLY A 27 4.32 -9.03 5.73
N LYS A 28 3.69 -9.96 5.00
CA LYS A 28 3.92 -10.08 3.56
C LYS A 28 3.81 -8.73 2.87
N LYS A 29 4.90 -8.28 2.26
CA LYS A 29 4.91 -7.01 1.56
C LYS A 29 4.96 -7.22 0.05
N MET A 30 4.09 -6.51 -0.67
CA MET A 30 4.05 -6.63 -2.11
C MET A 30 3.93 -5.25 -2.77
N GLY A 31 5.02 -4.80 -3.36
CA GLY A 31 5.04 -3.50 -4.02
C GLY A 31 5.48 -3.62 -5.47
N GLY A 32 4.52 -3.58 -6.38
CA GLY A 32 4.83 -3.68 -7.80
C GLY A 32 3.78 -4.46 -8.56
N ALA A 33 4.20 -5.53 -9.24
CA ALA A 33 3.27 -6.36 -10.00
C ALA A 33 2.16 -6.88 -9.10
N MET A 34 2.54 -7.38 -7.93
CA MET A 34 1.59 -7.90 -6.96
C MET A 34 1.20 -6.79 -6.00
N ALA A 35 0.49 -5.81 -6.53
CA ALA A 35 0.03 -4.68 -5.73
C ALA A 35 -1.23 -4.04 -6.31
N PRO A 36 -2.15 -3.64 -5.43
CA PRO A 36 -3.42 -3.01 -5.83
C PRO A 36 -3.21 -1.65 -6.51
N PRO A 37 -4.02 -1.35 -7.54
CA PRO A 37 -3.94 -0.08 -8.26
C PRO A 37 -4.72 1.02 -7.56
N MET A 38 -4.18 2.23 -7.59
CA MET A 38 -4.80 3.38 -6.94
C MET A 38 -6.32 3.44 -7.15
N LYS A 39 -6.76 3.35 -8.40
CA LYS A 39 -8.20 3.44 -8.70
C LYS A 39 -9.00 2.22 -8.25
N ASP A 40 -8.33 1.20 -7.70
CA ASP A 40 -9.04 -0.01 -7.26
C ASP A 40 -8.63 -0.43 -5.84
N LEU A 41 -7.77 0.37 -5.20
CA LEU A 41 -7.29 0.08 -3.85
C LEU A 41 -8.43 -0.36 -2.91
N PRO A 42 -9.59 0.31 -2.93
CA PRO A 42 -10.72 -0.01 -2.05
C PRO A 42 -11.31 -1.40 -2.32
N ARG A 43 -11.17 -1.88 -3.54
CA ARG A 43 -11.68 -3.20 -3.90
C ARG A 43 -10.71 -4.25 -3.42
N TRP A 44 -9.44 -4.08 -3.79
CA TRP A 44 -8.39 -4.99 -3.40
C TRP A 44 -8.30 -5.08 -1.88
N LEU A 45 -8.41 -3.94 -1.21
CA LEU A 45 -8.36 -3.92 0.24
C LEU A 45 -9.53 -4.71 0.80
N GLU A 46 -10.75 -4.36 0.39
CA GLU A 46 -11.93 -5.07 0.85
C GLU A 46 -11.76 -6.57 0.63
N GLU A 47 -11.01 -6.92 -0.40
CA GLU A 47 -10.74 -8.31 -0.74
C GLU A 47 -9.63 -8.89 0.12
N ASN A 48 -8.74 -8.02 0.60
CA ASN A 48 -7.62 -8.47 1.44
C ASN A 48 -7.68 -7.82 2.82
N PRO A 49 -8.56 -8.33 3.71
CA PRO A 49 -8.71 -7.81 5.07
C PRO A 49 -7.45 -8.02 5.92
N GLU A 50 -6.65 -9.01 5.54
CA GLU A 50 -5.42 -9.31 6.27
C GLU A 50 -4.26 -8.44 5.80
N PHE A 51 -4.52 -7.58 4.82
CA PHE A 51 -3.48 -6.70 4.29
C PHE A 51 -3.79 -5.24 4.52
N ALA A 52 -2.75 -4.42 4.46
CA ALA A 52 -2.88 -2.98 4.65
C ALA A 52 -1.92 -2.26 3.71
N VAL A 53 -1.98 -0.93 3.68
CA VAL A 53 -1.11 -0.16 2.78
C VAL A 53 0.15 0.33 3.48
N ALA A 54 1.28 0.29 2.77
CA ALA A 54 2.55 0.73 3.34
C ALA A 54 2.46 2.12 3.98
N PRO A 55 3.33 2.40 4.97
CA PRO A 55 3.36 3.68 5.70
C PRO A 55 3.38 4.91 4.80
N ASP A 56 4.36 4.97 3.90
CA ASP A 56 4.48 6.11 2.98
C ASP A 56 3.30 6.15 2.02
N TRP A 57 2.60 5.03 1.95
CA TRP A 57 1.43 4.95 1.10
C TRP A 57 0.19 5.35 1.91
N THR A 58 0.35 5.47 3.22
CA THR A 58 -0.74 5.93 4.06
C THR A 58 -1.01 7.38 3.69
N ASP A 59 0.07 8.13 3.52
CA ASP A 59 -0.02 9.53 3.14
C ASP A 59 -0.38 9.64 1.66
N ILE A 60 0.36 8.95 0.79
CA ILE A 60 0.06 9.00 -0.63
C ILE A 60 -1.38 8.57 -0.89
N VAL A 61 -1.73 7.38 -0.40
CA VAL A 61 -3.07 6.85 -0.56
C VAL A 61 -4.11 7.81 0.01
N LYS A 62 -3.81 8.40 1.17
CA LYS A 62 -4.73 9.34 1.78
C LYS A 62 -5.10 10.42 0.76
N GLN A 63 -4.09 10.99 0.11
CA GLN A 63 -4.29 12.01 -0.92
C GLN A 63 -4.79 11.38 -2.23
N SER A 64 -4.66 10.06 -2.33
CA SER A 64 -5.08 9.32 -3.52
C SER A 64 -6.47 9.72 -4.01
N GLY A 65 -7.37 9.97 -3.08
CA GLY A 65 -8.73 10.32 -3.47
C GLY A 65 -9.53 9.11 -3.94
N PHE A 66 -8.83 8.00 -4.23
CA PHE A 66 -9.49 6.79 -4.69
C PHE A 66 -9.95 5.96 -3.50
N VAL A 67 -9.25 6.07 -2.38
CA VAL A 67 -9.62 5.31 -1.19
C VAL A 67 -10.40 6.18 -0.20
N PRO A 68 -11.48 5.64 0.38
CA PRO A 68 -12.30 6.38 1.36
C PRO A 68 -11.55 6.61 2.67
N GLU A 69 -11.64 7.83 3.17
CA GLU A 69 -10.96 8.19 4.41
C GLU A 69 -11.30 7.22 5.54
N SER A 70 -12.47 6.60 5.44
CA SER A 70 -12.90 5.64 6.45
C SER A 70 -11.94 4.45 6.50
N MET A 71 -11.40 4.08 5.35
CA MET A 71 -10.47 2.96 5.27
C MET A 71 -9.03 3.40 5.54
N PHE A 72 -8.83 4.70 5.78
CA PHE A 72 -7.50 5.22 6.05
C PHE A 72 -6.88 4.53 7.27
N ASP A 73 -7.72 3.90 8.07
CA ASP A 73 -7.25 3.20 9.28
C ASP A 73 -6.39 1.98 8.90
N ARG A 74 -6.58 1.48 7.70
CA ARG A 74 -5.83 0.33 7.20
C ARG A 74 -4.56 0.78 6.47
N LEU A 75 -4.33 2.08 6.44
CA LEU A 75 -3.16 2.64 5.77
C LEU A 75 -1.89 2.58 6.62
N LEU A 76 -1.87 1.67 7.61
CA LEU A 76 -0.71 1.53 8.47
C LEU A 76 -0.43 2.81 9.24
N THR A 77 0.26 2.66 10.37
CA THR A 77 0.60 3.80 11.22
C THR A 77 2.11 3.99 11.26
N GLY A 78 2.77 3.69 10.15
CA GLY A 78 4.22 3.84 10.08
C GLY A 78 4.95 2.50 10.08
N PRO A 79 5.01 1.81 11.23
CA PRO A 79 5.72 0.53 11.36
C PRO A 79 5.12 -0.61 10.52
N VAL A 80 6.01 -1.48 10.04
CA VAL A 80 5.63 -2.64 9.24
C VAL A 80 6.71 -3.71 9.34
N VAL A 81 6.36 -4.94 9.03
CA VAL A 81 7.31 -6.04 9.08
C VAL A 81 7.73 -6.50 7.69
N ARG A 82 9.01 -6.31 7.37
CA ARG A 82 9.52 -6.69 6.07
C ARG A 82 10.41 -7.94 6.18
N GLY A 83 10.64 -8.59 5.03
CA GLY A 83 11.46 -9.78 5.02
C GLY A 83 12.67 -9.65 4.11
N GLU A 84 12.47 -8.99 2.97
CA GLU A 84 13.55 -8.79 2.01
C GLU A 84 13.96 -7.32 1.95
N GLY A 85 15.25 -7.07 2.11
CA GLY A 85 15.75 -5.70 2.08
C GLY A 85 17.25 -5.62 2.18
N ALA A 86 17.88 -5.07 1.14
CA ALA A 86 19.34 -4.95 1.11
C ALA A 86 19.79 -3.99 0.02
N SER A 87 19.41 -4.30 -1.22
CA SER A 87 19.77 -3.47 -2.36
C SER A 87 21.28 -3.40 -2.54
N GLY A 1 11.77 -4.78 -9.84
CA GLY A 1 12.49 -3.47 -9.86
C GLY A 1 11.79 -2.42 -9.02
N SER A 2 12.50 -1.92 -8.00
CA SER A 2 11.93 -0.91 -7.12
C SER A 2 10.71 -1.44 -6.36
N ARG A 3 10.58 -1.04 -5.11
CA ARG A 3 9.46 -1.47 -4.28
C ARG A 3 8.98 -0.34 -3.38
N ASN A 4 9.82 0.05 -2.43
CA ASN A 4 9.48 1.12 -1.50
C ASN A 4 9.14 2.41 -2.24
N PRO A 5 8.40 3.32 -1.59
CA PRO A 5 8.00 4.59 -2.19
C PRO A 5 9.07 5.68 -2.02
N ASN A 6 10.32 5.25 -1.86
CA ASN A 6 11.43 6.20 -1.70
C ASN A 6 11.53 7.15 -2.89
N LYS A 7 10.94 6.75 -4.01
CA LYS A 7 10.96 7.58 -5.22
C LYS A 7 9.67 7.42 -6.02
N LEU A 8 9.27 6.16 -6.23
CA LEU A 8 8.06 5.83 -7.00
C LEU A 8 7.13 7.03 -7.17
N ASP A 9 7.32 7.77 -8.27
CA ASP A 9 6.52 8.96 -8.57
C ASP A 9 5.12 8.87 -7.98
N ILE A 10 4.90 9.57 -6.88
CA ILE A 10 3.60 9.57 -6.23
C ILE A 10 2.53 10.21 -7.09
N ASN A 11 2.90 11.20 -7.88
CA ASN A 11 1.92 11.85 -8.76
C ASN A 11 1.32 10.86 -9.74
N THR A 12 1.98 9.72 -9.90
CA THR A 12 1.50 8.68 -10.81
C THR A 12 0.36 7.87 -10.16
N LEU A 13 -0.11 8.33 -9.01
CA LEU A 13 -1.21 7.67 -8.33
C LEU A 13 -2.40 7.55 -9.26
N THR A 14 -2.68 8.65 -9.96
CA THR A 14 -3.78 8.79 -10.93
C THR A 14 -4.53 7.50 -11.25
N GLY A 15 -4.80 6.67 -10.24
CA GLY A 15 -5.52 5.44 -10.47
C GLY A 15 -4.67 4.34 -11.08
N GLU A 16 -3.57 4.71 -11.73
CA GLU A 16 -2.70 3.74 -12.40
C GLU A 16 -1.57 3.22 -11.50
N GLU A 17 -1.02 4.04 -10.61
CA GLU A 17 0.06 3.58 -9.74
C GLU A 17 -0.38 2.44 -8.82
N ARG A 18 0.54 1.53 -8.56
CA ARG A 18 0.28 0.39 -7.68
C ARG A 18 0.79 0.72 -6.28
N VAL A 19 0.13 0.20 -5.25
CA VAL A 19 0.55 0.48 -3.88
C VAL A 19 0.91 -0.79 -3.11
N PRO A 20 2.11 -0.81 -2.48
CA PRO A 20 2.58 -1.96 -1.71
C PRO A 20 1.68 -2.28 -0.52
N VAL A 21 1.32 -3.55 -0.38
CA VAL A 21 0.47 -4.01 0.70
C VAL A 21 1.22 -4.96 1.62
N VAL A 22 1.01 -4.78 2.91
CA VAL A 22 1.67 -5.64 3.89
C VAL A 22 0.66 -6.38 4.75
N ASN A 23 0.94 -7.64 5.00
CA ASN A 23 0.07 -8.47 5.83
C ASN A 23 0.25 -8.06 7.29
N LYS A 24 -0.85 -7.77 7.95
CA LYS A 24 -0.82 -7.33 9.34
C LYS A 24 -0.38 -8.45 10.30
N ARG A 25 -0.55 -9.70 9.88
CA ARG A 25 -0.18 -10.82 10.73
C ARG A 25 1.21 -11.38 10.39
N ASN A 26 1.38 -11.84 9.16
CA ASN A 26 2.65 -12.42 8.73
C ASN A 26 3.64 -11.36 8.27
N GLY A 27 3.17 -10.15 8.02
CA GLY A 27 4.05 -9.07 7.60
C GLY A 27 4.42 -9.12 6.12
N LYS A 28 3.82 -10.05 5.38
CA LYS A 28 4.11 -10.18 3.95
C LYS A 28 3.95 -8.84 3.23
N LYS A 29 5.02 -8.37 2.62
CA LYS A 29 4.99 -7.09 1.90
C LYS A 29 5.04 -7.33 0.39
N MET A 30 4.09 -6.74 -0.32
CA MET A 30 4.03 -6.88 -1.77
C MET A 30 3.83 -5.53 -2.44
N GLY A 31 4.90 -5.00 -3.00
CA GLY A 31 4.84 -3.71 -3.67
C GLY A 31 5.47 -3.74 -5.04
N GLY A 32 4.64 -3.79 -6.08
CA GLY A 32 5.14 -3.83 -7.43
C GLY A 32 4.06 -4.12 -8.45
N ALA A 33 4.28 -5.13 -9.29
CA ALA A 33 3.31 -5.50 -10.31
C ALA A 33 2.11 -6.21 -9.71
N MET A 34 2.32 -6.90 -8.59
CA MET A 34 1.23 -7.62 -7.93
C MET A 34 0.45 -6.73 -6.98
N ALA A 35 0.99 -5.55 -6.69
CA ALA A 35 0.32 -4.61 -5.79
C ALA A 35 -0.95 -4.04 -6.42
N PRO A 36 -1.97 -3.77 -5.59
CA PRO A 36 -3.25 -3.22 -6.06
C PRO A 36 -3.08 -1.86 -6.73
N PRO A 37 -3.97 -1.52 -7.68
CA PRO A 37 -3.92 -0.23 -8.37
C PRO A 37 -4.64 0.87 -7.60
N MET A 38 -4.09 2.07 -7.69
CA MET A 38 -4.64 3.23 -7.00
C MET A 38 -6.16 3.31 -7.09
N LYS A 39 -6.70 3.25 -8.31
CA LYS A 39 -8.15 3.36 -8.48
C LYS A 39 -8.90 2.07 -8.14
N ASP A 40 -8.19 1.08 -7.61
CA ASP A 40 -8.82 -0.19 -7.24
C ASP A 40 -8.42 -0.64 -5.83
N LEU A 41 -7.60 0.15 -5.16
CA LEU A 41 -7.12 -0.17 -3.81
C LEU A 41 -8.28 -0.58 -2.89
N PRO A 42 -9.40 0.16 -2.90
CA PRO A 42 -10.55 -0.14 -2.03
C PRO A 42 -11.18 -1.49 -2.30
N ARG A 43 -11.04 -1.97 -3.54
CA ARG A 43 -11.59 -3.26 -3.92
C ARG A 43 -10.63 -4.36 -3.50
N TRP A 44 -9.37 -4.18 -3.85
CA TRP A 44 -8.33 -5.14 -3.50
C TRP A 44 -8.21 -5.23 -1.99
N LEU A 45 -8.34 -4.10 -1.31
CA LEU A 45 -8.26 -4.09 0.14
C LEU A 45 -9.43 -4.88 0.71
N GLU A 46 -10.66 -4.51 0.33
CA GLU A 46 -11.83 -5.23 0.82
C GLU A 46 -11.69 -6.71 0.54
N GLU A 47 -10.93 -7.04 -0.51
CA GLU A 47 -10.69 -8.42 -0.88
C GLU A 47 -9.57 -9.02 -0.03
N ASN A 48 -8.70 -8.16 0.49
CA ASN A 48 -7.60 -8.61 1.34
C ASN A 48 -7.73 -8.00 2.74
N PRO A 49 -8.61 -8.56 3.57
CA PRO A 49 -8.85 -8.07 4.94
C PRO A 49 -7.62 -8.20 5.84
N GLU A 50 -6.71 -9.09 5.46
CA GLU A 50 -5.50 -9.32 6.24
C GLU A 50 -4.36 -8.40 5.79
N PHE A 51 -4.60 -7.60 4.76
CA PHE A 51 -3.56 -6.70 4.25
C PHE A 51 -3.93 -5.23 4.44
N ALA A 52 -2.90 -4.39 4.44
CA ALA A 52 -3.09 -2.96 4.60
C ALA A 52 -2.10 -2.20 3.71
N VAL A 53 -2.20 -0.87 3.69
CA VAL A 53 -1.31 -0.06 2.85
C VAL A 53 -0.04 0.37 3.57
N ALA A 54 1.09 0.30 2.86
CA ALA A 54 2.38 0.69 3.43
C ALA A 54 2.33 2.07 4.08
N PRO A 55 3.15 2.29 5.12
CA PRO A 55 3.23 3.56 5.86
C PRO A 55 3.36 4.79 4.96
N ASP A 56 4.37 4.79 4.10
CA ASP A 56 4.60 5.91 3.18
C ASP A 56 3.45 6.00 2.18
N TRP A 57 2.75 4.89 2.01
CA TRP A 57 1.61 4.85 1.14
C TRP A 57 0.38 5.30 1.90
N THR A 58 0.54 5.40 3.23
CA THR A 58 -0.52 5.90 4.08
C THR A 58 -0.80 7.33 3.69
N ASP A 59 0.27 8.11 3.59
CA ASP A 59 0.18 9.50 3.20
C ASP A 59 -0.13 9.60 1.72
N ILE A 60 0.65 8.90 0.88
CA ILE A 60 0.41 8.94 -0.57
C ILE A 60 -1.04 8.55 -0.89
N VAL A 61 -1.42 7.35 -0.46
CA VAL A 61 -2.78 6.85 -0.68
C VAL A 61 -3.81 7.83 -0.13
N LYS A 62 -3.52 8.40 1.04
CA LYS A 62 -4.44 9.37 1.64
C LYS A 62 -4.75 10.46 0.62
N GLN A 63 -3.71 11.01 -0.01
CA GLN A 63 -3.87 12.04 -1.03
C GLN A 63 -4.38 11.44 -2.35
N SER A 64 -4.29 10.11 -2.48
CA SER A 64 -4.72 9.41 -3.69
C SER A 64 -6.03 9.95 -4.23
N GLY A 65 -6.93 10.34 -3.33
CA GLY A 65 -8.22 10.84 -3.76
C GLY A 65 -9.13 9.73 -4.25
N PHE A 66 -8.59 8.51 -4.31
CA PHE A 66 -9.37 7.35 -4.76
C PHE A 66 -9.94 6.62 -3.57
N VAL A 67 -9.09 6.33 -2.59
CA VAL A 67 -9.54 5.61 -1.41
C VAL A 67 -10.23 6.53 -0.42
N PRO A 68 -11.38 6.10 0.15
CA PRO A 68 -12.14 6.90 1.11
C PRO A 68 -11.39 7.09 2.43
N GLU A 69 -11.45 8.30 2.96
CA GLU A 69 -10.78 8.64 4.21
C GLU A 69 -11.11 7.63 5.30
N SER A 70 -12.31 7.06 5.24
CA SER A 70 -12.74 6.08 6.22
C SER A 70 -11.83 4.85 6.21
N MET A 71 -11.32 4.52 5.03
CA MET A 71 -10.43 3.37 4.86
C MET A 71 -8.99 3.72 5.22
N PHE A 72 -8.74 5.00 5.51
CA PHE A 72 -7.39 5.44 5.87
C PHE A 72 -6.89 4.73 7.12
N ASP A 73 -7.81 4.11 7.86
CA ASP A 73 -7.46 3.39 9.09
C ASP A 73 -6.61 2.17 8.78
N ARG A 74 -6.79 1.62 7.57
CA ARG A 74 -6.03 0.45 7.14
C ARG A 74 -4.69 0.83 6.54
N LEU A 75 -4.39 2.13 6.53
CA LEU A 75 -3.15 2.63 5.96
C LEU A 75 -1.94 2.40 6.88
N LEU A 76 -1.97 1.36 7.69
CA LEU A 76 -0.86 1.04 8.59
C LEU A 76 -0.54 2.17 9.58
N THR A 77 -0.17 1.77 10.78
CA THR A 77 0.20 2.71 11.84
C THR A 77 1.38 2.14 12.63
N GLY A 78 2.08 1.17 12.04
CA GLY A 78 3.20 0.51 12.68
C GLY A 78 3.52 -0.77 11.93
N PRO A 79 4.11 -0.64 10.74
CA PRO A 79 4.43 -1.76 9.86
C PRO A 79 5.86 -2.25 9.95
N VAL A 80 6.11 -3.37 9.27
CA VAL A 80 7.42 -3.98 9.21
C VAL A 80 7.89 -4.06 7.76
N VAL A 81 9.08 -3.52 7.48
CA VAL A 81 9.63 -3.51 6.14
C VAL A 81 11.11 -3.84 6.13
N ARG A 82 11.49 -4.83 5.31
CA ARG A 82 12.88 -5.23 5.20
C ARG A 82 13.75 -4.08 4.72
N GLY A 83 14.69 -3.66 5.56
CA GLY A 83 15.57 -2.57 5.20
C GLY A 83 14.82 -1.26 5.00
N GLU A 84 15.40 -0.16 5.49
CA GLU A 84 14.77 1.15 5.37
C GLU A 84 15.70 2.24 5.90
N GLY A 85 16.39 1.95 6.99
CA GLY A 85 17.30 2.91 7.58
C GLY A 85 16.66 3.70 8.70
N ALA A 86 15.47 4.24 8.43
CA ALA A 86 14.75 5.04 9.42
C ALA A 86 15.57 6.24 9.86
N SER A 87 15.16 7.42 9.40
CA SER A 87 15.86 8.66 9.74
C SER A 87 15.62 9.03 11.19
N GLY A 1 12.97 -4.25 -10.10
CA GLY A 1 11.85 -4.80 -9.30
C GLY A 1 11.32 -3.81 -8.28
N SER A 2 12.21 -3.35 -7.39
CA SER A 2 11.83 -2.39 -6.36
C SER A 2 10.72 -2.94 -5.47
N ARG A 3 10.32 -2.16 -4.48
CA ARG A 3 9.26 -2.57 -3.57
C ARG A 3 8.79 -1.40 -2.72
N ASN A 4 9.74 -0.67 -2.16
CA ASN A 4 9.43 0.49 -1.32
C ASN A 4 9.40 1.77 -2.15
N PRO A 5 8.58 2.74 -1.73
CA PRO A 5 8.48 4.02 -2.43
C PRO A 5 9.69 4.91 -2.07
N ASN A 6 9.48 5.96 -1.28
CA ASN A 6 10.55 6.85 -0.86
C ASN A 6 11.16 7.58 -2.06
N LYS A 7 11.66 6.79 -3.00
CA LYS A 7 12.26 7.35 -4.21
C LYS A 7 11.38 7.08 -5.42
N LEU A 8 10.07 7.01 -5.18
CA LEU A 8 9.11 6.76 -6.25
C LEU A 8 8.58 8.07 -6.83
N ASP A 9 7.47 8.00 -7.56
CA ASP A 9 6.85 9.17 -8.17
C ASP A 9 5.37 9.20 -7.85
N ILE A 10 5.01 9.86 -6.75
CA ILE A 10 3.63 9.93 -6.32
C ILE A 10 2.70 10.57 -7.35
N ASN A 11 3.24 11.13 -8.43
CA ASN A 11 2.38 11.76 -9.43
C ASN A 11 1.60 10.72 -10.24
N THR A 12 2.11 9.49 -10.28
CA THR A 12 1.47 8.42 -11.05
C THR A 12 0.28 7.79 -10.31
N LEU A 13 -0.21 8.47 -9.27
CA LEU A 13 -1.35 7.96 -8.51
C LEU A 13 -2.66 8.31 -9.21
N THR A 14 -2.63 8.41 -10.53
CA THR A 14 -3.84 8.74 -11.28
C THR A 14 -4.72 7.50 -11.43
N GLY A 15 -4.48 6.49 -10.59
CA GLY A 15 -5.26 5.28 -10.65
C GLY A 15 -4.43 4.11 -11.17
N GLU A 16 -3.35 4.43 -11.88
CA GLU A 16 -2.46 3.43 -12.46
C GLU A 16 -1.39 2.96 -11.49
N GLU A 17 -0.96 3.81 -10.56
CA GLU A 17 0.08 3.43 -9.59
C GLU A 17 -0.25 2.09 -8.92
N ARG A 18 0.80 1.32 -8.62
CA ARG A 18 0.63 0.03 -7.95
C ARG A 18 1.04 0.16 -6.49
N VAL A 19 0.05 0.40 -5.63
CA VAL A 19 0.30 0.61 -4.21
C VAL A 19 0.72 -0.67 -3.48
N PRO A 20 1.83 -0.61 -2.72
CA PRO A 20 2.36 -1.75 -1.96
C PRO A 20 1.49 -2.08 -0.76
N VAL A 21 1.22 -3.37 -0.58
CA VAL A 21 0.40 -3.84 0.54
C VAL A 21 1.18 -4.83 1.40
N VAL A 22 1.04 -4.70 2.71
CA VAL A 22 1.72 -5.59 3.64
C VAL A 22 0.71 -6.32 4.51
N ASN A 23 0.89 -7.62 4.64
CA ASN A 23 0.02 -8.45 5.46
C ASN A 23 0.23 -8.12 6.93
N LYS A 24 -0.86 -7.91 7.65
CA LYS A 24 -0.81 -7.55 9.05
C LYS A 24 -0.28 -8.69 9.93
N ARG A 25 -0.58 -9.93 9.56
CA ARG A 25 -0.17 -11.08 10.35
C ARG A 25 1.17 -11.68 9.88
N ASN A 26 1.22 -12.14 8.64
CA ASN A 26 2.43 -12.77 8.11
C ASN A 26 3.47 -11.75 7.66
N GLY A 27 3.05 -10.50 7.45
CA GLY A 27 3.99 -9.47 7.03
C GLY A 27 4.26 -9.47 5.53
N LYS A 28 3.63 -10.38 4.79
CA LYS A 28 3.83 -10.45 3.35
C LYS A 28 3.74 -9.06 2.73
N LYS A 29 4.84 -8.62 2.12
CA LYS A 29 4.89 -7.31 1.50
C LYS A 29 5.00 -7.43 -0.02
N MET A 30 4.22 -6.61 -0.72
CA MET A 30 4.21 -6.61 -2.17
C MET A 30 4.18 -5.19 -2.73
N GLY A 31 5.29 -4.77 -3.34
CA GLY A 31 5.38 -3.43 -3.90
C GLY A 31 4.25 -3.13 -4.87
N GLY A 32 4.54 -3.16 -6.17
CA GLY A 32 3.51 -2.86 -7.15
C GLY A 32 3.16 -4.08 -8.01
N ALA A 33 4.12 -4.97 -8.17
CA ALA A 33 3.94 -6.16 -8.99
C ALA A 33 2.64 -6.90 -8.64
N MET A 34 2.56 -7.44 -7.43
CA MET A 34 1.38 -8.18 -7.01
C MET A 34 0.43 -7.32 -6.18
N ALA A 35 0.81 -6.07 -5.93
CA ALA A 35 -0.01 -5.17 -5.13
C ALA A 35 -1.12 -4.51 -5.96
N PRO A 36 -2.14 -3.98 -5.27
CA PRO A 36 -3.30 -3.33 -5.91
C PRO A 36 -3.01 -1.95 -6.49
N PRO A 37 -3.80 -1.54 -7.50
CA PRO A 37 -3.65 -0.24 -8.15
C PRO A 37 -4.47 0.85 -7.44
N MET A 38 -3.96 2.08 -7.49
CA MET A 38 -4.61 3.21 -6.85
C MET A 38 -6.12 3.26 -7.09
N LYS A 39 -6.53 3.16 -8.35
CA LYS A 39 -7.95 3.23 -8.68
C LYS A 39 -8.75 1.99 -8.28
N ASP A 40 -8.09 1.00 -7.67
CA ASP A 40 -8.79 -0.21 -7.24
C ASP A 40 -8.46 -0.58 -5.79
N LEU A 41 -7.60 0.23 -5.15
CA LEU A 41 -7.20 -0.02 -3.76
C LEU A 41 -8.38 -0.37 -2.85
N PRO A 42 -9.51 0.36 -2.95
CA PRO A 42 -10.69 0.12 -2.10
C PRO A 42 -11.33 -1.25 -2.34
N ARG A 43 -11.25 -1.72 -3.58
CA ARG A 43 -11.79 -3.02 -3.94
C ARG A 43 -10.86 -4.11 -3.43
N TRP A 44 -9.59 -3.98 -3.78
CA TRP A 44 -8.58 -4.93 -3.37
C TRP A 44 -8.50 -5.02 -1.86
N LEU A 45 -8.53 -3.87 -1.19
CA LEU A 45 -8.47 -3.87 0.26
C LEU A 45 -9.67 -4.62 0.82
N GLU A 46 -10.87 -4.22 0.41
CA GLU A 46 -12.07 -4.90 0.88
C GLU A 46 -11.93 -6.40 0.67
N GLU A 47 -11.20 -6.76 -0.38
CA GLU A 47 -10.95 -8.16 -0.71
C GLU A 47 -9.86 -8.75 0.15
N ASN A 48 -8.95 -7.91 0.63
CA ASN A 48 -7.85 -8.36 1.48
C ASN A 48 -7.89 -7.69 2.85
N PRO A 49 -8.76 -8.14 3.75
CA PRO A 49 -8.90 -7.58 5.10
C PRO A 49 -7.65 -7.79 5.95
N GLU A 50 -6.84 -8.77 5.58
CA GLU A 50 -5.62 -9.08 6.33
C GLU A 50 -4.45 -8.23 5.84
N PHE A 51 -4.68 -7.42 4.82
CA PHE A 51 -3.63 -6.58 4.26
C PHE A 51 -3.88 -5.10 4.49
N ALA A 52 -2.80 -4.34 4.42
CA ALA A 52 -2.88 -2.89 4.60
C ALA A 52 -1.92 -2.20 3.65
N VAL A 53 -1.92 -0.87 3.62
CA VAL A 53 -1.06 -0.12 2.73
C VAL A 53 0.21 0.36 3.42
N ALA A 54 1.33 0.32 2.72
CA ALA A 54 2.61 0.75 3.29
C ALA A 54 2.51 2.13 3.92
N PRO A 55 3.38 2.40 4.92
CA PRO A 55 3.40 3.68 5.65
C PRO A 55 3.46 4.91 4.74
N ASP A 56 4.45 4.95 3.84
CA ASP A 56 4.57 6.08 2.92
C ASP A 56 3.39 6.11 1.96
N TRP A 57 2.70 4.99 1.89
CA TRP A 57 1.52 4.89 1.06
C TRP A 57 0.29 5.24 1.87
N THR A 58 0.46 5.38 3.18
CA THR A 58 -0.63 5.78 4.04
C THR A 58 -0.96 7.22 3.69
N ASP A 59 0.10 8.02 3.56
CA ASP A 59 -0.04 9.41 3.19
C ASP A 59 -0.37 9.52 1.72
N ILE A 60 0.41 8.85 0.86
CA ILE A 60 0.13 8.88 -0.57
C ILE A 60 -1.31 8.46 -0.85
N VAL A 61 -1.65 7.25 -0.39
CA VAL A 61 -3.01 6.73 -0.58
C VAL A 61 -4.03 7.71 -0.01
N LYS A 62 -3.73 8.30 1.13
CA LYS A 62 -4.64 9.27 1.74
C LYS A 62 -5.03 10.32 0.69
N GLN A 63 -4.03 10.89 0.03
CA GLN A 63 -4.24 11.88 -1.01
C GLN A 63 -4.73 11.23 -2.32
N SER A 64 -4.57 9.91 -2.41
CA SER A 64 -4.97 9.15 -3.60
C SER A 64 -6.32 9.58 -4.14
N GLY A 65 -7.24 9.90 -3.26
CA GLY A 65 -8.56 10.28 -3.69
C GLY A 65 -9.41 9.09 -4.08
N PHE A 66 -8.76 7.93 -4.29
CA PHE A 66 -9.48 6.71 -4.68
C PHE A 66 -9.96 5.97 -3.46
N VAL A 67 -9.21 6.05 -2.36
CA VAL A 67 -9.59 5.34 -1.15
C VAL A 67 -10.32 6.26 -0.16
N PRO A 68 -11.42 5.78 0.43
CA PRO A 68 -12.19 6.57 1.39
C PRO A 68 -11.43 6.81 2.69
N GLU A 69 -11.49 8.03 3.20
CA GLU A 69 -10.80 8.39 4.43
C GLU A 69 -11.12 7.42 5.55
N SER A 70 -12.32 6.86 5.52
CA SER A 70 -12.74 5.91 6.55
C SER A 70 -11.83 4.69 6.54
N MET A 71 -11.37 4.30 5.36
CA MET A 71 -10.49 3.15 5.22
C MET A 71 -9.03 3.52 5.50
N PHE A 72 -8.78 4.78 5.81
CA PHE A 72 -7.42 5.25 6.11
C PHE A 72 -6.84 4.49 7.31
N ASP A 73 -7.71 3.85 8.09
CA ASP A 73 -7.27 3.10 9.26
C ASP A 73 -6.39 1.91 8.88
N ARG A 74 -6.57 1.42 7.66
CA ARG A 74 -5.79 0.28 7.16
C ARG A 74 -4.55 0.74 6.40
N LEU A 75 -4.36 2.05 6.32
CA LEU A 75 -3.22 2.63 5.61
C LEU A 75 -1.93 2.53 6.42
N LEU A 76 -1.98 1.90 7.60
CA LEU A 76 -0.80 1.74 8.45
C LEU A 76 -0.40 3.07 9.09
N THR A 77 0.44 2.97 10.11
CA THR A 77 0.90 4.15 10.83
C THR A 77 2.42 4.10 11.03
N GLY A 78 3.13 3.55 10.05
CA GLY A 78 4.58 3.48 10.14
C GLY A 78 5.13 2.06 10.22
N PRO A 79 5.01 1.40 11.38
CA PRO A 79 5.54 0.03 11.59
C PRO A 79 4.97 -1.02 10.65
N VAL A 80 5.87 -1.80 10.06
CA VAL A 80 5.53 -2.88 9.16
C VAL A 80 6.61 -3.96 9.24
N VAL A 81 6.27 -5.19 8.86
CA VAL A 81 7.22 -6.29 8.91
C VAL A 81 7.44 -6.90 7.53
N ARG A 82 8.69 -6.87 7.08
CA ARG A 82 9.04 -7.42 5.78
C ARG A 82 10.33 -8.23 5.85
N GLY A 83 10.44 -9.24 4.99
CA GLY A 83 11.62 -10.08 4.98
C GLY A 83 12.87 -9.31 4.63
N GLU A 84 12.94 -8.83 3.39
CA GLU A 84 14.10 -8.06 2.93
C GLU A 84 13.91 -6.57 3.21
N GLY A 85 15.01 -5.88 3.48
CA GLY A 85 14.94 -4.46 3.76
C GLY A 85 15.37 -4.12 5.17
N ALA A 86 16.23 -3.11 5.31
CA ALA A 86 16.72 -2.68 6.61
C ALA A 86 16.70 -1.16 6.73
N SER A 87 15.98 -0.66 7.73
CA SER A 87 15.88 0.77 7.96
C SER A 87 15.62 1.08 9.43
N GLY A 1 16.31 -5.13 -9.27
CA GLY A 1 15.03 -4.38 -9.19
C GLY A 1 14.83 -3.72 -7.85
N SER A 2 14.09 -2.61 -7.84
CA SER A 2 13.82 -1.88 -6.60
C SER A 2 12.41 -2.14 -6.11
N ARG A 3 12.29 -2.51 -4.83
CA ARG A 3 10.99 -2.79 -4.23
C ARG A 3 10.48 -1.58 -3.45
N ASN A 4 11.35 -0.99 -2.66
CA ASN A 4 11.00 0.18 -1.85
C ASN A 4 10.47 1.32 -2.72
N PRO A 5 9.15 1.58 -2.68
CA PRO A 5 8.51 2.65 -3.47
C PRO A 5 8.95 4.06 -3.06
N ASN A 6 9.82 4.15 -2.04
CA ASN A 6 10.30 5.45 -1.58
C ASN A 6 10.75 6.33 -2.74
N LYS A 7 11.19 5.69 -3.82
CA LYS A 7 11.66 6.42 -5.00
C LYS A 7 10.63 6.38 -6.12
N LEU A 8 9.36 6.33 -5.76
CA LEU A 8 8.28 6.28 -6.74
C LEU A 8 7.48 7.57 -6.74
N ASP A 9 7.67 8.41 -7.77
CA ASP A 9 6.95 9.67 -7.88
C ASP A 9 5.49 9.49 -7.49
N ILE A 10 5.05 10.28 -6.52
CA ILE A 10 3.68 10.19 -6.03
C ILE A 10 2.67 10.76 -7.02
N ASN A 11 3.13 11.42 -8.08
CA ASN A 11 2.21 12.00 -9.05
C ASN A 11 1.53 10.94 -9.93
N THR A 12 2.09 9.73 -9.96
CA THR A 12 1.52 8.67 -10.78
C THR A 12 0.31 7.99 -10.13
N LEU A 13 -0.19 8.55 -9.02
CA LEU A 13 -1.34 7.99 -8.35
C LEU A 13 -2.63 8.41 -9.05
N THR A 14 -2.54 8.72 -10.34
CA THR A 14 -3.73 9.11 -11.09
C THR A 14 -4.65 7.93 -11.29
N GLY A 15 -4.45 6.86 -10.50
CA GLY A 15 -5.27 5.68 -10.62
C GLY A 15 -4.44 4.50 -11.09
N GLU A 16 -3.37 4.79 -11.82
CA GLU A 16 -2.48 3.78 -12.37
C GLU A 16 -1.39 3.31 -11.41
N GLU A 17 -1.01 4.12 -10.41
CA GLU A 17 0.03 3.70 -9.48
C GLU A 17 -0.27 2.33 -8.85
N ARG A 18 0.77 1.67 -8.40
CA ARG A 18 0.65 0.35 -7.76
C ARG A 18 0.98 0.44 -6.28
N VAL A 19 -0.04 0.64 -5.45
CA VAL A 19 0.15 0.79 -4.01
C VAL A 19 0.59 -0.52 -3.33
N PRO A 20 1.66 -0.45 -2.50
CA PRO A 20 2.19 -1.61 -1.78
C PRO A 20 1.29 -2.05 -0.63
N VAL A 21 1.17 -3.36 -0.45
CA VAL A 21 0.34 -3.91 0.62
C VAL A 21 1.13 -4.86 1.49
N VAL A 22 0.99 -4.71 2.80
CA VAL A 22 1.68 -5.58 3.74
C VAL A 22 0.69 -6.36 4.59
N ASN A 23 0.96 -7.64 4.76
CA ASN A 23 0.11 -8.51 5.56
C ASN A 23 0.27 -8.18 7.04
N LYS A 24 -0.85 -7.90 7.69
CA LYS A 24 -0.84 -7.55 9.10
C LYS A 24 -0.49 -8.74 9.99
N ARG A 25 -0.64 -9.95 9.47
CA ARG A 25 -0.36 -11.15 10.24
C ARG A 25 1.04 -11.72 9.95
N ASN A 26 1.28 -12.09 8.70
CA ASN A 26 2.58 -12.67 8.31
C ASN A 26 3.60 -11.61 7.91
N GLY A 27 3.14 -10.39 7.67
CA GLY A 27 4.05 -9.31 7.31
C GLY A 27 4.45 -9.31 5.84
N LYS A 28 3.86 -10.19 5.04
CA LYS A 28 4.16 -10.25 3.61
C LYS A 28 4.06 -8.87 2.99
N LYS A 29 5.13 -8.42 2.35
CA LYS A 29 5.15 -7.10 1.72
C LYS A 29 5.24 -7.20 0.21
N MET A 30 4.38 -6.46 -0.48
CA MET A 30 4.36 -6.47 -1.93
C MET A 30 4.30 -5.03 -2.47
N GLY A 31 5.41 -4.58 -3.05
CA GLY A 31 5.49 -3.23 -3.58
C GLY A 31 4.76 -3.08 -4.91
N GLY A 32 5.34 -3.63 -5.97
CA GLY A 32 4.73 -3.54 -7.29
C GLY A 32 4.32 -4.89 -7.84
N ALA A 33 5.09 -5.93 -7.50
CA ALA A 33 4.80 -7.27 -7.97
C ALA A 33 3.33 -7.62 -7.74
N MET A 34 2.96 -7.80 -6.48
CA MET A 34 1.57 -8.11 -6.13
C MET A 34 0.97 -6.96 -5.35
N ALA A 35 0.73 -5.85 -6.04
CA ALA A 35 0.16 -4.67 -5.41
C ALA A 35 -1.02 -4.10 -6.18
N PRO A 36 -2.07 -3.69 -5.46
CA PRO A 36 -3.29 -3.13 -6.06
C PRO A 36 -3.09 -1.73 -6.64
N PRO A 37 -3.94 -1.35 -7.62
CA PRO A 37 -3.87 -0.04 -8.27
C PRO A 37 -4.68 1.03 -7.53
N MET A 38 -4.19 2.26 -7.57
CA MET A 38 -4.84 3.38 -6.90
C MET A 38 -6.35 3.40 -7.11
N LYS A 39 -6.78 3.41 -8.37
CA LYS A 39 -8.21 3.47 -8.67
C LYS A 39 -8.98 2.20 -8.26
N ASP A 40 -8.29 1.19 -7.74
CA ASP A 40 -8.97 -0.04 -7.33
C ASP A 40 -8.55 -0.49 -5.93
N LEU A 41 -7.73 0.31 -5.26
CA LEU A 41 -7.27 -0.02 -3.91
C LEU A 41 -8.40 -0.47 -2.98
N PRO A 42 -9.51 0.29 -2.91
CA PRO A 42 -10.63 -0.03 -2.02
C PRO A 42 -11.26 -1.41 -2.30
N ARG A 43 -11.16 -1.88 -3.53
CA ARG A 43 -11.70 -3.19 -3.87
C ARG A 43 -10.75 -4.28 -3.43
N TRP A 44 -9.47 -4.05 -3.69
CA TRP A 44 -8.42 -4.98 -3.32
C TRP A 44 -8.24 -4.99 -1.80
N LEU A 45 -8.46 -3.84 -1.18
CA LEU A 45 -8.34 -3.71 0.27
C LEU A 45 -9.53 -4.34 0.95
N GLU A 46 -10.69 -4.29 0.29
CA GLU A 46 -11.87 -4.92 0.83
C GLU A 46 -11.79 -6.42 0.57
N GLU A 47 -11.00 -6.77 -0.45
CA GLU A 47 -10.78 -8.16 -0.83
C GLU A 47 -9.64 -8.78 -0.04
N ASN A 48 -8.77 -7.94 0.53
CA ASN A 48 -7.64 -8.43 1.30
C ASN A 48 -7.64 -7.82 2.70
N PRO A 49 -8.51 -8.32 3.59
CA PRO A 49 -8.60 -7.82 4.97
C PRO A 49 -7.35 -8.13 5.77
N GLU A 50 -6.56 -9.09 5.29
CA GLU A 50 -5.33 -9.48 5.96
C GLU A 50 -4.18 -8.55 5.60
N PHE A 51 -4.44 -7.60 4.71
CA PHE A 51 -3.42 -6.66 4.27
C PHE A 51 -3.81 -5.21 4.51
N ALA A 52 -2.81 -4.33 4.44
CA ALA A 52 -3.01 -2.91 4.63
C ALA A 52 -2.09 -2.14 3.68
N VAL A 53 -2.21 -0.82 3.65
CA VAL A 53 -1.39 0.00 2.76
C VAL A 53 -0.08 0.41 3.42
N ALA A 54 0.99 0.43 2.64
CA ALA A 54 2.30 0.81 3.13
C ALA A 54 2.27 2.15 3.87
N PRO A 55 3.21 2.34 4.80
CA PRO A 55 3.34 3.58 5.60
C PRO A 55 3.38 4.84 4.77
N ASP A 56 4.31 4.90 3.84
CA ASP A 56 4.44 6.05 2.96
C ASP A 56 3.25 6.13 2.03
N TRP A 57 2.54 5.01 1.91
CA TRP A 57 1.36 4.96 1.09
C TRP A 57 0.15 5.30 1.93
N THR A 58 0.37 5.39 3.23
CA THR A 58 -0.67 5.80 4.15
C THR A 58 -1.02 7.23 3.80
N ASP A 59 0.02 8.04 3.65
CA ASP A 59 -0.12 9.43 3.27
C ASP A 59 -0.46 9.53 1.79
N ILE A 60 0.34 8.87 0.93
CA ILE A 60 0.07 8.90 -0.51
C ILE A 60 -1.37 8.50 -0.80
N VAL A 61 -1.73 7.30 -0.37
CA VAL A 61 -3.07 6.78 -0.56
C VAL A 61 -4.11 7.72 0.03
N LYS A 62 -3.83 8.25 1.23
CA LYS A 62 -4.76 9.18 1.85
C LYS A 62 -5.11 10.29 0.85
N GLN A 63 -4.09 10.86 0.24
CA GLN A 63 -4.25 11.90 -0.77
C GLN A 63 -4.73 11.32 -2.11
N SER A 64 -4.61 10.00 -2.26
CA SER A 64 -4.99 9.31 -3.49
C SER A 64 -6.29 9.85 -4.08
N GLY A 65 -7.25 10.13 -3.22
CA GLY A 65 -8.53 10.62 -3.69
C GLY A 65 -9.45 9.48 -4.13
N PHE A 66 -8.86 8.29 -4.31
CA PHE A 66 -9.64 7.13 -4.71
C PHE A 66 -10.22 6.45 -3.49
N VAL A 67 -9.37 6.18 -2.51
CA VAL A 67 -9.82 5.52 -1.29
C VAL A 67 -10.50 6.49 -0.33
N PRO A 68 -11.62 6.07 0.29
CA PRO A 68 -12.35 6.92 1.24
C PRO A 68 -11.62 7.06 2.57
N GLU A 69 -11.74 8.24 3.17
CA GLU A 69 -11.09 8.51 4.45
C GLU A 69 -11.41 7.42 5.47
N SER A 70 -12.61 6.86 5.38
CA SER A 70 -13.03 5.80 6.29
C SER A 70 -12.11 4.60 6.19
N MET A 71 -11.59 4.36 4.98
CA MET A 71 -10.69 3.23 4.75
C MET A 71 -9.25 3.57 5.13
N PHE A 72 -9.01 4.81 5.55
CA PHE A 72 -7.66 5.22 5.95
C PHE A 72 -7.20 4.44 7.17
N ASP A 73 -8.12 3.76 7.85
CA ASP A 73 -7.79 2.98 9.02
C ASP A 73 -6.88 1.81 8.65
N ARG A 74 -7.00 1.36 7.40
CA ARG A 74 -6.18 0.26 6.90
C ARG A 74 -4.80 0.74 6.47
N LEU A 75 -4.56 2.04 6.60
CA LEU A 75 -3.28 2.63 6.23
C LEU A 75 -2.25 2.49 7.35
N LEU A 76 -1.13 1.85 7.04
CA LEU A 76 -0.07 1.63 8.02
C LEU A 76 0.42 2.95 8.64
N THR A 77 1.40 2.84 9.51
CA THR A 77 1.99 4.00 10.19
C THR A 77 3.52 3.99 10.07
N GLY A 78 4.07 2.87 9.61
CA GLY A 78 5.51 2.74 9.47
C GLY A 78 5.91 1.43 8.81
N PRO A 79 6.99 1.41 8.01
CA PRO A 79 7.44 0.19 7.33
C PRO A 79 7.76 -0.90 8.33
N VAL A 80 7.49 -2.15 7.99
CA VAL A 80 7.76 -3.24 8.92
C VAL A 80 9.06 -3.97 8.56
N VAL A 81 9.78 -4.37 9.59
CA VAL A 81 11.07 -5.04 9.41
C VAL A 81 11.01 -6.14 8.35
N ARG A 82 12.18 -6.41 7.77
CA ARG A 82 12.30 -7.42 6.72
C ARG A 82 13.74 -7.92 6.61
N GLY A 83 13.95 -8.95 5.80
CA GLY A 83 15.27 -9.51 5.62
C GLY A 83 15.70 -9.52 4.16
N GLU A 84 16.32 -8.43 3.73
CA GLU A 84 16.79 -8.32 2.35
C GLU A 84 15.62 -8.38 1.37
N GLY A 85 15.88 -8.07 0.11
CA GLY A 85 14.84 -8.10 -0.90
C GLY A 85 15.10 -9.14 -1.97
N ALA A 86 15.33 -8.70 -3.19
CA ALA A 86 15.59 -9.60 -4.30
C ALA A 86 17.07 -9.57 -4.71
N SER A 87 17.50 -8.44 -5.25
CA SER A 87 18.89 -8.28 -5.68
C SER A 87 19.64 -7.33 -4.75
N GLY A 1 10.18 1.84 -7.67
CA GLY A 1 11.54 1.50 -7.18
C GLY A 1 11.67 0.05 -6.74
N SER A 2 11.50 -0.19 -5.45
CA SER A 2 11.59 -1.54 -4.90
C SER A 2 10.90 -1.63 -3.55
N ARG A 3 9.63 -2.03 -3.57
CA ARG A 3 8.85 -2.16 -2.35
C ARG A 3 8.59 -0.79 -1.72
N ASN A 4 9.64 -0.21 -1.14
CA ASN A 4 9.54 1.10 -0.51
C ASN A 4 9.50 2.21 -1.57
N PRO A 5 8.48 3.09 -1.52
CA PRO A 5 8.34 4.20 -2.47
C PRO A 5 9.27 5.38 -2.14
N ASN A 6 10.20 5.17 -1.21
CA ASN A 6 11.13 6.22 -0.81
C ASN A 6 11.73 6.93 -2.01
N LYS A 7 11.82 6.22 -3.14
CA LYS A 7 12.38 6.80 -4.36
C LYS A 7 11.40 6.66 -5.53
N LEU A 8 10.12 6.55 -5.21
CA LEU A 8 9.08 6.40 -6.23
C LEU A 8 8.55 7.76 -6.68
N ASP A 9 7.44 7.72 -7.42
CA ASP A 9 6.80 8.94 -7.92
C ASP A 9 5.35 8.95 -7.49
N ILE A 10 4.99 9.87 -6.62
CA ILE A 10 3.63 9.95 -6.11
C ILE A 10 2.67 10.58 -7.11
N ASN A 11 3.17 11.20 -8.17
CA ASN A 11 2.28 11.83 -9.15
C ASN A 11 1.55 10.80 -10.01
N THR A 12 2.08 9.58 -10.09
CA THR A 12 1.47 8.53 -10.91
C THR A 12 0.25 7.87 -10.22
N LEU A 13 -0.25 8.47 -9.15
CA LEU A 13 -1.40 7.92 -8.45
C LEU A 13 -2.69 8.32 -9.17
N THR A 14 -2.61 8.57 -10.46
CA THR A 14 -3.79 8.95 -11.24
C THR A 14 -4.71 7.74 -11.42
N GLY A 15 -4.46 6.68 -10.64
CA GLY A 15 -5.26 5.48 -10.75
C GLY A 15 -4.45 4.32 -11.27
N GLU A 16 -3.32 4.63 -11.90
CA GLU A 16 -2.43 3.64 -12.48
C GLU A 16 -1.34 3.15 -11.52
N GLU A 17 -0.98 3.95 -10.52
CA GLU A 17 0.06 3.54 -9.56
C GLU A 17 -0.27 2.18 -8.92
N ARG A 18 0.76 1.46 -8.53
CA ARG A 18 0.61 0.16 -7.88
C ARG A 18 0.95 0.27 -6.40
N VAL A 19 -0.08 0.50 -5.57
CA VAL A 19 0.11 0.67 -4.14
C VAL A 19 0.49 -0.63 -3.43
N PRO A 20 1.65 -0.64 -2.74
CA PRO A 20 2.13 -1.82 -2.01
C PRO A 20 1.29 -2.15 -0.79
N VAL A 21 1.14 -3.44 -0.53
CA VAL A 21 0.35 -3.91 0.61
C VAL A 21 1.13 -4.89 1.46
N VAL A 22 1.02 -4.73 2.78
CA VAL A 22 1.70 -5.61 3.71
C VAL A 22 0.70 -6.37 4.58
N ASN A 23 0.92 -7.67 4.70
CA ASN A 23 0.05 -8.52 5.51
C ASN A 23 0.24 -8.19 6.99
N LYS A 24 -0.87 -7.93 7.65
CA LYS A 24 -0.84 -7.57 9.07
C LYS A 24 -0.45 -8.75 9.95
N ARG A 25 -0.66 -9.97 9.46
CA ARG A 25 -0.35 -11.17 10.24
C ARG A 25 1.01 -11.77 9.87
N ASN A 26 1.16 -12.18 8.62
CA ASN A 26 2.41 -12.80 8.16
C ASN A 26 3.46 -11.76 7.75
N GLY A 27 3.04 -10.52 7.55
CA GLY A 27 3.99 -9.48 7.17
C GLY A 27 4.34 -9.47 5.69
N LYS A 28 3.71 -10.35 4.91
CA LYS A 28 3.98 -10.40 3.47
C LYS A 28 3.93 -8.99 2.88
N LYS A 29 5.01 -8.60 2.21
CA LYS A 29 5.09 -7.28 1.61
C LYS A 29 5.18 -7.36 0.10
N MET A 30 4.36 -6.57 -0.58
CA MET A 30 4.34 -6.56 -2.04
C MET A 30 4.30 -5.14 -2.58
N GLY A 31 5.41 -4.73 -3.21
CA GLY A 31 5.51 -3.39 -3.78
C GLY A 31 4.38 -3.09 -4.75
N GLY A 32 4.70 -3.03 -6.04
CA GLY A 32 3.68 -2.74 -7.04
C GLY A 32 3.33 -3.97 -7.87
N ALA A 33 4.27 -4.90 -7.96
CA ALA A 33 4.08 -6.12 -8.74
C ALA A 33 2.76 -6.81 -8.43
N MET A 34 2.66 -7.38 -7.23
CA MET A 34 1.45 -8.10 -6.83
C MET A 34 0.49 -7.22 -6.03
N ALA A 35 0.86 -5.97 -5.78
CA ALA A 35 0.02 -5.07 -5.02
C ALA A 35 -1.08 -4.45 -5.87
N PRO A 36 -2.14 -3.93 -5.22
CA PRO A 36 -3.29 -3.31 -5.90
C PRO A 36 -3.00 -1.92 -6.45
N PRO A 37 -3.75 -1.51 -7.50
CA PRO A 37 -3.59 -0.20 -8.13
C PRO A 37 -4.47 0.86 -7.47
N MET A 38 -4.01 2.11 -7.53
CA MET A 38 -4.72 3.23 -6.92
C MET A 38 -6.21 3.21 -7.21
N LYS A 39 -6.57 3.19 -8.49
CA LYS A 39 -7.98 3.22 -8.89
C LYS A 39 -8.78 1.98 -8.45
N ASP A 40 -8.12 1.00 -7.84
CA ASP A 40 -8.83 -0.21 -7.40
C ASP A 40 -8.51 -0.59 -5.96
N LEU A 41 -7.65 0.19 -5.30
CA LEU A 41 -7.27 -0.09 -3.91
C LEU A 41 -8.47 -0.43 -3.03
N PRO A 42 -9.59 0.32 -3.14
CA PRO A 42 -10.77 0.09 -2.31
C PRO A 42 -11.37 -1.32 -2.43
N ARG A 43 -11.31 -1.88 -3.64
CA ARG A 43 -11.85 -3.21 -3.85
C ARG A 43 -10.87 -4.26 -3.36
N TRP A 44 -9.59 -4.02 -3.61
CA TRP A 44 -8.54 -4.93 -3.18
C TRP A 44 -8.35 -4.88 -1.68
N LEU A 45 -8.56 -3.71 -1.08
CA LEU A 45 -8.43 -3.55 0.35
C LEU A 45 -9.62 -4.16 1.06
N GLU A 46 -10.80 -4.10 0.42
CA GLU A 46 -11.97 -4.72 1.00
C GLU A 46 -11.89 -6.23 0.78
N GLU A 47 -11.13 -6.60 -0.25
CA GLU A 47 -10.94 -8.00 -0.60
C GLU A 47 -9.77 -8.61 0.18
N ASN A 48 -8.89 -7.76 0.71
CA ASN A 48 -7.75 -8.24 1.49
C ASN A 48 -7.76 -7.65 2.88
N PRO A 49 -8.64 -8.15 3.77
CA PRO A 49 -8.74 -7.66 5.14
C PRO A 49 -7.50 -7.97 5.98
N GLU A 50 -6.68 -8.90 5.50
CA GLU A 50 -5.47 -9.28 6.20
C GLU A 50 -4.29 -8.40 5.77
N PHE A 51 -4.53 -7.50 4.83
CA PHE A 51 -3.48 -6.62 4.33
C PHE A 51 -3.79 -5.15 4.58
N ALA A 52 -2.75 -4.33 4.47
CA ALA A 52 -2.88 -2.90 4.65
C ALA A 52 -1.99 -2.17 3.67
N VAL A 53 -2.06 -0.84 3.66
CA VAL A 53 -1.26 -0.04 2.73
C VAL A 53 0.09 0.35 3.34
N ALA A 54 1.14 0.34 2.51
CA ALA A 54 2.48 0.68 2.97
C ALA A 54 2.50 2.02 3.70
N PRO A 55 3.53 2.23 4.55
CA PRO A 55 3.70 3.46 5.35
C PRO A 55 3.63 4.73 4.52
N ASP A 56 4.50 4.84 3.52
CA ASP A 56 4.53 6.02 2.67
C ASP A 56 3.27 6.08 1.82
N TRP A 57 2.55 4.97 1.79
CA TRP A 57 1.33 4.90 1.03
C TRP A 57 0.14 5.27 1.91
N THR A 58 0.40 5.43 3.21
CA THR A 58 -0.65 5.85 4.12
C THR A 58 -1.00 7.29 3.76
N ASP A 59 0.05 8.10 3.57
CA ASP A 59 -0.11 9.47 3.18
C ASP A 59 -0.49 9.54 1.71
N ILE A 60 0.28 8.86 0.85
CA ILE A 60 -0.03 8.86 -0.58
C ILE A 60 -1.48 8.44 -0.81
N VAL A 61 -1.82 7.23 -0.34
CA VAL A 61 -3.18 6.72 -0.50
C VAL A 61 -4.20 7.70 0.07
N LYS A 62 -3.91 8.28 1.23
CA LYS A 62 -4.83 9.25 1.83
C LYS A 62 -5.20 10.30 0.79
N GLN A 63 -4.20 10.88 0.14
CA GLN A 63 -4.39 11.87 -0.90
C GLN A 63 -4.87 11.24 -2.21
N SER A 64 -4.73 9.92 -2.32
CA SER A 64 -5.12 9.18 -3.52
C SER A 64 -6.44 9.67 -4.11
N GLY A 65 -7.39 9.93 -3.24
CA GLY A 65 -8.70 10.36 -3.70
C GLY A 65 -9.56 9.19 -4.14
N PHE A 66 -8.91 8.03 -4.34
CA PHE A 66 -9.62 6.83 -4.74
C PHE A 66 -10.22 6.13 -3.54
N VAL A 67 -9.40 5.94 -2.51
CA VAL A 67 -9.88 5.26 -1.30
C VAL A 67 -10.52 6.25 -0.32
N PRO A 68 -11.65 5.86 0.31
CA PRO A 68 -12.35 6.72 1.27
C PRO A 68 -11.59 6.86 2.58
N GLU A 69 -11.68 8.04 3.18
CA GLU A 69 -11.00 8.32 4.44
C GLU A 69 -11.37 7.29 5.50
N SER A 70 -12.56 6.72 5.38
CA SER A 70 -13.01 5.72 6.33
C SER A 70 -12.07 4.51 6.33
N MET A 71 -11.52 4.22 5.16
CA MET A 71 -10.61 3.09 5.01
C MET A 71 -9.16 3.49 5.30
N PHE A 72 -8.95 4.76 5.64
CA PHE A 72 -7.61 5.23 5.96
C PHE A 72 -7.06 4.51 7.19
N ASP A 73 -7.94 3.87 7.94
CA ASP A 73 -7.54 3.13 9.13
C ASP A 73 -6.65 1.95 8.74
N ARG A 74 -6.80 1.48 7.51
CA ARG A 74 -6.01 0.38 7.00
C ARG A 74 -4.65 0.86 6.49
N LEU A 75 -4.42 2.16 6.60
CA LEU A 75 -3.17 2.76 6.16
C LEU A 75 -2.11 2.64 7.25
N LEU A 76 -0.98 2.02 6.92
CA LEU A 76 0.10 1.81 7.87
C LEU A 76 0.57 3.11 8.51
N THR A 77 1.52 2.97 9.43
CA THR A 77 2.11 4.09 10.15
C THR A 77 3.61 3.86 10.31
N GLY A 78 4.19 3.24 9.29
CA GLY A 78 5.61 2.94 9.30
C GLY A 78 5.90 1.57 8.74
N PRO A 79 6.97 1.40 7.94
CA PRO A 79 7.32 0.10 7.35
C PRO A 79 7.53 -0.94 8.44
N VAL A 80 7.29 -2.21 8.13
CA VAL A 80 7.46 -3.27 9.11
C VAL A 80 8.70 -4.10 8.83
N VAL A 81 9.36 -4.54 9.89
CA VAL A 81 10.60 -5.31 9.78
C VAL A 81 10.48 -6.42 8.74
N ARG A 82 11.62 -6.81 8.20
CA ARG A 82 11.68 -7.85 7.17
C ARG A 82 12.86 -8.80 7.41
N GLY A 83 12.95 -9.83 6.58
CA GLY A 83 14.04 -10.79 6.70
C GLY A 83 14.76 -11.01 5.38
N GLU A 84 14.09 -11.69 4.45
CA GLU A 84 14.65 -11.99 3.14
C GLU A 84 16.10 -12.44 3.24
N GLY A 85 16.31 -13.76 3.27
CA GLY A 85 17.65 -14.31 3.37
C GLY A 85 18.18 -14.76 2.02
N ALA A 86 19.34 -14.24 1.64
CA ALA A 86 19.96 -14.59 0.38
C ALA A 86 21.34 -15.22 0.59
N SER A 87 21.85 -15.89 -0.44
CA SER A 87 23.16 -16.53 -0.37
C SER A 87 24.16 -15.81 -1.25
N GLY A 1 11.12 -5.63 -8.45
CA GLY A 1 11.89 -5.38 -7.21
C GLY A 1 10.99 -5.01 -6.04
N SER A 2 11.22 -5.64 -4.89
CA SER A 2 10.43 -5.37 -3.71
C SER A 2 11.12 -4.36 -2.80
N ARG A 3 10.40 -3.30 -2.44
CA ARG A 3 10.95 -2.26 -1.59
C ARG A 3 9.89 -1.20 -1.30
N ASN A 4 10.31 -0.13 -0.60
CA ASN A 4 9.38 0.95 -0.27
C ASN A 4 9.40 2.02 -1.36
N PRO A 5 8.39 2.91 -1.37
CA PRO A 5 8.28 3.98 -2.36
C PRO A 5 9.21 5.17 -2.07
N ASN A 6 10.10 5.00 -1.09
CA ASN A 6 11.03 6.05 -0.70
C ASN A 6 11.71 6.69 -1.92
N LYS A 7 11.76 5.96 -3.03
CA LYS A 7 12.38 6.47 -4.25
C LYS A 7 11.40 6.44 -5.43
N LEU A 8 10.11 6.44 -5.12
CA LEU A 8 9.07 6.41 -6.15
C LEU A 8 8.68 7.81 -6.62
N ASP A 9 7.58 7.88 -7.37
CA ASP A 9 7.08 9.15 -7.88
C ASP A 9 5.55 9.16 -7.86
N ILE A 10 4.99 9.70 -6.79
CA ILE A 10 3.54 9.73 -6.60
C ILE A 10 2.76 10.36 -7.74
N ASN A 11 3.42 11.06 -8.67
CA ASN A 11 2.67 11.67 -9.76
C ASN A 11 1.83 10.62 -10.49
N THR A 12 2.25 9.36 -10.41
CA THR A 12 1.54 8.27 -11.07
C THR A 12 0.28 7.84 -10.31
N LEU A 13 -0.02 8.52 -9.19
CA LEU A 13 -1.19 8.17 -8.41
C LEU A 13 -2.49 8.52 -9.14
N THR A 14 -2.43 8.73 -10.45
CA THR A 14 -3.62 9.06 -11.21
C THR A 14 -4.54 7.86 -11.37
N GLY A 15 -4.36 6.85 -10.50
CA GLY A 15 -5.19 5.67 -10.58
C GLY A 15 -4.39 4.47 -11.05
N GLU A 16 -3.32 4.75 -11.79
CA GLU A 16 -2.44 3.72 -12.36
C GLU A 16 -1.38 3.22 -11.37
N GLU A 17 -1.03 4.01 -10.36
CA GLU A 17 -0.03 3.58 -9.39
C GLU A 17 -0.39 2.23 -8.75
N ARG A 18 0.65 1.46 -8.40
CA ARG A 18 0.47 0.16 -7.76
C ARG A 18 0.81 0.27 -6.27
N VAL A 19 -0.21 0.50 -5.45
CA VAL A 19 -0.02 0.67 -4.02
C VAL A 19 0.41 -0.63 -3.31
N PRO A 20 1.62 -0.63 -2.70
CA PRO A 20 2.16 -1.79 -1.99
C PRO A 20 1.34 -2.14 -0.75
N VAL A 21 1.20 -3.43 -0.49
CA VAL A 21 0.45 -3.90 0.67
C VAL A 21 1.24 -4.89 1.51
N VAL A 22 1.08 -4.78 2.82
CA VAL A 22 1.77 -5.67 3.75
C VAL A 22 0.76 -6.47 4.56
N ASN A 23 0.96 -7.79 4.61
CA ASN A 23 0.07 -8.66 5.38
C ASN A 23 0.22 -8.37 6.87
N LYS A 24 -0.91 -8.15 7.53
CA LYS A 24 -0.91 -7.83 8.95
C LYS A 24 -0.46 -9.01 9.81
N ARG A 25 -0.59 -10.23 9.31
CA ARG A 25 -0.21 -11.41 10.07
C ARG A 25 1.19 -11.94 9.71
N ASN A 26 1.37 -12.31 8.44
CA ASN A 26 2.65 -12.86 7.99
C ASN A 26 3.64 -11.78 7.54
N GLY A 27 3.19 -10.54 7.45
CA GLY A 27 4.08 -9.47 7.05
C GLY A 27 4.39 -9.43 5.56
N LYS A 28 3.70 -10.27 4.78
CA LYS A 28 3.92 -10.30 3.33
C LYS A 28 3.93 -8.89 2.75
N LYS A 29 5.04 -8.52 2.13
CA LYS A 29 5.17 -7.20 1.53
C LYS A 29 5.24 -7.29 0.01
N MET A 30 4.43 -6.48 -0.66
CA MET A 30 4.40 -6.48 -2.13
C MET A 30 4.31 -5.06 -2.67
N GLY A 31 5.39 -4.61 -3.31
CA GLY A 31 5.45 -3.28 -3.90
C GLY A 31 4.31 -3.03 -4.87
N GLY A 32 4.62 -3.00 -6.16
CA GLY A 32 3.60 -2.77 -7.17
C GLY A 32 3.30 -4.02 -7.98
N ALA A 33 4.24 -4.96 -7.98
CA ALA A 33 4.10 -6.20 -8.74
C ALA A 33 2.75 -6.88 -8.48
N MET A 34 2.58 -7.41 -7.27
CA MET A 34 1.34 -8.10 -6.92
C MET A 34 0.39 -7.22 -6.09
N ALA A 35 0.78 -5.98 -5.85
CA ALA A 35 -0.04 -5.07 -5.05
C ALA A 35 -1.16 -4.44 -5.88
N PRO A 36 -2.21 -3.96 -5.21
CA PRO A 36 -3.38 -3.35 -5.87
C PRO A 36 -3.11 -1.95 -6.44
N PRO A 37 -3.91 -1.54 -7.45
CA PRO A 37 -3.79 -0.24 -8.08
C PRO A 37 -4.62 0.84 -7.40
N MET A 38 -4.15 2.08 -7.46
CA MET A 38 -4.83 3.21 -6.84
C MET A 38 -6.34 3.20 -7.08
N LYS A 39 -6.74 3.17 -8.35
CA LYS A 39 -8.16 3.21 -8.71
C LYS A 39 -8.93 1.96 -8.28
N ASP A 40 -8.25 0.95 -7.71
CA ASP A 40 -8.93 -0.27 -7.29
C ASP A 40 -8.59 -0.67 -5.85
N LEU A 41 -7.76 0.14 -5.19
CA LEU A 41 -7.36 -0.16 -3.80
C LEU A 41 -8.54 -0.52 -2.91
N PRO A 42 -9.67 0.20 -3.00
CA PRO A 42 -10.84 -0.06 -2.14
C PRO A 42 -11.42 -1.46 -2.30
N ARG A 43 -11.35 -2.01 -3.50
CA ARG A 43 -11.86 -3.35 -3.75
C ARG A 43 -10.88 -4.39 -3.27
N TRP A 44 -9.60 -4.15 -3.54
CA TRP A 44 -8.55 -5.06 -3.14
C TRP A 44 -8.34 -5.02 -1.63
N LEU A 45 -8.53 -3.84 -1.03
CA LEU A 45 -8.37 -3.69 0.40
C LEU A 45 -9.56 -4.30 1.13
N GLU A 46 -10.74 -4.24 0.50
CA GLU A 46 -11.92 -4.85 1.11
C GLU A 46 -11.86 -6.36 0.86
N GLU A 47 -11.11 -6.74 -0.18
CA GLU A 47 -10.93 -8.14 -0.54
C GLU A 47 -9.77 -8.77 0.24
N ASN A 48 -8.86 -7.95 0.75
CA ASN A 48 -7.72 -8.45 1.50
C ASN A 48 -7.67 -7.86 2.90
N PRO A 49 -8.51 -8.37 3.82
CA PRO A 49 -8.56 -7.88 5.20
C PRO A 49 -7.26 -8.18 5.97
N GLU A 50 -6.49 -9.14 5.47
CA GLU A 50 -5.23 -9.51 6.10
C GLU A 50 -4.09 -8.63 5.62
N PHE A 51 -4.40 -7.70 4.72
CA PHE A 51 -3.38 -6.80 4.19
C PHE A 51 -3.71 -5.34 4.46
N ALA A 52 -2.67 -4.51 4.42
CA ALA A 52 -2.82 -3.08 4.64
C ALA A 52 -1.92 -2.30 3.68
N VAL A 53 -2.00 -0.98 3.70
CA VAL A 53 -1.19 -0.15 2.80
C VAL A 53 0.12 0.30 3.43
N ALA A 54 1.18 0.32 2.62
CA ALA A 54 2.51 0.73 3.11
C ALA A 54 2.46 2.10 3.80
N PRO A 55 3.43 2.35 4.69
CA PRO A 55 3.53 3.61 5.45
C PRO A 55 3.48 4.86 4.58
N ASP A 56 4.40 4.95 3.63
CA ASP A 56 4.45 6.12 2.75
C ASP A 56 3.21 6.15 1.86
N TRP A 57 2.52 5.03 1.81
CA TRP A 57 1.31 4.96 1.03
C TRP A 57 0.12 5.37 1.89
N THR A 58 0.36 5.53 3.18
CA THR A 58 -0.67 6.00 4.09
C THR A 58 -0.99 7.43 3.72
N ASP A 59 0.08 8.22 3.54
CA ASP A 59 -0.07 9.61 3.15
C ASP A 59 -0.47 9.68 1.69
N ILE A 60 0.29 8.99 0.82
CA ILE A 60 -0.03 8.97 -0.60
C ILE A 60 -1.48 8.57 -0.82
N VAL A 61 -1.85 7.39 -0.35
CA VAL A 61 -3.20 6.88 -0.49
C VAL A 61 -4.20 7.90 0.05
N LYS A 62 -3.90 8.49 1.19
CA LYS A 62 -4.80 9.47 1.78
C LYS A 62 -5.16 10.53 0.74
N GLN A 63 -4.13 11.09 0.10
CA GLN A 63 -4.30 12.09 -0.95
C GLN A 63 -4.80 11.45 -2.26
N SER A 64 -4.66 10.13 -2.36
CA SER A 64 -5.06 9.39 -3.56
C SER A 64 -6.38 9.85 -4.13
N GLY A 65 -7.34 10.07 -3.26
CA GLY A 65 -8.65 10.48 -3.70
C GLY A 65 -9.46 9.30 -4.22
N PHE A 66 -8.80 8.14 -4.37
CA PHE A 66 -9.47 6.94 -4.85
C PHE A 66 -10.03 6.16 -3.68
N VAL A 67 -9.34 6.20 -2.55
CA VAL A 67 -9.80 5.46 -1.38
C VAL A 67 -10.50 6.39 -0.38
N PRO A 68 -11.62 5.94 0.22
CA PRO A 68 -12.38 6.74 1.20
C PRO A 68 -11.65 6.88 2.52
N GLU A 69 -11.78 8.05 3.13
CA GLU A 69 -11.13 8.32 4.41
C GLU A 69 -11.51 7.28 5.46
N SER A 70 -12.66 6.63 5.27
CA SER A 70 -13.11 5.61 6.20
C SER A 70 -12.13 4.46 6.27
N MET A 71 -11.50 4.15 5.13
CA MET A 71 -10.53 3.07 5.06
C MET A 71 -9.11 3.55 5.29
N PHE A 72 -8.96 4.85 5.60
CA PHE A 72 -7.64 5.41 5.85
C PHE A 72 -7.00 4.80 7.09
N ASP A 73 -7.82 4.11 7.90
CA ASP A 73 -7.32 3.49 9.13
C ASP A 73 -6.41 2.29 8.84
N ARG A 74 -6.53 1.72 7.65
CA ARG A 74 -5.71 0.58 7.26
C ARG A 74 -4.46 1.04 6.50
N LEU A 75 -4.29 2.35 6.41
CA LEU A 75 -3.16 2.93 5.69
C LEU A 75 -1.83 2.82 6.45
N LEU A 76 -1.85 2.15 7.61
CA LEU A 76 -0.64 1.96 8.41
C LEU A 76 -0.18 3.24 9.07
N THR A 77 0.77 3.10 9.99
CA THR A 77 1.34 4.22 10.72
C THR A 77 2.87 4.08 10.77
N GLY A 78 3.42 3.54 9.69
CA GLY A 78 4.86 3.34 9.61
C GLY A 78 5.20 1.95 9.10
N PRO A 79 6.37 1.78 8.44
CA PRO A 79 6.79 0.48 7.92
C PRO A 79 6.89 -0.53 9.04
N VAL A 80 6.71 -1.81 8.74
CA VAL A 80 6.79 -2.84 9.77
C VAL A 80 8.07 -3.65 9.65
N VAL A 81 8.59 -4.08 10.79
CA VAL A 81 9.83 -4.83 10.83
C VAL A 81 9.86 -5.94 9.79
N ARG A 82 11.06 -6.20 9.28
CA ARG A 82 11.27 -7.22 8.25
C ARG A 82 12.71 -7.72 8.26
N GLY A 83 12.90 -8.99 8.58
CA GLY A 83 14.23 -9.57 8.61
C GLY A 83 14.71 -9.83 10.02
N GLU A 84 14.57 -8.83 10.89
CA GLU A 84 15.00 -8.96 12.28
C GLU A 84 13.98 -9.77 13.09
N GLY A 85 14.42 -10.91 13.61
CA GLY A 85 13.54 -11.76 14.39
C GLY A 85 13.30 -13.10 13.74
N ALA A 86 12.79 -13.08 12.52
CA ALA A 86 12.51 -14.30 11.78
C ALA A 86 12.47 -14.05 10.27
N SER A 87 13.37 -14.72 9.55
CA SER A 87 13.44 -14.56 8.10
C SER A 87 13.73 -13.11 7.72
N GLY A 1 11.88 -5.58 0.09
CA GLY A 1 11.21 -4.54 -0.74
C GLY A 1 11.58 -4.64 -2.21
N SER A 2 10.65 -4.27 -3.08
CA SER A 2 10.89 -4.31 -4.52
C SER A 2 10.95 -2.91 -5.12
N ARG A 3 10.13 -2.01 -4.57
CA ARG A 3 10.07 -0.64 -5.05
C ARG A 3 9.44 0.27 -4.00
N ASN A 4 10.25 0.73 -3.05
CA ASN A 4 9.78 1.62 -1.99
C ASN A 4 9.53 3.02 -2.52
N PRO A 5 8.66 3.79 -1.85
CA PRO A 5 8.33 5.17 -2.26
C PRO A 5 9.55 6.08 -2.29
N ASN A 6 10.65 5.62 -1.70
CA ASN A 6 11.88 6.41 -1.67
C ASN A 6 12.59 6.44 -3.02
N LYS A 7 11.98 5.81 -4.03
CA LYS A 7 12.57 5.78 -5.37
C LYS A 7 11.50 5.85 -6.46
N LEU A 8 10.26 6.07 -6.06
CA LEU A 8 9.15 6.14 -7.01
C LEU A 8 8.74 7.59 -7.29
N ASP A 9 7.53 7.77 -7.80
CA ASP A 9 6.99 9.09 -8.10
C ASP A 9 5.51 9.14 -7.74
N ILE A 10 5.21 9.79 -6.63
CA ILE A 10 3.85 9.88 -6.15
C ILE A 10 2.89 10.56 -7.14
N ASN A 11 3.41 11.17 -8.19
CA ASN A 11 2.56 11.85 -9.16
C ASN A 11 1.74 10.86 -9.99
N THR A 12 2.21 9.62 -10.11
CA THR A 12 1.52 8.60 -10.89
C THR A 12 0.30 8.01 -10.17
N LEU A 13 -0.16 8.68 -9.11
CA LEU A 13 -1.31 8.20 -8.36
C LEU A 13 -2.62 8.56 -9.08
N THR A 14 -2.58 8.66 -10.41
CA THR A 14 -3.79 8.98 -11.15
C THR A 14 -4.66 7.74 -11.34
N GLY A 15 -4.44 6.73 -10.49
CA GLY A 15 -5.20 5.51 -10.58
C GLY A 15 -4.34 4.35 -11.05
N GLU A 16 -3.28 4.67 -11.79
CA GLU A 16 -2.37 3.67 -12.33
C GLU A 16 -1.30 3.22 -11.33
N GLU A 17 -0.94 4.07 -10.37
CA GLU A 17 0.07 3.69 -9.38
C GLU A 17 -0.23 2.33 -8.73
N ARG A 18 0.82 1.60 -8.38
CA ARG A 18 0.68 0.30 -7.75
C ARG A 18 1.03 0.38 -6.26
N VAL A 19 0.00 0.58 -5.44
CA VAL A 19 0.18 0.72 -4.00
C VAL A 19 0.57 -0.59 -3.32
N PRO A 20 1.76 -0.64 -2.67
CA PRO A 20 2.25 -1.83 -1.96
C PRO A 20 1.43 -2.12 -0.70
N VAL A 21 1.14 -3.39 -0.46
CA VAL A 21 0.38 -3.81 0.70
C VAL A 21 1.16 -4.77 1.58
N VAL A 22 1.04 -4.61 2.89
CA VAL A 22 1.73 -5.47 3.85
C VAL A 22 0.73 -6.21 4.72
N ASN A 23 0.91 -7.52 4.83
CA ASN A 23 0.03 -8.35 5.64
C ASN A 23 0.17 -7.99 7.12
N LYS A 24 -0.95 -7.77 7.76
CA LYS A 24 -0.96 -7.39 9.17
C LYS A 24 -0.49 -8.52 10.08
N ARG A 25 -0.67 -9.76 9.66
CA ARG A 25 -0.29 -10.91 10.47
C ARG A 25 1.10 -11.47 10.11
N ASN A 26 1.25 -11.91 8.86
CA ASN A 26 2.53 -12.49 8.43
C ASN A 26 3.53 -11.43 7.95
N GLY A 27 3.07 -10.20 7.77
CA GLY A 27 3.97 -9.15 7.34
C GLY A 27 4.31 -9.22 5.86
N LYS A 28 3.70 -10.15 5.13
CA LYS A 28 3.95 -10.29 3.71
C LYS A 28 3.89 -8.93 3.02
N LYS A 29 4.97 -8.56 2.35
CA LYS A 29 5.04 -7.27 1.65
C LYS A 29 5.03 -7.45 0.15
N MET A 30 4.16 -6.71 -0.52
CA MET A 30 4.06 -6.78 -1.98
C MET A 30 3.92 -5.38 -2.57
N GLY A 31 5.01 -4.88 -3.16
CA GLY A 31 5.00 -3.56 -3.77
C GLY A 31 5.43 -3.61 -5.22
N GLY A 32 4.47 -3.49 -6.12
CA GLY A 32 4.77 -3.53 -7.54
C GLY A 32 3.59 -3.98 -8.37
N ALA A 33 3.85 -4.83 -9.37
CA ALA A 33 2.80 -5.34 -10.24
C ALA A 33 1.75 -6.13 -9.46
N MET A 34 2.20 -6.86 -8.45
CA MET A 34 1.29 -7.68 -7.64
C MET A 34 0.47 -6.82 -6.67
N ALA A 35 0.99 -5.65 -6.32
CA ALA A 35 0.31 -4.77 -5.40
C ALA A 35 -0.93 -4.13 -6.04
N PRO A 36 -1.95 -3.82 -5.22
CA PRO A 36 -3.20 -3.21 -5.70
C PRO A 36 -3.01 -1.85 -6.36
N PRO A 37 -3.84 -1.53 -7.37
CA PRO A 37 -3.77 -0.25 -8.08
C PRO A 37 -4.63 0.83 -7.43
N MET A 38 -4.13 2.05 -7.46
CA MET A 38 -4.82 3.19 -6.85
C MET A 38 -6.31 3.21 -7.13
N LYS A 39 -6.70 3.12 -8.40
CA LYS A 39 -8.12 3.18 -8.77
C LYS A 39 -8.92 1.98 -8.29
N ASP A 40 -8.26 0.95 -7.74
CA ASP A 40 -8.98 -0.23 -7.27
C ASP A 40 -8.57 -0.63 -5.85
N LEU A 41 -7.74 0.19 -5.22
CA LEU A 41 -7.27 -0.08 -3.86
C LEU A 41 -8.39 -0.54 -2.93
N PRO A 42 -9.57 0.13 -2.96
CA PRO A 42 -10.71 -0.23 -2.08
C PRO A 42 -11.26 -1.62 -2.37
N ARG A 43 -11.13 -2.07 -3.62
CA ARG A 43 -11.61 -3.38 -4.00
C ARG A 43 -10.66 -4.43 -3.44
N TRP A 44 -9.39 -4.24 -3.71
CA TRP A 44 -8.34 -5.13 -3.25
C TRP A 44 -8.23 -5.11 -1.73
N LEU A 45 -8.44 -3.92 -1.14
CA LEU A 45 -8.36 -3.77 0.31
C LEU A 45 -9.59 -4.36 1.00
N GLU A 46 -10.72 -4.40 0.28
CA GLU A 46 -11.92 -4.98 0.82
C GLU A 46 -11.83 -6.50 0.67
N GLU A 47 -11.07 -6.92 -0.33
CA GLU A 47 -10.86 -8.33 -0.63
C GLU A 47 -9.73 -8.92 0.21
N ASN A 48 -8.82 -8.06 0.68
CA ASN A 48 -7.70 -8.52 1.49
C ASN A 48 -7.70 -7.89 2.87
N PRO A 49 -8.58 -8.37 3.77
CA PRO A 49 -8.67 -7.84 5.14
C PRO A 49 -7.41 -8.12 5.95
N GLU A 50 -6.66 -9.13 5.54
CA GLU A 50 -5.43 -9.49 6.23
C GLU A 50 -4.27 -8.57 5.81
N PHE A 51 -4.53 -7.66 4.88
CA PHE A 51 -3.49 -6.76 4.41
C PHE A 51 -3.82 -5.29 4.65
N ALA A 52 -2.80 -4.46 4.54
CA ALA A 52 -2.93 -3.02 4.73
C ALA A 52 -1.98 -2.30 3.78
N VAL A 53 -2.04 -0.97 3.75
CA VAL A 53 -1.18 -0.20 2.86
C VAL A 53 0.09 0.29 3.54
N ALA A 54 1.20 0.28 2.82
CA ALA A 54 2.48 0.71 3.37
C ALA A 54 2.37 2.09 4.03
N PRO A 55 3.23 2.36 5.04
CA PRO A 55 3.24 3.63 5.79
C PRO A 55 3.29 4.86 4.89
N ASP A 56 4.27 4.92 4.00
CA ASP A 56 4.41 6.05 3.09
C ASP A 56 3.23 6.11 2.13
N TRP A 57 2.54 4.99 2.03
CA TRP A 57 1.38 4.90 1.19
C TRP A 57 0.15 5.31 1.97
N THR A 58 0.29 5.45 3.27
CA THR A 58 -0.80 5.90 4.11
C THR A 58 -1.08 7.35 3.75
N ASP A 59 0.00 8.12 3.60
CA ASP A 59 -0.09 9.51 3.22
C ASP A 59 -0.44 9.61 1.75
N ILE A 60 0.33 8.91 0.90
CA ILE A 60 0.06 8.92 -0.53
C ILE A 60 -1.39 8.52 -0.80
N VAL A 61 -1.75 7.32 -0.35
CA VAL A 61 -3.12 6.82 -0.52
C VAL A 61 -4.13 7.81 0.01
N LYS A 62 -3.82 8.42 1.16
CA LYS A 62 -4.73 9.41 1.73
C LYS A 62 -5.09 10.45 0.68
N GLN A 63 -4.05 10.99 0.02
CA GLN A 63 -4.23 11.97 -1.05
C GLN A 63 -4.75 11.32 -2.34
N SER A 64 -4.64 10.00 -2.41
CA SER A 64 -5.05 9.24 -3.60
C SER A 64 -6.41 9.65 -4.12
N GLY A 65 -7.33 9.90 -3.21
CA GLY A 65 -8.67 10.28 -3.62
C GLY A 65 -9.47 9.08 -4.11
N PHE A 66 -8.79 7.94 -4.34
CA PHE A 66 -9.46 6.73 -4.80
C PHE A 66 -9.96 5.93 -3.62
N VAL A 67 -9.27 6.04 -2.49
CA VAL A 67 -9.68 5.30 -1.29
C VAL A 67 -10.41 6.20 -0.30
N PRO A 68 -11.53 5.73 0.27
CA PRO A 68 -12.31 6.50 1.24
C PRO A 68 -11.53 6.76 2.53
N GLU A 69 -11.59 7.99 3.01
CA GLU A 69 -10.89 8.37 4.24
C GLU A 69 -11.23 7.41 5.38
N SER A 70 -12.44 6.87 5.35
CA SER A 70 -12.87 5.93 6.39
C SER A 70 -11.96 4.71 6.40
N MET A 71 -11.46 4.34 5.24
CA MET A 71 -10.57 3.18 5.11
C MET A 71 -9.12 3.56 5.40
N PHE A 72 -8.87 4.84 5.68
CA PHE A 72 -7.52 5.30 5.97
C PHE A 72 -6.95 4.57 7.20
N ASP A 73 -7.83 3.96 7.98
CA ASP A 73 -7.40 3.25 9.19
C ASP A 73 -6.55 2.03 8.84
N ARG A 74 -6.73 1.50 7.64
CA ARG A 74 -5.96 0.34 7.19
C ARG A 74 -4.67 0.75 6.49
N LEU A 75 -4.42 2.06 6.45
CA LEU A 75 -3.23 2.60 5.79
C LEU A 75 -1.99 2.52 6.68
N LEU A 76 -1.95 1.57 7.61
CA LEU A 76 -0.79 1.43 8.50
C LEU A 76 -0.60 2.68 9.33
N THR A 77 0.06 2.54 10.47
CA THR A 77 0.31 3.67 11.35
C THR A 77 1.77 3.73 11.79
N GLY A 78 2.68 3.31 10.90
CA GLY A 78 4.09 3.35 11.22
C GLY A 78 4.78 2.00 11.20
N PRO A 79 4.33 1.03 12.02
CA PRO A 79 4.95 -0.29 12.09
C PRO A 79 4.59 -1.22 10.94
N VAL A 80 5.61 -1.83 10.34
CA VAL A 80 5.45 -2.75 9.23
C VAL A 80 6.71 -3.61 9.07
N VAL A 81 6.57 -4.77 8.43
CA VAL A 81 7.70 -5.66 8.23
C VAL A 81 7.90 -5.94 6.74
N ARG A 82 9.08 -5.61 6.23
CA ARG A 82 9.39 -5.82 4.82
C ARG A 82 10.86 -6.20 4.64
N GLY A 83 11.12 -7.08 3.68
CA GLY A 83 12.49 -7.52 3.42
C GLY A 83 12.92 -8.62 4.35
N GLU A 84 12.31 -9.80 4.19
CA GLU A 84 12.64 -10.94 5.03
C GLU A 84 12.34 -12.26 4.30
N GLY A 85 13.35 -13.11 4.18
CA GLY A 85 13.17 -14.38 3.51
C GLY A 85 14.48 -14.96 2.98
N ALA A 86 14.58 -15.09 1.67
CA ALA A 86 15.79 -15.63 1.04
C ALA A 86 16.81 -14.53 0.80
N SER A 87 16.37 -13.45 0.17
CA SER A 87 17.25 -12.33 -0.14
C SER A 87 17.06 -11.20 0.88
N GLY A 1 16.02 2.35 -5.68
CA GLY A 1 15.55 1.26 -4.77
C GLY A 1 15.06 0.05 -5.52
N SER A 2 13.82 -0.34 -5.27
CA SER A 2 13.24 -1.52 -5.93
C SER A 2 11.72 -1.53 -5.76
N ARG A 3 11.28 -1.74 -4.53
CA ARG A 3 9.86 -1.78 -4.23
C ARG A 3 9.46 -0.61 -3.33
N ASN A 4 10.37 -0.18 -2.48
CA ASN A 4 10.11 0.94 -1.58
C ASN A 4 9.80 2.20 -2.37
N PRO A 5 8.86 3.03 -1.88
CA PRO A 5 8.47 4.28 -2.55
C PRO A 5 9.48 5.40 -2.33
N ASN A 6 10.56 5.11 -1.62
CA ASN A 6 11.59 6.11 -1.35
C ASN A 6 12.17 6.67 -2.64
N LYS A 7 12.12 5.88 -3.70
CA LYS A 7 12.64 6.31 -5.00
C LYS A 7 11.57 6.23 -6.09
N LEU A 8 10.32 6.34 -5.67
CA LEU A 8 9.20 6.27 -6.61
C LEU A 8 8.74 7.67 -7.02
N ASP A 9 7.55 7.76 -7.61
CA ASP A 9 6.99 9.04 -8.05
C ASP A 9 5.49 9.07 -7.77
N ILE A 10 5.10 9.78 -6.72
CA ILE A 10 3.71 9.88 -6.34
C ILE A 10 2.85 10.59 -7.39
N ASN A 11 3.47 11.23 -8.36
CA ASN A 11 2.71 11.93 -9.39
C ASN A 11 1.83 10.96 -10.18
N THR A 12 2.28 9.71 -10.31
CA THR A 12 1.54 8.71 -11.07
C THR A 12 0.35 8.12 -10.29
N LEU A 13 -0.09 8.81 -9.24
CA LEU A 13 -1.20 8.35 -8.44
C LEU A 13 -2.54 8.65 -9.13
N THR A 14 -2.53 8.78 -10.46
CA THR A 14 -3.75 9.06 -11.19
C THR A 14 -4.60 7.80 -11.34
N GLY A 15 -4.44 6.87 -10.40
CA GLY A 15 -5.19 5.63 -10.45
C GLY A 15 -4.34 4.48 -10.91
N GLU A 16 -3.29 4.79 -11.69
CA GLU A 16 -2.39 3.79 -12.24
C GLU A 16 -1.32 3.33 -11.24
N GLU A 17 -0.92 4.19 -10.30
CA GLU A 17 0.10 3.79 -9.33
C GLU A 17 -0.22 2.45 -8.67
N ARG A 18 0.83 1.66 -8.42
CA ARG A 18 0.68 0.36 -7.79
C ARG A 18 1.06 0.44 -6.31
N VAL A 19 0.06 0.59 -5.44
CA VAL A 19 0.29 0.71 -4.01
C VAL A 19 0.72 -0.63 -3.38
N PRO A 20 1.82 -0.62 -2.60
CA PRO A 20 2.32 -1.82 -1.92
C PRO A 20 1.53 -2.13 -0.65
N VAL A 21 1.17 -3.40 -0.47
CA VAL A 21 0.42 -3.82 0.69
C VAL A 21 1.23 -4.76 1.57
N VAL A 22 1.01 -4.67 2.88
CA VAL A 22 1.73 -5.50 3.83
C VAL A 22 0.76 -6.23 4.75
N ASN A 23 0.91 -7.55 4.84
CA ASN A 23 0.06 -8.37 5.68
C ASN A 23 0.24 -7.99 7.15
N LYS A 24 -0.88 -7.82 7.85
CA LYS A 24 -0.86 -7.41 9.24
C LYS A 24 -0.28 -8.51 10.15
N ARG A 25 -0.50 -9.76 9.79
CA ARG A 25 -0.02 -10.88 10.61
C ARG A 25 1.36 -11.39 10.18
N ASN A 26 1.46 -11.86 8.94
CA ASN A 26 2.73 -12.41 8.45
C ASN A 26 3.69 -11.33 7.94
N GLY A 27 3.19 -10.11 7.79
CA GLY A 27 4.05 -9.03 7.32
C GLY A 27 4.36 -9.11 5.83
N LYS A 28 3.79 -10.09 5.14
CA LYS A 28 4.03 -10.24 3.70
C LYS A 28 3.86 -8.91 2.99
N LYS A 29 4.91 -8.46 2.31
CA LYS A 29 4.86 -7.19 1.59
C LYS A 29 4.87 -7.41 0.08
N MET A 30 3.95 -6.73 -0.60
CA MET A 30 3.85 -6.84 -2.04
C MET A 30 3.78 -5.44 -2.68
N GLY A 31 4.90 -5.02 -3.27
CA GLY A 31 4.95 -3.72 -3.91
C GLY A 31 5.46 -3.80 -5.33
N GLY A 32 4.55 -3.81 -6.29
CA GLY A 32 4.92 -3.89 -7.69
C GLY A 32 3.73 -4.16 -8.59
N ALA A 33 3.82 -5.20 -9.39
CA ALA A 33 2.75 -5.56 -10.32
C ALA A 33 1.63 -6.31 -9.61
N MET A 34 1.96 -7.03 -8.54
CA MET A 34 0.98 -7.79 -7.78
C MET A 34 0.24 -6.92 -6.77
N ALA A 35 0.79 -5.75 -6.46
CA ALA A 35 0.17 -4.85 -5.51
C ALA A 35 -1.06 -4.17 -6.10
N PRO A 36 -2.03 -3.80 -5.25
CA PRO A 36 -3.28 -3.16 -5.68
C PRO A 36 -3.06 -1.80 -6.34
N PRO A 37 -3.88 -1.48 -7.36
CA PRO A 37 -3.80 -0.20 -8.08
C PRO A 37 -4.59 0.89 -7.37
N MET A 38 -4.08 2.12 -7.45
CA MET A 38 -4.71 3.26 -6.80
C MET A 38 -6.23 3.28 -6.99
N LYS A 39 -6.69 3.20 -8.23
CA LYS A 39 -8.12 3.24 -8.52
C LYS A 39 -8.89 2.00 -8.04
N ASP A 40 -8.19 1.01 -7.51
CA ASP A 40 -8.86 -0.21 -7.03
C ASP A 40 -8.46 -0.57 -5.59
N LEU A 41 -7.61 0.26 -4.99
CA LEU A 41 -7.15 0.01 -3.61
C LEU A 41 -8.30 -0.40 -2.67
N PRO A 42 -9.45 0.29 -2.74
CA PRO A 42 -10.61 -0.01 -1.87
C PRO A 42 -11.20 -1.38 -2.14
N ARG A 43 -11.10 -1.83 -3.39
CA ARG A 43 -11.62 -3.14 -3.77
C ARG A 43 -10.67 -4.22 -3.28
N TRP A 44 -9.41 -4.07 -3.66
CA TRP A 44 -8.38 -5.01 -3.26
C TRP A 44 -8.30 -5.13 -1.75
N LEU A 45 -8.33 -3.98 -1.07
CA LEU A 45 -8.26 -3.99 0.39
C LEU A 45 -9.45 -4.76 0.94
N GLU A 46 -10.66 -4.39 0.54
CA GLU A 46 -11.85 -5.08 1.01
C GLU A 46 -11.69 -6.57 0.82
N GLU A 47 -10.98 -6.95 -0.24
CA GLU A 47 -10.74 -8.34 -0.56
C GLU A 47 -9.61 -8.92 0.29
N ASN A 48 -8.71 -8.06 0.75
CA ASN A 48 -7.58 -8.51 1.57
C ASN A 48 -7.62 -7.85 2.96
N PRO A 49 -8.49 -8.34 3.85
CA PRO A 49 -8.62 -7.80 5.21
C PRO A 49 -7.37 -8.00 6.04
N GLU A 50 -6.58 -9.01 5.70
CA GLU A 50 -5.35 -9.31 6.43
C GLU A 50 -4.20 -8.44 5.96
N PHE A 51 -4.45 -7.58 4.98
CA PHE A 51 -3.40 -6.71 4.45
C PHE A 51 -3.72 -5.23 4.65
N ALA A 52 -2.67 -4.42 4.59
CA ALA A 52 -2.79 -2.97 4.75
C ALA A 52 -1.83 -2.26 3.81
N VAL A 53 -1.88 -0.93 3.76
CA VAL A 53 -1.00 -0.18 2.87
C VAL A 53 0.25 0.33 3.60
N ALA A 54 1.39 0.26 2.91
CA ALA A 54 2.66 0.70 3.50
C ALA A 54 2.58 2.11 4.10
N PRO A 55 3.50 2.43 5.04
CA PRO A 55 3.53 3.74 5.73
C PRO A 55 3.55 4.93 4.77
N ASP A 56 4.49 4.95 3.85
CA ASP A 56 4.59 6.05 2.89
C ASP A 56 3.40 6.02 1.95
N TRP A 57 2.73 4.87 1.90
CA TRP A 57 1.56 4.73 1.07
C TRP A 57 0.31 5.01 1.89
N THR A 58 0.46 5.02 3.21
CA THR A 58 -0.65 5.34 4.08
C THR A 58 -1.02 6.79 3.82
N ASP A 59 0.02 7.63 3.78
CA ASP A 59 -0.15 9.04 3.51
C ASP A 59 -0.45 9.26 2.02
N ILE A 60 0.37 8.68 1.13
CA ILE A 60 0.12 8.82 -0.31
C ILE A 60 -1.30 8.37 -0.65
N VAL A 61 -1.62 7.12 -0.31
CA VAL A 61 -2.94 6.57 -0.58
C VAL A 61 -4.03 7.44 0.06
N LYS A 62 -3.75 7.97 1.25
CA LYS A 62 -4.73 8.82 1.91
C LYS A 62 -5.12 9.97 0.97
N GLN A 63 -4.13 10.63 0.39
CA GLN A 63 -4.34 11.71 -0.56
C GLN A 63 -4.80 11.18 -1.93
N SER A 64 -4.60 9.88 -2.14
CA SER A 64 -4.93 9.22 -3.41
C SER A 64 -6.26 9.69 -3.98
N GLY A 65 -7.19 10.07 -3.12
CA GLY A 65 -8.48 10.51 -3.59
C GLY A 65 -9.35 9.34 -4.05
N PHE A 66 -8.73 8.19 -4.30
CA PHE A 66 -9.47 7.01 -4.73
C PHE A 66 -10.02 6.25 -3.54
N VAL A 67 -9.27 6.27 -2.43
CA VAL A 67 -9.70 5.56 -1.23
C VAL A 67 -10.59 6.45 -0.36
N PRO A 68 -11.70 5.90 0.15
CA PRO A 68 -12.62 6.64 1.01
C PRO A 68 -12.01 6.92 2.38
N GLU A 69 -12.31 8.09 2.94
CA GLU A 69 -11.78 8.48 4.24
C GLU A 69 -12.01 7.40 5.29
N SER A 70 -13.13 6.71 5.19
CA SER A 70 -13.46 5.65 6.14
C SER A 70 -12.46 4.50 6.05
N MET A 71 -11.97 4.25 4.85
CA MET A 71 -11.01 3.17 4.63
C MET A 71 -9.60 3.58 5.05
N PHE A 72 -9.44 4.83 5.46
CA PHE A 72 -8.13 5.32 5.89
C PHE A 72 -7.58 4.46 7.02
N ASP A 73 -8.45 3.70 7.69
CA ASP A 73 -8.03 2.83 8.76
C ASP A 73 -7.11 1.73 8.22
N ARG A 74 -7.25 1.42 6.94
CA ARG A 74 -6.43 0.39 6.30
C ARG A 74 -5.02 0.92 6.04
N LEU A 75 -4.81 2.21 6.30
CA LEU A 75 -3.52 2.84 6.11
C LEU A 75 -2.79 2.93 7.45
N LEU A 76 -1.72 2.17 7.59
CA LEU A 76 -0.98 2.16 8.84
C LEU A 76 0.33 2.93 8.72
N THR A 77 0.67 3.59 9.80
CA THR A 77 1.88 4.39 9.87
C THR A 77 3.06 3.59 10.44
N GLY A 78 2.83 2.30 10.73
CA GLY A 78 3.90 1.49 11.26
C GLY A 78 3.96 0.07 10.70
N PRO A 79 3.55 -0.18 9.44
CA PRO A 79 3.61 -1.53 8.85
C PRO A 79 5.04 -2.08 8.91
N VAL A 80 5.20 -3.34 8.55
CA VAL A 80 6.51 -3.97 8.55
C VAL A 80 7.15 -3.90 7.16
N VAL A 81 8.27 -3.20 7.06
CA VAL A 81 8.96 -3.05 5.78
C VAL A 81 10.42 -3.51 5.89
N ARG A 82 10.75 -4.57 5.17
CA ARG A 82 12.11 -5.10 5.17
C ARG A 82 13.06 -4.17 4.45
N GLY A 83 14.17 -3.82 5.11
CA GLY A 83 15.14 -2.93 4.51
C GLY A 83 16.38 -3.66 4.02
N GLU A 84 17.15 -3.00 3.17
CA GLU A 84 18.37 -3.60 2.63
C GLU A 84 19.55 -2.66 2.79
N GLY A 85 20.44 -2.98 3.71
CA GLY A 85 21.62 -2.15 3.95
C GLY A 85 22.54 -2.75 5.00
N ALA A 86 22.01 -2.94 6.21
CA ALA A 86 22.79 -3.50 7.30
C ALA A 86 22.10 -4.69 7.93
N SER A 87 22.67 -5.88 7.73
CA SER A 87 22.10 -7.11 8.27
C SER A 87 23.20 -8.06 8.73
#